data_7V67
#
_entry.id   7V67
#
_cell.length_a   265.204
_cell.length_b   62.183
_cell.length_c   111.815
_cell.angle_alpha   90.000
_cell.angle_beta   109.920
_cell.angle_gamma   90.000
#
_symmetry.space_group_name_H-M   'C 1 2 1'
#
loop_
_entity.id
_entity.type
_entity.pdbx_description
1 polymer 'Enolase 1'
2 non-polymer 'SULFATE ION'
3 water water
#
_entity_poly.entity_id   1
_entity_poly.type   'polypeptide(L)'
_entity_poly.pdbx_seq_one_letter_code
;MSYATKIHARYVYDSRGNPTVEVDFTTDKGLFRSIVPSGASTGVHEALELRDGDKSKWLGKGVLKAVANVNDIIAPALIK
AKIDVVDQAKIDEFLLSLDGTPNKSKLGANAILGVSLAAANAAAAAQGIPLYKHIANISNAKKGKFVLPVPFQNVLNGGS
HAGGALAFQEFMIAPTGVSTFSEALRIGSEVYHNLKSLTKKKYGQSAGNVGDEGGVAPDIKTPKEALDLIMDAIDKAGYK
GKVGIAMDVASSEFYKDGKYDLDFKNPESDPSKWLSGPQLADLYEQLISEYPIVSIEDPFAEDDWDAWVHFFERVGDKIQ
IVGDDLTVTNPTRIKTAIEKKAANALLLKVNQIGTLTESIQAANDSYAAGWGVMVSHRSGETEDTFIADLSVGLRSGQIK
TGAPARSERLAKLNQILRIEEELGSEAIYAGKDFQKASQLHHHHHH
;
_entity_poly.pdbx_strand_id   A,B,C,D
#
# COMPACT_ATOMS: atom_id res chain seq x y z
N SER A 2 57.19 3.07 16.07
CA SER A 2 56.57 1.84 15.60
C SER A 2 55.89 2.06 14.25
N TYR A 3 55.62 0.97 13.53
CA TYR A 3 55.04 1.06 12.19
C TYR A 3 53.91 0.04 12.05
N ALA A 4 53.06 0.26 11.04
CA ALA A 4 51.90 -0.61 10.82
C ALA A 4 52.34 -2.04 10.56
N THR A 5 51.74 -2.98 11.28
CA THR A 5 51.90 -4.40 10.99
C THR A 5 50.75 -4.96 10.17
N LYS A 6 49.57 -4.35 10.28
CA LYS A 6 48.38 -4.81 9.56
C LYS A 6 47.42 -3.62 9.46
N ILE A 7 46.78 -3.49 8.31
CA ILE A 7 45.80 -2.41 8.09
C ILE A 7 44.61 -3.02 7.38
N HIS A 8 43.42 -2.88 7.97
CA HIS A 8 42.23 -3.55 7.46
C HIS A 8 41.02 -2.62 7.58
N ALA A 9 40.25 -2.52 6.50
CA ALA A 9 39.05 -1.69 6.51
C ALA A 9 37.80 -2.53 6.34
N ARG A 10 36.71 -2.00 6.86
CA ARG A 10 35.38 -2.58 6.74
C ARG A 10 34.40 -1.42 6.61
N TYR A 11 33.16 -1.69 6.21
CA TYR A 11 32.15 -0.66 6.36
C TYR A 11 31.39 -0.88 7.65
N VAL A 12 30.95 0.23 8.25
CA VAL A 12 30.04 0.23 9.38
C VAL A 12 28.93 1.24 9.07
N TYR A 13 27.92 1.32 9.94
CA TYR A 13 26.81 2.24 9.72
C TYR A 13 26.94 3.51 10.55
N ASP A 14 26.77 4.67 9.91
CA ASP A 14 26.83 5.95 10.59
C ASP A 14 25.48 6.29 11.20
N SER A 15 25.42 7.44 11.88
CA SER A 15 24.26 7.76 12.69
C SER A 15 23.01 8.00 11.88
N ARG A 16 23.10 8.11 10.56
CA ARG A 16 21.92 8.18 9.72
C ARG A 16 21.54 6.85 9.10
N GLY A 17 22.25 5.77 9.46
CA GLY A 17 21.99 4.48 8.84
C GLY A 17 22.62 4.27 7.48
N ASN A 18 23.62 5.08 7.12
CA ASN A 18 24.30 4.86 5.86
C ASN A 18 25.71 4.33 6.10
N PRO A 19 26.23 3.47 5.22
CA PRO A 19 27.57 2.91 5.42
C PRO A 19 28.65 3.98 5.37
N THR A 20 29.72 3.76 6.13
CA THR A 20 30.92 4.58 6.02
C THR A 20 32.12 3.68 6.31
N VAL A 21 33.31 4.24 6.23
CA VAL A 21 34.55 3.45 6.28
C VAL A 21 35.14 3.47 7.67
N GLU A 22 35.56 2.30 8.15
CA GLU A 22 36.26 2.15 9.41
C GLU A 22 37.58 1.45 9.14
N VAL A 23 38.66 1.91 9.76
CA VAL A 23 39.99 1.35 9.52
C VAL A 23 40.54 0.76 10.82
N ASP A 24 41.03 -0.48 10.73
CA ASP A 24 41.75 -1.17 11.80
C ASP A 24 43.24 -1.07 11.49
N PHE A 25 43.98 -0.31 12.32
CA PHE A 25 45.41 -0.03 12.13
C PHE A 25 46.17 -0.70 13.26
N THR A 26 46.86 -1.81 12.97
CA THR A 26 47.59 -2.55 14.00
C THR A 26 49.09 -2.25 13.94
N THR A 27 49.70 -2.07 15.11
CA THR A 27 51.14 -1.95 15.29
C THR A 27 51.56 -2.89 16.42
N ASP A 28 52.84 -2.82 16.80
CA ASP A 28 53.33 -3.57 17.95
C ASP A 28 52.61 -3.17 19.25
N LYS A 29 52.00 -1.99 19.29
CA LYS A 29 51.28 -1.53 20.47
C LYS A 29 49.80 -1.91 20.46
N GLY A 30 49.31 -2.55 19.39
CA GLY A 30 47.93 -2.99 19.39
C GLY A 30 47.13 -2.48 18.22
N LEU A 31 45.81 -2.55 18.33
CA LEU A 31 44.90 -2.23 17.22
C LEU A 31 44.24 -0.89 17.50
N PHE A 32 44.28 -0.01 16.50
CA PHE A 32 43.74 1.34 16.63
C PHE A 32 42.70 1.56 15.55
N ARG A 33 41.53 2.02 15.96
CA ARG A 33 40.35 2.04 15.11
C ARG A 33 39.94 3.48 14.88
N SER A 34 39.71 3.83 13.62
CA SER A 34 39.15 5.13 13.30
C SER A 34 37.97 4.94 12.35
N ILE A 35 36.97 5.83 12.44
CA ILE A 35 35.81 5.78 11.56
C ILE A 35 35.64 7.13 10.88
N VAL A 36 35.35 7.09 9.58
CA VAL A 36 35.22 8.27 8.74
C VAL A 36 33.78 8.79 8.82
N PRO A 37 33.58 10.07 9.15
CA PRO A 37 32.24 10.65 9.16
C PRO A 37 31.82 11.04 7.74
N SER A 38 30.54 11.45 7.61
CA SER A 38 30.01 11.83 6.32
C SER A 38 28.99 12.96 6.46
N GLY A 39 29.13 14.00 5.63
CA GLY A 39 28.18 15.12 5.67
C GLY A 39 26.93 14.79 4.87
N ALA A 40 25.78 15.24 5.36
CA ALA A 40 24.55 15.07 4.58
C ALA A 40 24.48 16.05 3.43
N SER A 41 25.03 17.26 3.62
CA SER A 41 25.10 18.31 2.61
C SER A 41 26.55 18.76 2.50
N THR A 42 27.26 18.25 1.51
CA THR A 42 28.69 18.53 1.36
C THR A 42 28.90 19.76 0.48
N GLY A 43 29.89 20.58 0.83
CA GLY A 43 30.28 21.67 -0.05
C GLY A 43 30.85 21.16 -1.36
N VAL A 44 30.63 21.95 -2.43
CA VAL A 44 31.09 21.53 -3.75
C VAL A 44 32.62 21.43 -3.82
N HIS A 45 33.37 22.06 -2.91
CA HIS A 45 34.83 22.01 -2.99
C HIS A 45 35.46 20.99 -2.05
N GLU A 46 34.65 20.20 -1.35
CA GLU A 46 35.17 19.15 -0.47
C GLU A 46 35.91 18.07 -1.27
N ALA A 47 36.91 17.48 -0.64
CA ALA A 47 37.53 16.31 -1.22
C ALA A 47 36.48 15.22 -1.44
N LEU A 48 36.74 14.35 -2.41
CA LEU A 48 35.73 13.40 -2.85
C LEU A 48 35.48 12.32 -1.82
N GLU A 49 34.22 12.17 -1.44
CA GLU A 49 33.75 10.99 -0.74
C GLU A 49 33.29 9.94 -1.76
N LEU A 50 33.97 8.80 -1.78
CA LEU A 50 33.73 7.78 -2.79
C LEU A 50 32.58 6.87 -2.36
N ARG A 51 31.49 6.88 -3.12
CA ARG A 51 30.37 5.97 -2.91
C ARG A 51 30.25 5.05 -4.11
N ASP A 52 29.66 3.87 -3.89
CA ASP A 52 29.60 2.87 -4.95
C ASP A 52 28.58 3.22 -6.02
N GLY A 53 27.47 3.87 -5.66
CA GLY A 53 26.42 4.15 -6.62
C GLY A 53 25.65 2.94 -7.13
N ASP A 54 25.73 1.80 -6.44
CA ASP A 54 24.92 0.64 -6.81
C ASP A 54 23.53 0.79 -6.19
N LYS A 55 22.53 1.13 -7.01
CA LYS A 55 21.21 1.45 -6.49
C LYS A 55 20.49 0.24 -5.91
N SER A 56 20.96 -0.97 -6.17
CA SER A 56 20.38 -2.15 -5.53
C SER A 56 20.91 -2.39 -4.12
N LYS A 57 21.84 -1.58 -3.62
CA LYS A 57 22.43 -1.79 -2.31
C LYS A 57 22.60 -0.45 -1.61
N TRP A 58 21.98 -0.31 -0.42
CA TRP A 58 22.09 0.91 0.39
C TRP A 58 21.68 2.14 -0.41
N LEU A 59 20.79 1.94 -1.38
CA LEU A 59 20.28 3.04 -2.21
C LEU A 59 21.41 3.83 -2.87
N GLY A 60 22.45 3.13 -3.30
CA GLY A 60 23.60 3.71 -3.96
C GLY A 60 24.67 4.27 -3.03
N LYS A 61 24.53 4.14 -1.72
CA LYS A 61 25.45 4.76 -0.77
C LYS A 61 26.46 3.76 -0.18
N GLY A 62 26.64 2.60 -0.79
CA GLY A 62 27.67 1.69 -0.30
C GLY A 62 29.06 2.32 -0.37
N VAL A 63 29.98 1.81 0.46
CA VAL A 63 31.38 2.26 0.41
C VAL A 63 32.32 1.09 0.16
N LEU A 64 31.83 0.05 -0.51
CA LEU A 64 32.66 -1.13 -0.76
C LEU A 64 33.92 -0.79 -1.57
N LYS A 65 33.79 0.13 -2.53
CA LYS A 65 34.95 0.52 -3.34
C LYS A 65 36.03 1.18 -2.48
N ALA A 66 35.62 2.13 -1.64
CA ALA A 66 36.59 2.80 -0.76
C ALA A 66 37.20 1.84 0.25
N VAL A 67 36.41 0.88 0.74
CA VAL A 67 36.95 -0.14 1.65
C VAL A 67 37.96 -1.01 0.91
N ALA A 68 37.64 -1.42 -0.32
CA ALA A 68 38.59 -2.19 -1.11
C ALA A 68 39.82 -1.36 -1.49
N ASN A 69 39.65 -0.04 -1.68
CA ASN A 69 40.80 0.82 -1.93
C ASN A 69 41.77 0.82 -0.76
N VAL A 70 41.25 0.79 0.48
CA VAL A 70 42.11 0.64 1.65
C VAL A 70 42.77 -0.74 1.66
N ASN A 71 41.96 -1.80 1.54
CA ASN A 71 42.47 -3.15 1.75
C ASN A 71 43.42 -3.59 0.64
N ASP A 72 43.17 -3.18 -0.61
CA ASP A 72 43.90 -3.72 -1.76
C ASP A 72 44.96 -2.79 -2.32
N ILE A 73 44.89 -1.49 -2.06
CA ILE A 73 45.86 -0.51 -2.57
C ILE A 73 46.67 0.11 -1.44
N ILE A 74 45.99 0.75 -0.48
CA ILE A 74 46.69 1.56 0.51
C ILE A 74 47.42 0.66 1.50
N ALA A 75 46.73 -0.34 2.05
CA ALA A 75 47.30 -1.16 3.11
C ALA A 75 48.58 -1.87 2.69
N PRO A 76 48.64 -2.63 1.58
CA PRO A 76 49.93 -3.27 1.23
C PRO A 76 51.04 -2.27 0.96
N ALA A 77 50.72 -1.13 0.34
CA ALA A 77 51.75 -0.13 0.03
C ALA A 77 52.31 0.50 1.31
N LEU A 78 51.44 0.97 2.21
CA LEU A 78 51.90 1.60 3.44
C LEU A 78 52.66 0.62 4.33
N ILE A 79 52.17 -0.62 4.44
CA ILE A 79 52.85 -1.62 5.25
C ILE A 79 54.27 -1.84 4.72
N LYS A 80 54.41 -1.95 3.39
CA LYS A 80 55.73 -2.06 2.76
C LYS A 80 56.64 -0.90 3.14
N ALA A 81 56.10 0.32 3.23
CA ALA A 81 56.94 1.49 3.43
C ALA A 81 57.45 1.62 4.86
N LYS A 82 56.80 0.96 5.83
CA LYS A 82 57.26 0.90 7.22
C LYS A 82 57.58 2.30 7.74
N ILE A 83 56.56 3.16 7.69
CA ILE A 83 56.71 4.55 8.10
C ILE A 83 56.44 4.64 9.61
N ASP A 84 57.30 5.35 10.32
CA ASP A 84 57.10 5.62 11.74
C ASP A 84 55.83 6.43 11.94
N VAL A 85 54.89 5.88 12.72
CA VAL A 85 53.57 6.49 12.83
C VAL A 85 53.60 7.84 13.54
N VAL A 86 54.63 8.10 14.35
CA VAL A 86 54.74 9.41 15.00
C VAL A 86 54.97 10.51 13.97
N ASP A 87 55.60 10.17 12.84
CA ASP A 87 55.83 11.09 11.73
C ASP A 87 54.56 11.21 10.90
N GLN A 88 53.57 11.91 11.48
CA GLN A 88 52.26 12.02 10.85
C GLN A 88 52.36 12.61 9.44
N ALA A 89 53.25 13.59 9.25
CA ALA A 89 53.38 14.21 7.92
C ALA A 89 53.92 13.22 6.89
N LYS A 90 54.84 12.35 7.28
CA LYS A 90 55.34 11.36 6.35
C LYS A 90 54.26 10.34 6.01
N ILE A 91 53.45 9.95 7.00
CA ILE A 91 52.31 9.06 6.75
C ILE A 91 51.40 9.68 5.72
N ASP A 92 51.04 10.95 5.92
CA ASP A 92 50.05 11.59 5.06
C ASP A 92 50.62 11.90 3.70
N GLU A 93 51.89 12.31 3.64
CA GLU A 93 52.55 12.49 2.34
C GLU A 93 52.50 11.21 1.51
N PHE A 94 52.77 10.06 2.14
CA PHE A 94 52.68 8.78 1.44
C PHE A 94 51.26 8.52 0.93
N LEU A 95 50.26 8.70 1.80
CA LEU A 95 48.88 8.51 1.39
C LEU A 95 48.54 9.39 0.19
N LEU A 96 48.97 10.65 0.23
CA LEU A 96 48.66 11.60 -0.84
C LEU A 96 49.34 11.22 -2.14
N SER A 97 50.56 10.65 -2.07
CA SER A 97 51.25 10.20 -3.26
C SER A 97 50.54 9.03 -3.93
N LEU A 98 49.90 8.16 -3.15
CA LEU A 98 49.19 7.03 -3.74
C LEU A 98 48.00 7.47 -4.58
N ASP A 99 47.35 8.56 -4.21
CA ASP A 99 46.16 9.02 -4.92
C ASP A 99 46.54 9.96 -6.07
N GLY A 100 47.40 10.93 -5.79
CA GLY A 100 47.99 11.77 -6.82
C GLY A 100 47.09 12.81 -7.45
N THR A 101 45.89 13.04 -6.89
CA THR A 101 44.95 14.02 -7.42
C THR A 101 44.69 15.11 -6.38
N PRO A 102 44.23 16.29 -6.80
CA PRO A 102 44.06 17.40 -5.84
C PRO A 102 42.87 17.23 -4.91
N ASN A 103 41.82 16.54 -5.35
CA ASN A 103 40.64 16.33 -4.53
C ASN A 103 40.49 14.89 -4.03
N LYS A 104 41.55 14.08 -4.13
CA LYS A 104 41.55 12.69 -3.66
C LYS A 104 40.46 11.85 -4.34
N SER A 105 40.23 12.10 -5.63
CA SER A 105 39.18 11.43 -6.38
C SER A 105 39.61 10.12 -7.01
N LYS A 106 40.87 9.73 -6.87
CA LYS A 106 41.25 8.41 -7.35
C LYS A 106 40.91 7.35 -6.31
N LEU A 107 41.35 7.54 -5.06
CA LEU A 107 41.09 6.59 -3.99
C LEU A 107 39.91 6.96 -3.12
N GLY A 108 39.58 8.24 -3.03
CA GLY A 108 38.54 8.69 -2.13
C GLY A 108 39.09 9.20 -0.82
N ALA A 109 38.67 10.41 -0.44
CA ALA A 109 39.05 10.95 0.86
C ALA A 109 38.59 10.03 2.00
N ASN A 110 37.52 9.28 1.78
CA ASN A 110 37.07 8.39 2.83
C ASN A 110 37.82 7.06 2.87
N ALA A 111 38.70 6.79 1.91
CA ALA A 111 39.65 5.70 2.09
C ALA A 111 40.94 6.20 2.76
N ILE A 112 41.35 7.43 2.42
CA ILE A 112 42.60 7.99 2.92
C ILE A 112 42.46 8.39 4.40
N LEU A 113 41.37 9.07 4.75
CA LEU A 113 41.27 9.70 6.06
C LEU A 113 41.32 8.67 7.19
N GLY A 114 40.60 7.57 7.04
CA GLY A 114 40.59 6.55 8.09
C GLY A 114 41.98 6.05 8.46
N VAL A 115 42.85 5.88 7.45
CA VAL A 115 44.22 5.47 7.71
C VAL A 115 44.99 6.60 8.38
N SER A 116 44.80 7.83 7.89
CA SER A 116 45.46 8.99 8.50
C SER A 116 45.15 9.10 9.98
N LEU A 117 43.87 8.97 10.35
CA LEU A 117 43.48 9.17 11.74
C LEU A 117 43.94 8.02 12.63
N ALA A 118 43.80 6.79 12.15
CA ALA A 118 44.23 5.63 12.93
C ALA A 118 45.72 5.67 13.22
N ALA A 119 46.50 6.13 12.24
CA ALA A 119 47.95 6.29 12.45
C ALA A 119 48.25 7.18 13.64
N ALA A 120 47.50 8.29 13.79
CA ALA A 120 47.75 9.22 14.89
C ALA A 120 47.42 8.60 16.25
N ASN A 121 46.36 7.77 16.31
CA ASN A 121 46.05 7.03 17.53
C ASN A 121 47.17 6.04 17.88
N ALA A 122 47.66 5.31 16.87
CA ALA A 122 48.81 4.43 17.08
C ALA A 122 50.04 5.22 17.52
N ALA A 123 50.19 6.44 17.02
CA ALA A 123 51.36 7.26 17.38
C ALA A 123 51.33 7.67 18.85
N ALA A 124 50.15 8.04 19.35
CA ALA A 124 50.00 8.38 20.76
C ALA A 124 50.33 7.18 21.65
N ALA A 125 49.84 6.00 21.29
CA ALA A 125 50.16 4.81 22.07
C ALA A 125 51.65 4.51 22.05
N ALA A 126 52.28 4.63 20.87
CA ALA A 126 53.72 4.38 20.76
C ALA A 126 54.52 5.29 21.67
N GLN A 127 54.07 6.52 21.87
CA GLN A 127 54.75 7.47 22.75
C GLN A 127 54.27 7.42 24.19
N GLY A 128 53.27 6.60 24.52
CA GLY A 128 52.77 6.56 25.88
C GLY A 128 52.07 7.83 26.32
N ILE A 129 51.46 8.55 25.39
CA ILE A 129 50.79 9.81 25.73
C ILE A 129 49.38 9.77 25.16
N PRO A 130 48.47 10.56 25.72
CA PRO A 130 47.12 10.65 25.16
C PRO A 130 47.14 11.30 23.78
N LEU A 131 46.10 10.99 23.00
CA LEU A 131 45.98 11.53 21.64
C LEU A 131 46.06 13.05 21.62
N TYR A 132 45.32 13.74 22.49
CA TYR A 132 45.33 15.21 22.47
C TYR A 132 46.73 15.78 22.68
N LYS A 133 47.58 15.10 23.46
CA LYS A 133 48.96 15.56 23.65
C LYS A 133 49.78 15.37 22.38
N HIS A 134 49.63 14.21 21.73
CA HIS A 134 50.32 14.01 20.45
C HIS A 134 49.87 15.05 19.44
N ILE A 135 48.58 15.39 19.44
CA ILE A 135 48.09 16.38 18.49
C ILE A 135 48.66 17.75 18.81
N ALA A 136 48.73 18.12 20.10
CA ALA A 136 49.40 19.36 20.48
C ALA A 136 50.83 19.40 19.97
N ASN A 137 51.54 18.27 20.07
CA ASN A 137 52.92 18.21 19.61
C ASN A 137 53.01 18.40 18.10
N ILE A 138 52.26 17.61 17.32
CA ILE A 138 52.49 17.67 15.87
C ILE A 138 51.91 18.94 15.27
N SER A 139 51.02 19.62 15.97
CA SER A 139 50.46 20.89 15.52
C SER A 139 51.25 22.10 16.01
N ASN A 140 52.26 21.87 16.86
CA ASN A 140 53.08 22.91 17.46
C ASN A 140 52.20 23.94 18.21
N ALA A 141 51.24 23.43 18.98
CA ALA A 141 50.41 24.31 19.79
C ALA A 141 51.24 25.00 20.88
N LYS A 142 50.85 26.21 21.23
CA LYS A 142 51.56 26.94 22.27
C LYS A 142 51.60 26.13 23.56
N LYS A 143 52.73 26.19 24.26
CA LYS A 143 52.89 25.44 25.50
C LYS A 143 52.23 26.18 26.66
N GLY A 144 51.75 25.42 27.64
CA GLY A 144 51.07 25.99 28.78
C GLY A 144 49.92 25.10 29.21
N LYS A 145 48.89 25.68 29.84
CA LYS A 145 47.71 24.89 30.17
C LYS A 145 47.07 24.39 28.88
N PHE A 146 46.53 23.17 28.91
CA PHE A 146 45.64 22.75 27.83
C PHE A 146 44.34 23.54 27.91
N VAL A 147 43.73 23.78 26.76
CA VAL A 147 42.48 24.52 26.70
C VAL A 147 41.35 23.57 26.31
N LEU A 148 40.32 23.49 27.15
CA LEU A 148 39.10 22.74 26.88
C LEU A 148 38.12 23.63 26.12
N PRO A 149 37.44 23.06 25.13
CA PRO A 149 36.62 23.87 24.22
C PRO A 149 35.23 24.18 24.76
N VAL A 150 34.75 25.36 24.40
CA VAL A 150 33.33 25.67 24.56
C VAL A 150 32.54 24.70 23.69
N PRO A 151 31.59 23.93 24.23
CA PRO A 151 30.76 23.07 23.39
C PRO A 151 29.59 23.84 22.77
N PHE A 152 29.69 24.08 21.46
CA PHE A 152 28.64 24.72 20.68
C PHE A 152 27.60 23.66 20.32
N GLN A 153 26.47 23.66 21.02
CA GLN A 153 25.52 22.56 20.96
C GLN A 153 24.31 22.94 20.13
N ASN A 154 24.06 22.17 19.06
CA ASN A 154 23.03 22.42 18.06
C ASN A 154 21.69 21.89 18.55
N VAL A 155 21.02 22.70 19.39
CA VAL A 155 19.83 22.26 20.11
C VAL A 155 18.53 22.43 19.34
N LEU A 156 18.54 23.16 18.21
CA LEU A 156 17.37 23.30 17.37
C LEU A 156 17.82 23.16 15.91
N ASN A 157 17.36 22.10 15.24
CA ASN A 157 17.83 21.74 13.92
C ASN A 157 16.85 22.27 12.87
N GLY A 158 17.39 22.66 11.72
CA GLY A 158 16.56 23.10 10.60
C GLY A 158 17.23 22.78 9.28
N GLY A 159 16.83 23.46 8.21
CA GLY A 159 17.46 23.23 6.91
C GLY A 159 17.35 21.78 6.46
N SER A 160 18.45 21.29 5.88
CA SER A 160 18.55 19.92 5.40
C SER A 160 18.69 18.88 6.51
N HIS A 161 18.83 19.30 7.78
CA HIS A 161 18.97 18.34 8.88
C HIS A 161 17.64 17.98 9.55
N ALA A 162 16.52 18.60 9.15
CA ALA A 162 15.26 18.38 9.84
C ALA A 162 14.11 18.73 8.91
N GLY A 163 13.11 17.86 8.85
CA GLY A 163 11.88 18.19 8.14
C GLY A 163 11.17 19.36 8.79
N GLY A 164 10.56 20.20 7.97
CA GLY A 164 9.91 21.41 8.41
C GLY A 164 10.37 22.60 7.59
N ALA A 165 9.76 23.75 7.88
CA ALA A 165 9.96 24.93 7.03
C ALA A 165 11.23 25.72 7.33
N LEU A 166 11.91 25.46 8.44
CA LEU A 166 12.97 26.34 8.92
C LEU A 166 14.20 26.29 8.02
N ALA A 167 14.57 27.44 7.43
CA ALA A 167 15.64 27.47 6.43
C ALA A 167 17.03 27.30 7.05
N PHE A 168 17.32 28.01 8.15
CA PHE A 168 18.66 27.93 8.74
C PHE A 168 18.91 26.55 9.34
N GLN A 169 20.12 26.05 9.15
CA GLN A 169 20.40 24.64 9.44
C GLN A 169 20.58 24.36 10.93
N GLU A 170 21.29 25.23 11.66
CA GLU A 170 21.63 24.91 13.05
C GLU A 170 21.55 26.14 13.93
N PHE A 171 20.83 26.02 15.05
CA PHE A 171 20.85 27.03 16.11
C PHE A 171 21.49 26.41 17.34
N MET A 172 22.60 26.98 17.77
CA MET A 172 23.41 26.40 18.83
C MET A 172 23.40 27.28 20.07
N ILE A 173 23.57 26.66 21.22
CA ILE A 173 23.89 27.40 22.43
C ILE A 173 25.37 27.23 22.71
N ALA A 174 25.96 28.22 23.37
CA ALA A 174 27.39 28.24 23.67
C ALA A 174 27.55 28.74 25.10
N PRO A 175 27.68 27.84 26.07
CA PRO A 175 27.68 28.23 27.50
C PRO A 175 29.06 28.74 27.91
N THR A 176 29.29 30.00 27.56
CA THR A 176 30.56 30.67 27.78
C THR A 176 30.70 31.25 29.17
N GLY A 177 29.59 31.49 29.87
CA GLY A 177 29.64 32.22 31.11
C GLY A 177 29.77 31.35 32.34
N VAL A 178 30.51 30.24 32.23
CA VAL A 178 30.84 29.41 33.38
C VAL A 178 32.34 29.14 33.35
N SER A 179 32.84 28.56 34.44
CA SER A 179 34.28 28.46 34.60
C SER A 179 34.86 27.12 34.22
N THR A 180 34.05 26.06 34.09
CA THR A 180 34.59 24.75 33.75
C THR A 180 33.82 24.13 32.60
N PHE A 181 34.49 23.21 31.90
CA PHE A 181 33.83 22.47 30.83
C PHE A 181 32.67 21.63 31.39
N SER A 182 32.87 20.99 32.55
CA SER A 182 31.81 20.19 33.16
C SER A 182 30.55 21.02 33.40
N GLU A 183 30.70 22.22 33.95
CA GLU A 183 29.54 23.10 34.14
C GLU A 183 28.91 23.48 32.82
N ALA A 184 29.73 23.75 31.81
CA ALA A 184 29.21 24.10 30.49
C ALA A 184 28.33 23.00 29.93
N LEU A 185 28.78 21.75 30.06
CA LEU A 185 27.99 20.62 29.61
C LEU A 185 26.71 20.44 30.43
N ARG A 186 26.80 20.59 31.75
CA ARG A 186 25.61 20.43 32.58
C ARG A 186 24.58 21.48 32.21
N ILE A 187 25.02 22.74 32.11
CA ILE A 187 24.12 23.83 31.72
C ILE A 187 23.53 23.56 30.35
N GLY A 188 24.38 23.13 29.40
CA GLY A 188 23.89 22.82 28.07
C GLY A 188 22.79 21.78 28.07
N SER A 189 22.95 20.71 28.87
CA SER A 189 21.93 19.67 28.94
C SER A 189 20.64 20.19 29.57
N GLU A 190 20.77 21.01 30.62
CA GLU A 190 19.60 21.56 31.27
C GLU A 190 18.85 22.53 30.36
N VAL A 191 19.57 23.35 29.60
CA VAL A 191 18.90 24.24 28.67
C VAL A 191 18.18 23.43 27.59
N TYR A 192 18.83 22.36 27.12
CA TYR A 192 18.26 21.52 26.07
C TYR A 192 16.97 20.84 26.54
N HIS A 193 17.00 20.26 27.75
CA HIS A 193 15.81 19.63 28.28
C HIS A 193 14.69 20.64 28.47
N ASN A 194 15.02 21.85 28.91
CA ASN A 194 14.00 22.88 29.03
C ASN A 194 13.47 23.26 27.66
N LEU A 195 14.35 23.32 26.66
CA LEU A 195 13.95 23.64 25.30
C LEU A 195 12.99 22.58 24.75
N LYS A 196 13.28 21.30 25.02
CA LYS A 196 12.42 20.24 24.52
C LYS A 196 11.02 20.36 25.13
N SER A 197 10.96 20.55 26.45
CA SER A 197 9.67 20.78 27.11
C SER A 197 8.93 21.98 26.51
N LEU A 198 9.60 23.13 26.40
CA LEU A 198 8.95 24.31 25.86
C LEU A 198 8.49 24.09 24.43
N THR A 199 9.29 23.37 23.64
CA THR A 199 8.97 23.12 22.24
C THR A 199 7.73 22.24 22.09
N LYS A 200 7.63 21.17 22.88
CA LYS A 200 6.46 20.30 22.80
C LYS A 200 5.20 21.03 23.22
N LYS A 201 5.32 21.93 24.21
CA LYS A 201 4.12 22.61 24.72
C LYS A 201 3.69 23.74 23.80
N LYS A 202 4.57 24.21 22.93
CA LYS A 202 4.21 25.28 22.00
C LYS A 202 3.90 24.75 20.60
N TYR A 203 4.56 23.68 20.16
CA TYR A 203 4.41 23.22 18.79
C TYR A 203 3.88 21.80 18.64
N GLY A 204 3.62 21.09 19.74
CA GLY A 204 3.14 19.72 19.67
C GLY A 204 4.22 18.71 20.00
N GLN A 205 3.78 17.51 20.37
CA GLN A 205 4.72 16.47 20.79
C GLN A 205 5.70 16.09 19.68
N SER A 206 5.26 16.11 18.42
CA SER A 206 6.15 15.71 17.33
C SER A 206 7.29 16.69 17.15
N ALA A 207 7.09 17.96 17.51
CA ALA A 207 8.14 18.95 17.38
C ALA A 207 9.31 18.66 18.32
N GLY A 208 9.08 17.85 19.35
CA GLY A 208 10.16 17.40 20.21
C GLY A 208 11.01 16.28 19.65
N ASN A 209 10.58 15.62 18.58
CA ASN A 209 11.47 14.70 17.89
C ASN A 209 12.66 15.46 17.33
N VAL A 210 13.73 14.75 16.98
CA VAL A 210 14.99 15.44 16.74
C VAL A 210 15.42 15.31 15.29
N GLY A 211 16.24 16.27 14.85
CA GLY A 211 16.93 16.19 13.58
C GLY A 211 18.20 15.36 13.67
N ASP A 212 18.93 15.34 12.56
CA ASP A 212 20.12 14.51 12.43
C ASP A 212 21.12 14.71 13.56
N GLU A 213 21.24 15.93 14.08
CA GLU A 213 22.29 16.23 15.05
C GLU A 213 21.77 16.34 16.48
N GLY A 214 20.53 15.91 16.74
CA GLY A 214 20.00 15.84 18.09
C GLY A 214 19.16 17.02 18.53
N GLY A 215 19.10 18.09 17.73
CA GLY A 215 18.28 19.25 18.10
C GLY A 215 16.80 18.99 17.85
N VAL A 216 15.96 19.67 18.63
CA VAL A 216 14.52 19.60 18.37
C VAL A 216 14.24 20.19 16.99
N ALA A 217 13.15 19.74 16.37
CA ALA A 217 12.83 20.11 14.99
C ALA A 217 11.38 20.59 14.89
N PRO A 218 11.06 21.75 15.46
CA PRO A 218 9.72 22.31 15.26
C PRO A 218 9.56 22.84 13.84
N ASP A 219 8.32 22.78 13.35
CA ASP A 219 7.98 23.31 12.03
C ASP A 219 7.71 24.80 12.18
N ILE A 220 8.78 25.58 12.13
CA ILE A 220 8.69 27.03 12.26
C ILE A 220 9.33 27.68 11.05
N LYS A 221 8.90 28.90 10.75
CA LYS A 221 9.24 29.54 9.50
C LYS A 221 10.31 30.63 9.63
N THR A 222 10.46 31.26 10.79
CA THR A 222 11.38 32.38 10.88
C THR A 222 12.51 32.12 11.88
N PRO A 223 13.69 32.68 11.62
CA PRO A 223 14.77 32.63 12.62
C PRO A 223 14.35 33.22 13.96
N LYS A 224 13.49 34.24 13.94
CA LYS A 224 13.06 34.87 15.19
C LYS A 224 12.32 33.87 16.08
N GLU A 225 11.50 33.00 15.48
CA GLU A 225 10.76 32.03 16.27
C GLU A 225 11.71 31.08 16.98
N ALA A 226 12.75 30.63 16.29
CA ALA A 226 13.66 29.69 16.90
C ALA A 226 14.48 30.36 17.99
N LEU A 227 14.88 31.61 17.75
CA LEU A 227 15.73 32.31 18.71
C LEU A 227 14.96 32.66 19.97
N ASP A 228 13.68 33.04 19.83
CA ASP A 228 12.86 33.29 21.01
C ASP A 228 12.71 32.03 21.85
N LEU A 229 12.54 30.88 21.19
CA LEU A 229 12.42 29.62 21.89
C LEU A 229 13.66 29.32 22.72
N ILE A 230 14.83 29.50 22.11
CA ILE A 230 16.11 29.24 22.79
C ILE A 230 16.32 30.22 23.94
N MET A 231 16.00 31.51 23.73
CA MET A 231 16.11 32.49 24.81
C MET A 231 15.21 32.12 26.00
N ASP A 232 13.99 31.67 25.72
CA ASP A 232 13.09 31.22 26.77
C ASP A 232 13.67 30.00 27.50
N ALA A 233 14.21 29.04 26.76
CA ALA A 233 14.82 27.86 27.39
C ALA A 233 15.99 28.26 28.30
N ILE A 234 16.84 29.19 27.84
CA ILE A 234 17.96 29.62 28.67
C ILE A 234 17.45 30.26 29.95
N ASP A 235 16.46 31.14 29.81
CA ASP A 235 15.91 31.85 30.97
C ASP A 235 15.24 30.88 31.94
N LYS A 236 14.38 30.00 31.42
CA LYS A 236 13.63 29.11 32.32
C LYS A 236 14.53 28.09 32.98
N ALA A 237 15.65 27.72 32.33
CA ALA A 237 16.64 26.83 32.95
C ALA A 237 17.40 27.50 34.09
N GLY A 238 17.41 28.83 34.15
CA GLY A 238 18.07 29.56 35.20
C GLY A 238 19.41 30.19 34.83
N TYR A 239 19.74 30.28 33.55
CA TYR A 239 21.09 30.70 33.13
C TYR A 239 21.04 31.90 32.18
N LYS A 240 20.05 32.78 32.37
CA LYS A 240 19.98 34.02 31.60
C LYS A 240 21.30 34.79 31.70
N GLY A 241 21.82 35.18 30.54
CA GLY A 241 23.02 35.98 30.47
C GLY A 241 24.32 35.21 30.47
N LYS A 242 24.27 33.89 30.62
CA LYS A 242 25.47 33.07 30.67
C LYS A 242 25.68 32.24 29.42
N VAL A 243 24.75 32.30 28.46
CA VAL A 243 24.77 31.39 27.33
C VAL A 243 24.65 32.20 26.06
N GLY A 244 25.68 32.16 25.21
CA GLY A 244 25.58 32.78 23.89
C GLY A 244 24.86 31.88 22.91
N ILE A 245 24.52 32.46 21.76
CA ILE A 245 23.87 31.73 20.67
C ILE A 245 24.78 31.77 19.46
N ALA A 246 24.84 30.65 18.74
CA ALA A 246 25.54 30.59 17.46
C ALA A 246 24.60 29.99 16.42
N MET A 247 24.81 30.39 15.16
CA MET A 247 24.01 29.90 14.04
C MET A 247 24.93 29.33 12.99
N ASP A 248 24.51 28.23 12.38
CA ASP A 248 25.09 27.77 11.13
C ASP A 248 23.98 27.89 10.09
N VAL A 249 24.11 28.88 9.22
CA VAL A 249 23.04 29.15 8.25
C VAL A 249 23.06 28.10 7.14
N ALA A 250 24.24 27.63 6.74
CA ALA A 250 24.41 26.76 5.56
C ALA A 250 23.67 27.35 4.37
N SER A 251 24.00 28.60 4.05
CA SER A 251 23.24 29.36 3.08
C SER A 251 23.42 28.83 1.65
N SER A 252 24.50 28.08 1.36
CA SER A 252 24.64 27.46 0.05
C SER A 252 23.44 26.58 -0.29
N GLU A 253 22.80 25.99 0.73
CA GLU A 253 21.65 25.12 0.52
C GLU A 253 20.43 25.86 0.00
N PHE A 254 20.37 27.18 0.12
CA PHE A 254 19.23 27.88 -0.47
C PHE A 254 19.64 29.06 -1.35
N TYR A 255 20.88 29.03 -1.86
CA TYR A 255 21.37 30.02 -2.82
C TYR A 255 21.00 29.56 -4.23
N LYS A 256 20.18 30.35 -4.90
CA LYS A 256 19.58 29.96 -6.18
C LYS A 256 19.41 31.22 -7.00
N ASP A 257 19.88 31.18 -8.25
CA ASP A 257 19.76 32.33 -9.16
C ASP A 257 20.37 33.60 -8.54
N GLY A 258 21.42 33.43 -7.75
CA GLY A 258 22.07 34.55 -7.12
C GLY A 258 21.33 35.17 -5.96
N LYS A 259 20.25 34.53 -5.49
CA LYS A 259 19.47 35.01 -4.37
C LYS A 259 19.36 33.89 -3.34
N TYR A 260 18.71 34.21 -2.22
CA TYR A 260 18.67 33.32 -1.05
C TYR A 260 17.21 33.03 -0.70
N ASP A 261 16.81 31.75 -0.80
CA ASP A 261 15.41 31.34 -0.62
C ASP A 261 15.23 30.87 0.82
N LEU A 262 14.70 31.75 1.66
CA LEU A 262 14.45 31.38 3.05
C LEU A 262 13.27 30.41 3.21
N ASP A 263 12.59 30.02 2.12
CA ASP A 263 11.52 29.02 2.18
C ASP A 263 11.86 27.80 1.32
N PHE A 264 13.13 27.42 1.26
CA PHE A 264 13.61 26.54 0.19
C PHE A 264 13.10 25.10 0.31
N LYS A 265 12.57 24.69 1.45
CA LYS A 265 12.01 23.35 1.52
C LYS A 265 10.55 23.32 1.07
N ASN A 266 9.96 24.48 0.84
CA ASN A 266 8.64 24.62 0.22
C ASN A 266 8.81 24.52 -1.29
N PRO A 267 8.37 23.44 -1.94
CA PRO A 267 8.53 23.34 -3.40
C PRO A 267 7.82 24.44 -4.17
N GLU A 268 6.81 25.08 -3.57
CA GLU A 268 6.12 26.21 -4.17
C GLU A 268 6.61 27.55 -3.62
N SER A 269 7.84 27.59 -3.10
CA SER A 269 8.39 28.84 -2.60
C SER A 269 8.37 29.91 -3.68
N ASP A 270 7.90 31.10 -3.32
CA ASP A 270 7.72 32.17 -4.29
C ASP A 270 9.03 32.93 -4.49
N PRO A 271 9.55 33.01 -5.73
CA PRO A 271 10.85 33.66 -5.94
C PRO A 271 10.88 35.17 -5.64
N SER A 272 9.73 35.81 -5.40
CA SER A 272 9.73 37.23 -5.05
C SER A 272 10.28 37.47 -3.65
N LYS A 273 10.06 36.53 -2.73
CA LYS A 273 10.56 36.65 -1.36
C LYS A 273 12.02 36.23 -1.21
N TRP A 274 12.67 35.75 -2.28
CA TRP A 274 14.07 35.38 -2.20
C TRP A 274 14.91 36.64 -1.95
N LEU A 275 15.84 36.54 -1.01
CA LEU A 275 16.58 37.71 -0.57
C LEU A 275 17.87 37.89 -1.37
N SER A 276 18.19 39.14 -1.65
CA SER A 276 19.52 39.49 -2.14
C SER A 276 20.54 39.31 -1.03
N GLY A 277 21.82 39.33 -1.43
CA GLY A 277 22.92 39.35 -0.50
C GLY A 277 22.82 40.48 0.51
N PRO A 278 22.65 41.70 0.01
CA PRO A 278 22.42 42.83 0.93
C PRO A 278 21.20 42.67 1.83
N GLN A 279 20.08 42.14 1.33
CA GLN A 279 18.90 41.95 2.20
C GLN A 279 19.18 40.92 3.29
N LEU A 280 19.94 39.88 2.96
CA LEU A 280 20.25 38.86 3.94
C LEU A 280 21.22 39.38 4.99
N ALA A 281 22.18 40.20 4.58
CA ALA A 281 23.10 40.81 5.54
C ALA A 281 22.35 41.71 6.51
N ASP A 282 21.33 42.42 6.04
CA ASP A 282 20.55 43.30 6.94
C ASP A 282 19.77 42.49 7.96
N LEU A 283 19.23 41.33 7.55
CA LEU A 283 18.57 40.44 8.50
C LEU A 283 19.54 39.94 9.56
N TYR A 284 20.75 39.51 9.18
CA TYR A 284 21.74 39.13 10.18
C TYR A 284 22.02 40.28 11.15
N GLU A 285 22.22 41.50 10.63
CA GLU A 285 22.53 42.63 11.51
C GLU A 285 21.42 42.87 12.53
N GLN A 286 20.16 42.76 12.12
CA GLN A 286 19.05 42.89 13.06
C GLN A 286 19.09 41.79 14.11
N LEU A 287 19.27 40.55 13.67
CA LEU A 287 19.31 39.41 14.58
C LEU A 287 20.48 39.54 15.56
N ILE A 288 21.63 40.01 15.09
CA ILE A 288 22.78 40.18 15.97
C ILE A 288 22.48 41.21 17.04
N SER A 289 21.76 42.27 16.68
CA SER A 289 21.39 43.25 17.70
C SER A 289 20.34 42.69 18.66
N GLU A 290 19.37 41.91 18.15
CA GLU A 290 18.27 41.45 18.98
C GLU A 290 18.65 40.32 19.93
N TYR A 291 19.68 39.53 19.63
CA TYR A 291 19.98 38.29 20.36
C TYR A 291 21.47 38.19 20.65
N PRO A 292 21.85 37.50 21.74
CA PRO A 292 23.28 37.35 22.07
C PRO A 292 23.96 36.33 21.16
N ILE A 293 23.92 36.61 19.86
CA ILE A 293 24.58 35.76 18.87
C ILE A 293 26.08 36.08 18.87
N VAL A 294 26.91 35.06 19.08
CA VAL A 294 28.36 35.25 19.14
C VAL A 294 29.09 34.75 17.90
N SER A 295 28.42 33.97 17.05
CA SER A 295 29.06 33.34 15.90
C SER A 295 28.00 33.04 14.86
N ILE A 296 28.33 33.26 13.59
CA ILE A 296 27.48 32.86 12.47
C ILE A 296 28.35 32.13 11.45
N GLU A 297 27.89 30.96 11.02
CA GLU A 297 28.61 30.11 10.10
C GLU A 297 27.93 30.04 8.74
N ASP A 298 28.71 30.09 7.67
CA ASP A 298 28.25 30.16 6.28
C ASP A 298 27.09 31.13 6.08
N PRO A 299 27.21 32.40 6.51
CA PRO A 299 26.10 33.34 6.25
C PRO A 299 25.78 33.54 4.77
N PHE A 300 26.77 33.38 3.88
CA PHE A 300 26.57 33.51 2.44
C PHE A 300 27.18 32.30 1.75
N ALA A 301 26.89 32.16 0.44
CA ALA A 301 27.13 30.92 -0.27
C ALA A 301 28.63 30.66 -0.46
N GLU A 302 28.94 29.41 -0.84
CA GLU A 302 30.31 28.91 -0.76
C GLU A 302 31.29 29.61 -1.71
N ASP A 303 30.80 30.32 -2.73
CA ASP A 303 31.66 31.15 -3.56
C ASP A 303 31.13 32.57 -3.71
N ASP A 304 30.20 33.01 -2.86
CA ASP A 304 29.66 34.37 -2.96
C ASP A 304 30.56 35.34 -2.20
N TRP A 305 31.80 35.49 -2.71
CA TRP A 305 32.86 36.21 -2.01
C TRP A 305 32.47 37.65 -1.68
N ASP A 306 31.90 38.34 -2.67
CA ASP A 306 31.52 39.74 -2.50
C ASP A 306 30.62 39.92 -1.29
N ALA A 307 29.68 39.00 -1.07
CA ALA A 307 28.75 39.16 0.05
C ALA A 307 29.44 38.92 1.40
N TRP A 308 30.30 37.89 1.48
CA TRP A 308 31.12 37.68 2.68
C TRP A 308 31.94 38.92 3.02
N VAL A 309 32.60 39.52 2.01
CA VAL A 309 33.46 40.68 2.28
C VAL A 309 32.63 41.84 2.80
N HIS A 310 31.48 42.11 2.15
CA HIS A 310 30.60 43.18 2.61
C HIS A 310 30.15 42.95 4.06
N PHE A 311 29.70 41.73 4.35
CA PHE A 311 29.21 41.41 5.68
C PHE A 311 30.32 41.53 6.72
N PHE A 312 31.51 41.03 6.40
CA PHE A 312 32.61 41.15 7.36
C PHE A 312 32.92 42.60 7.68
N GLU A 313 32.91 43.47 6.66
CA GLU A 313 33.15 44.89 6.90
C GLU A 313 32.17 45.47 7.91
N ARG A 314 30.94 44.94 7.94
CA ARG A 314 29.91 45.48 8.81
C ARG A 314 30.02 44.95 10.23
N VAL A 315 30.24 43.64 10.41
CA VAL A 315 30.13 43.05 11.75
C VAL A 315 31.32 42.16 12.13
N GLY A 316 32.36 42.12 11.29
CA GLY A 316 33.51 41.28 11.60
C GLY A 316 34.14 41.60 12.95
N ASP A 317 33.96 42.84 13.43
CA ASP A 317 34.45 43.23 14.74
C ASP A 317 33.48 42.90 15.88
N LYS A 318 32.24 42.53 15.56
CA LYS A 318 31.21 42.28 16.58
C LYS A 318 30.98 40.80 16.85
N ILE A 319 31.20 39.93 15.87
CA ILE A 319 30.88 38.52 16.00
C ILE A 319 31.94 37.70 15.29
N GLN A 320 31.99 36.42 15.64
CA GLN A 320 32.77 35.46 14.88
C GLN A 320 32.00 35.11 13.61
N ILE A 321 32.70 35.11 12.47
CA ILE A 321 32.13 34.74 11.17
C ILE A 321 32.95 33.56 10.69
N VAL A 322 32.29 32.40 10.54
CA VAL A 322 32.96 31.11 10.37
C VAL A 322 32.77 30.63 8.92
N GLY A 323 33.88 30.31 8.26
CA GLY A 323 33.79 29.62 6.97
C GLY A 323 33.64 28.12 7.15
N ASP A 324 32.67 27.53 6.43
CA ASP A 324 32.57 26.08 6.39
C ASP A 324 32.65 25.62 4.94
N ASP A 325 31.53 25.70 4.21
CA ASP A 325 31.55 25.38 2.79
C ASP A 325 32.47 26.35 2.04
N LEU A 326 32.61 27.56 2.56
CA LEU A 326 33.47 28.56 1.91
C LEU A 326 34.91 28.07 1.80
N THR A 327 35.43 27.45 2.86
CA THR A 327 36.84 27.16 3.00
C THR A 327 37.18 25.68 2.91
N VAL A 328 36.20 24.79 3.18
CA VAL A 328 36.30 23.33 3.18
C VAL A 328 37.64 22.84 3.72
N THR A 329 38.03 23.39 4.88
CA THR A 329 39.25 22.99 5.60
C THR A 329 40.44 22.86 4.65
N ASN A 330 40.49 23.75 3.67
CA ASN A 330 41.47 23.70 2.59
C ASN A 330 42.37 24.94 2.62
N PRO A 331 43.66 24.78 2.92
CA PRO A 331 44.57 25.94 2.95
C PRO A 331 44.53 26.86 1.72
N THR A 332 44.28 26.36 0.50
CA THR A 332 44.23 27.28 -0.64
C THR A 332 43.02 28.21 -0.57
N ARG A 333 41.87 27.70 -0.11
CA ARG A 333 40.70 28.57 0.00
C ARG A 333 40.75 29.44 1.25
N ILE A 334 41.36 28.94 2.33
CA ILE A 334 41.57 29.77 3.52
C ILE A 334 42.47 30.97 3.20
N LYS A 335 43.51 30.75 2.39
CA LYS A 335 44.35 31.86 1.93
C LYS A 335 43.51 32.93 1.23
N THR A 336 42.65 32.50 0.30
CA THR A 336 41.77 33.47 -0.37
C THR A 336 40.89 34.21 0.62
N ALA A 337 40.32 33.48 1.59
CA ALA A 337 39.43 34.11 2.56
C ALA A 337 40.18 35.09 3.45
N ILE A 338 41.42 34.74 3.83
CA ILE A 338 42.23 35.64 4.67
C ILE A 338 42.53 36.92 3.92
N GLU A 339 43.02 36.80 2.69
CA GLU A 339 43.41 37.97 1.91
C GLU A 339 42.22 38.84 1.56
N LYS A 340 41.07 38.23 1.25
CA LYS A 340 39.88 39.01 0.94
C LYS A 340 39.22 39.61 2.18
N LYS A 341 39.60 39.16 3.38
CA LYS A 341 38.96 39.57 4.63
C LYS A 341 37.48 39.19 4.63
N ALA A 342 37.20 37.92 4.31
CA ALA A 342 35.85 37.41 4.17
C ALA A 342 35.29 36.80 5.45
N ALA A 343 36.14 36.33 6.36
CA ALA A 343 35.70 35.68 7.60
C ALA A 343 36.80 35.85 8.64
N ASN A 344 36.53 35.36 9.87
CA ASN A 344 37.58 35.37 10.88
C ASN A 344 37.64 34.06 11.65
N ALA A 345 37.10 32.96 11.11
CA ALA A 345 37.17 31.68 11.78
C ALA A 345 36.99 30.57 10.78
N LEU A 346 37.62 29.43 11.06
CA LEU A 346 37.55 28.24 10.23
C LEU A 346 36.75 27.15 10.95
N LEU A 347 35.78 26.58 10.25
CA LEU A 347 35.17 25.34 10.71
C LEU A 347 36.03 24.20 10.19
N LEU A 348 36.66 23.46 11.09
CA LEU A 348 37.61 22.40 10.75
C LEU A 348 36.90 21.06 10.72
N LYS A 349 36.72 20.52 9.51
CA LYS A 349 36.12 19.21 9.28
C LYS A 349 37.18 18.37 8.60
N VAL A 350 37.79 17.43 9.33
CA VAL A 350 38.93 16.69 8.77
C VAL A 350 38.56 16.02 7.45
N ASN A 351 37.32 15.53 7.29
CA ASN A 351 36.99 14.78 6.08
C ASN A 351 36.69 15.67 4.86
N GLN A 352 36.60 16.99 5.05
CA GLN A 352 36.54 17.89 3.89
C GLN A 352 37.86 17.97 3.14
N ILE A 353 38.99 17.70 3.80
CA ILE A 353 40.30 17.77 3.15
C ILE A 353 40.97 16.41 3.09
N GLY A 354 40.79 15.57 4.10
CA GLY A 354 41.07 14.14 3.96
C GLY A 354 42.31 13.61 4.66
N THR A 355 43.19 14.44 5.20
CA THR A 355 44.30 13.96 6.03
C THR A 355 44.41 14.84 7.27
N LEU A 356 44.94 14.26 8.34
CA LEU A 356 45.19 15.03 9.56
C LEU A 356 46.19 16.16 9.33
N THR A 357 47.31 15.88 8.63
CA THR A 357 48.33 16.91 8.39
C THR A 357 47.77 18.12 7.64
N GLU A 358 46.96 17.88 6.62
CA GLU A 358 46.40 19.02 5.90
C GLU A 358 45.39 19.77 6.77
N SER A 359 44.68 19.04 7.65
CA SER A 359 43.72 19.67 8.55
C SER A 359 44.42 20.56 9.55
N ILE A 360 45.56 20.09 10.09
CA ILE A 360 46.34 20.87 11.03
C ILE A 360 46.96 22.09 10.35
N GLN A 361 47.43 21.93 9.10
CA GLN A 361 47.88 23.10 8.33
C GLN A 361 46.77 24.12 8.16
N ALA A 362 45.55 23.66 7.89
CA ALA A 362 44.42 24.59 7.79
C ALA A 362 44.22 25.35 9.10
N ALA A 363 44.27 24.64 10.22
CA ALA A 363 44.13 25.30 11.53
C ALA A 363 45.27 26.30 11.76
N ASN A 364 46.51 25.88 11.50
CA ASN A 364 47.64 26.77 11.80
C ASN A 364 47.67 27.98 10.86
N ASP A 365 47.28 27.79 9.59
CA ASP A 365 47.12 28.95 8.71
C ASP A 365 46.09 29.94 9.24
N SER A 366 44.99 29.43 9.79
CA SER A 366 43.96 30.28 10.35
C SER A 366 44.50 31.08 11.53
N TYR A 367 45.08 30.37 12.50
CA TYR A 367 45.68 31.02 13.67
C TYR A 367 46.67 32.10 13.27
N ALA A 368 47.50 31.82 12.26
CA ALA A 368 48.52 32.77 11.86
C ALA A 368 47.90 34.08 11.38
N ALA A 369 46.66 34.04 10.90
CA ALA A 369 45.93 35.22 10.49
C ALA A 369 45.10 35.82 11.62
N GLY A 370 45.21 35.29 12.84
CA GLY A 370 44.37 35.76 13.93
C GLY A 370 42.95 35.23 13.93
N TRP A 371 42.64 34.22 13.11
CA TRP A 371 41.32 33.60 13.06
C TRP A 371 41.10 32.64 14.21
N GLY A 372 39.82 32.41 14.52
CA GLY A 372 39.45 31.30 15.36
C GLY A 372 39.32 30.01 14.55
N VAL A 373 39.22 28.91 15.28
CA VAL A 373 39.04 27.58 14.69
C VAL A 373 38.02 26.84 15.54
N MET A 374 36.96 26.33 14.91
CA MET A 374 35.98 25.47 15.55
C MET A 374 36.05 24.06 14.93
N VAL A 375 36.51 23.09 15.72
CA VAL A 375 36.54 21.70 15.26
C VAL A 375 35.12 21.16 15.23
N SER A 376 34.78 20.41 14.18
CA SER A 376 33.38 20.12 13.95
C SER A 376 33.16 18.65 13.57
N HIS A 377 32.02 18.13 14.01
CA HIS A 377 31.48 16.87 13.52
C HIS A 377 30.94 17.03 12.09
N ARG A 378 30.40 15.94 11.55
CA ARG A 378 29.51 15.94 10.39
C ARG A 378 28.14 15.49 10.83
N SER A 379 27.14 15.70 9.97
CA SER A 379 25.82 15.26 10.40
C SER A 379 25.70 13.73 10.36
N GLY A 380 26.52 13.06 9.56
CA GLY A 380 26.59 11.61 9.59
C GLY A 380 27.77 11.22 10.44
N GLU A 381 27.54 10.96 11.72
CA GLU A 381 28.62 10.70 12.66
C GLU A 381 28.57 9.25 13.12
N THR A 382 29.56 8.89 13.93
CA THR A 382 29.71 7.54 14.43
C THR A 382 30.11 7.62 15.89
N GLU A 383 30.31 6.44 16.49
CA GLU A 383 30.83 6.28 17.84
C GLU A 383 32.30 6.70 17.98
N ASP A 384 32.96 7.08 16.88
CA ASP A 384 34.34 7.58 16.92
C ASP A 384 34.42 8.91 17.68
N THR A 385 35.52 9.11 18.42
CA THR A 385 35.65 10.30 19.28
C THR A 385 36.87 11.14 18.96
N PHE A 386 37.48 10.96 17.78
CA PHE A 386 38.72 11.65 17.43
C PHE A 386 38.65 13.17 17.63
N ILE A 387 37.53 13.81 17.22
CA ILE A 387 37.52 15.28 17.20
C ILE A 387 37.52 15.87 18.60
N ALA A 388 37.18 15.09 19.62
CA ALA A 388 37.29 15.59 20.99
C ALA A 388 38.75 15.88 21.34
N ASP A 389 39.62 14.89 21.18
CA ASP A 389 41.06 15.11 21.37
C ASP A 389 41.62 16.16 20.41
N LEU A 390 41.15 16.15 19.16
CA LEU A 390 41.64 17.13 18.19
C LEU A 390 41.36 18.55 18.66
N SER A 391 40.14 18.81 19.14
CA SER A 391 39.80 20.15 19.61
C SER A 391 40.68 20.56 20.79
N VAL A 392 40.94 19.63 21.71
CA VAL A 392 41.83 19.95 22.82
C VAL A 392 43.27 20.15 22.32
N GLY A 393 43.75 19.23 21.50
CA GLY A 393 45.15 19.30 21.08
C GLY A 393 45.47 20.55 20.27
N LEU A 394 44.55 20.96 19.40
CA LEU A 394 44.72 22.18 18.61
C LEU A 394 44.53 23.45 19.42
N ARG A 395 44.09 23.34 20.68
CA ARG A 395 43.87 24.51 21.53
C ARG A 395 42.79 25.43 20.94
N SER A 396 41.79 24.87 20.26
CA SER A 396 40.84 25.72 19.54
C SER A 396 39.92 26.50 20.45
N GLY A 397 39.60 25.97 21.64
CA GLY A 397 38.61 26.62 22.49
C GLY A 397 37.18 26.46 22.04
N GLN A 398 36.89 25.74 20.95
CA GLN A 398 35.55 25.66 20.40
C GLN A 398 35.38 24.33 19.69
N ILE A 399 34.29 23.66 20.00
CA ILE A 399 33.93 22.43 19.31
C ILE A 399 32.44 22.45 19.04
N LYS A 400 32.07 21.96 17.87
CA LYS A 400 30.69 21.80 17.44
C LYS A 400 30.49 20.31 17.23
N THR A 401 29.79 19.64 18.14
CA THR A 401 29.65 18.20 17.94
C THR A 401 28.24 17.73 18.28
N GLY A 402 27.25 18.61 18.20
CA GLY A 402 25.86 18.24 18.27
C GLY A 402 25.18 18.76 19.53
N ALA A 403 23.86 18.54 19.57
CA ALA A 403 23.07 18.67 20.78
C ALA A 403 23.48 17.58 21.77
N PRO A 404 23.19 17.77 23.06
CA PRO A 404 23.40 16.72 24.05
C PRO A 404 22.34 15.61 23.97
N ALA A 405 22.15 15.04 22.79
CA ALA A 405 21.12 14.00 22.67
C ALA A 405 21.64 12.69 22.09
N ARG A 406 21.71 12.51 20.77
CA ARG A 406 22.13 11.21 20.23
C ARG A 406 23.60 10.89 20.59
N SER A 407 23.93 9.60 20.75
CA SER A 407 25.22 9.26 21.36
C SER A 407 26.40 9.44 20.42
N GLU A 408 26.18 9.51 19.10
CA GLU A 408 27.27 9.95 18.24
C GLU A 408 27.68 11.39 18.53
N ARG A 409 26.83 12.16 19.22
CA ARG A 409 27.20 13.49 19.73
C ARG A 409 27.77 13.41 21.14
N LEU A 410 27.08 12.74 22.07
CA LEU A 410 27.59 12.67 23.45
C LEU A 410 28.92 11.94 23.54
N ALA A 411 29.21 11.00 22.64
CA ALA A 411 30.48 10.28 22.71
C ALA A 411 31.66 11.25 22.73
N LYS A 412 31.63 12.27 21.88
CA LYS A 412 32.70 13.27 21.86
C LYS A 412 32.71 14.08 23.15
N LEU A 413 31.55 14.56 23.59
CA LEU A 413 31.51 15.37 24.81
C LEU A 413 31.89 14.56 26.05
N ASN A 414 31.49 13.28 26.08
CA ASN A 414 31.93 12.40 27.16
C ASN A 414 33.44 12.25 27.16
N GLN A 415 34.05 12.13 25.99
CA GLN A 415 35.50 12.03 25.91
C GLN A 415 36.19 13.29 26.42
N ILE A 416 35.58 14.47 26.21
CA ILE A 416 36.17 15.68 26.78
C ILE A 416 36.03 15.68 28.30
N LEU A 417 34.93 15.14 28.84
CA LEU A 417 34.82 14.97 30.29
C LEU A 417 35.94 14.10 30.82
N ARG A 418 36.34 13.08 30.07
CA ARG A 418 37.45 12.23 30.52
C ARG A 418 38.77 12.98 30.47
N ILE A 419 38.96 13.78 29.42
CA ILE A 419 40.18 14.58 29.29
C ILE A 419 40.26 15.61 30.41
N GLU A 420 39.14 16.31 30.65
CA GLU A 420 39.09 17.27 31.76
C GLU A 420 39.50 16.62 33.07
N GLU A 421 38.98 15.43 33.35
CA GLU A 421 39.29 14.78 34.62
C GLU A 421 40.74 14.36 34.67
N GLU A 422 41.26 13.88 33.54
CA GLU A 422 42.68 13.51 33.45
C GLU A 422 43.59 14.71 33.69
N LEU A 423 43.22 15.88 33.17
CA LEU A 423 44.14 17.01 33.19
C LEU A 423 44.09 17.78 34.50
N GLY A 424 42.92 17.86 35.14
CA GLY A 424 42.81 18.56 36.42
C GLY A 424 43.22 20.01 36.28
N SER A 425 44.11 20.44 37.18
CA SER A 425 44.57 21.83 37.14
C SER A 425 45.39 22.16 35.90
N GLU A 426 45.75 21.18 35.07
CA GLU A 426 46.54 21.44 33.88
C GLU A 426 45.69 21.90 32.69
N ALA A 427 44.37 22.01 32.87
CA ALA A 427 43.48 22.46 31.82
C ALA A 427 42.78 23.75 32.24
N ILE A 428 42.46 24.59 31.26
CA ILE A 428 41.65 25.79 31.45
C ILE A 428 40.45 25.68 30.52
N TYR A 429 39.29 26.13 30.97
CA TYR A 429 38.10 26.18 30.12
C TYR A 429 38.11 27.49 29.32
N ALA A 430 37.95 27.39 27.99
CA ALA A 430 38.12 28.55 27.14
C ALA A 430 37.11 29.64 27.49
N GLY A 431 35.89 29.25 27.80
CA GLY A 431 34.90 30.20 28.30
C GLY A 431 34.68 31.34 27.31
N LYS A 432 34.73 32.56 27.84
CA LYS A 432 34.50 33.73 27.02
C LYS A 432 35.63 34.02 26.04
N ASP A 433 36.80 33.40 26.23
CA ASP A 433 37.95 33.61 25.37
C ASP A 433 37.99 32.67 24.16
N PHE A 434 36.86 32.05 23.80
CA PHE A 434 36.89 31.00 22.78
C PHE A 434 37.45 31.48 21.46
N GLN A 435 37.22 32.74 21.08
CA GLN A 435 37.58 33.17 19.73
C GLN A 435 39.09 33.16 19.51
N LYS A 436 39.86 33.53 20.54
CA LYS A 436 41.32 33.58 20.45
C LYS A 436 41.96 32.55 21.37
N ALA A 437 41.31 31.40 21.55
CA ALA A 437 41.74 30.47 22.60
C ALA A 437 43.14 29.93 22.35
N SER A 438 43.57 29.83 21.09
CA SER A 438 44.89 29.26 20.80
C SER A 438 46.04 30.09 21.37
N GLN A 439 45.78 31.34 21.74
CA GLN A 439 46.81 32.23 22.30
C GLN A 439 46.77 32.34 23.81
N LEU A 440 45.79 31.73 24.49
CA LEU A 440 45.66 31.82 25.94
C LEU A 440 46.90 31.33 26.68
N TYR B 3 43.35 -9.24 41.09
CA TYR B 3 43.32 -8.90 39.67
C TYR B 3 43.02 -7.41 39.44
N ALA B 4 41.88 -6.94 39.94
CA ALA B 4 41.60 -5.51 39.88
C ALA B 4 42.64 -4.74 40.70
N THR B 5 43.32 -3.79 40.06
CA THR B 5 44.27 -2.95 40.75
C THR B 5 43.76 -1.52 40.95
N LYS B 6 42.79 -1.07 40.14
CA LYS B 6 42.24 0.26 40.25
C LYS B 6 40.82 0.21 39.72
N ILE B 7 39.87 0.80 40.44
CA ILE B 7 38.50 0.92 39.99
C ILE B 7 38.05 2.36 40.20
N HIS B 8 37.61 3.02 39.13
CA HIS B 8 37.24 4.43 39.18
C HIS B 8 35.98 4.65 38.35
N ALA B 9 35.03 5.40 38.91
CA ALA B 9 33.79 5.71 38.22
C ALA B 9 33.70 7.20 37.92
N ARG B 10 32.88 7.54 36.94
CA ARG B 10 32.57 8.93 36.62
C ARG B 10 31.17 8.95 36.03
N TYR B 11 30.60 10.14 35.94
CA TYR B 11 29.37 10.26 35.18
C TYR B 11 29.74 10.70 33.77
N VAL B 12 28.93 10.25 32.82
CA VAL B 12 28.93 10.70 31.44
C VAL B 12 27.47 10.89 31.05
N TYR B 13 27.21 11.29 29.80
CA TYR B 13 25.84 11.58 29.36
C TYR B 13 25.32 10.47 28.45
N ASP B 14 24.05 10.10 28.66
CA ASP B 14 23.43 9.05 27.85
C ASP B 14 22.79 9.68 26.61
N SER B 15 22.12 8.85 25.83
CA SER B 15 21.64 9.30 24.52
C SER B 15 20.49 10.28 24.61
N ARG B 16 19.99 10.58 25.81
CA ARG B 16 18.96 11.60 25.97
C ARG B 16 19.49 12.81 26.72
N GLY B 17 20.79 12.85 26.98
CA GLY B 17 21.37 13.97 27.68
C GLY B 17 21.27 13.91 29.18
N ASN B 18 21.07 12.73 29.73
CA ASN B 18 20.97 12.56 31.17
C ASN B 18 22.21 11.82 31.70
N PRO B 19 22.67 12.15 32.90
CA PRO B 19 23.88 11.48 33.44
C PRO B 19 23.65 10.00 33.66
N THR B 20 24.72 9.22 33.46
CA THR B 20 24.72 7.82 33.85
C THR B 20 26.12 7.46 34.31
N VAL B 21 26.29 6.24 34.82
CA VAL B 21 27.54 5.83 35.46
C VAL B 21 28.42 5.12 34.43
N GLU B 22 29.69 5.50 34.39
CA GLU B 22 30.73 4.80 33.65
C GLU B 22 31.82 4.37 34.62
N VAL B 23 32.34 3.15 34.44
CA VAL B 23 33.33 2.56 35.35
C VAL B 23 34.58 2.19 34.56
N ASP B 24 35.74 2.68 35.03
CA ASP B 24 37.06 2.26 34.55
C ASP B 24 37.59 1.18 35.49
N PHE B 25 37.87 0.00 34.95
CA PHE B 25 38.28 -1.19 35.71
C PHE B 25 39.66 -1.61 35.21
N THR B 26 40.68 -1.39 36.03
CA THR B 26 42.06 -1.58 35.62
C THR B 26 42.63 -2.87 36.20
N THR B 27 43.27 -3.68 35.35
CA THR B 27 44.07 -4.81 35.77
C THR B 27 45.46 -4.66 35.15
N ASP B 28 46.27 -5.72 35.28
CA ASP B 28 47.57 -5.70 34.62
C ASP B 28 47.44 -5.88 33.12
N LYS B 29 46.25 -6.29 32.63
CA LYS B 29 45.99 -6.37 31.21
C LYS B 29 45.52 -5.05 30.60
N GLY B 30 45.36 -4.00 31.40
CA GLY B 30 44.96 -2.71 30.85
C GLY B 30 43.70 -2.17 31.48
N LEU B 31 43.07 -1.18 30.84
CA LEU B 31 41.90 -0.49 31.37
C LEU B 31 40.66 -0.90 30.58
N PHE B 32 39.59 -1.23 31.31
CA PHE B 32 38.36 -1.77 30.72
C PHE B 32 37.18 -0.97 31.24
N ARG B 33 36.36 -0.49 30.30
CA ARG B 33 35.36 0.52 30.57
C ARG B 33 33.96 -0.02 30.25
N SER B 34 33.02 0.23 31.14
CA SER B 34 31.61 -0.05 30.88
C SER B 34 30.78 1.18 31.24
N ILE B 35 29.67 1.37 30.51
CA ILE B 35 28.69 2.41 30.81
C ILE B 35 27.32 1.76 31.03
N VAL B 36 26.64 2.19 32.08
CA VAL B 36 25.32 1.67 32.42
C VAL B 36 24.23 2.41 31.65
N PRO B 37 23.29 1.71 30.99
CA PRO B 37 22.15 2.41 30.40
C PRO B 37 21.18 2.92 31.47
N SER B 38 20.14 3.64 31.03
CA SER B 38 19.18 4.29 31.93
C SER B 38 18.21 3.30 32.54
N GLY B 39 17.98 3.42 33.87
CA GLY B 39 17.07 2.51 34.57
C GLY B 39 15.79 3.12 35.12
N ALA B 40 15.43 2.76 36.36
CA ALA B 40 14.24 3.30 37.02
C ALA B 40 14.57 3.86 38.42
N VAL B 44 8.67 -1.29 41.25
CA VAL B 44 8.63 -2.13 42.45
C VAL B 44 9.29 -3.48 42.19
N HIS B 45 9.48 -3.82 40.91
CA HIS B 45 9.99 -5.14 40.56
C HIS B 45 11.40 -5.14 40.00
N GLU B 46 11.97 -3.98 39.72
CA GLU B 46 13.32 -3.91 39.16
C GLU B 46 14.30 -3.41 40.21
N ALA B 47 15.58 -3.68 39.98
CA ALA B 47 16.60 -3.07 40.81
C ALA B 47 16.61 -1.57 40.56
N LEU B 48 16.90 -0.80 41.60
CA LEU B 48 16.67 0.64 41.57
C LEU B 48 17.97 1.37 41.25
N GLU B 49 17.93 2.22 40.22
CA GLU B 49 19.07 3.10 39.99
C GLU B 49 19.02 4.26 40.97
N LEU B 50 20.19 4.67 41.46
CA LEU B 50 20.30 5.78 42.39
C LEU B 50 20.46 7.09 41.62
N ARG B 51 19.51 7.99 41.77
CA ARG B 51 19.63 9.35 41.27
C ARG B 51 19.75 10.33 42.44
N ASP B 52 20.38 11.47 42.20
CA ASP B 52 20.72 12.38 43.31
C ASP B 52 19.51 13.13 43.85
N GLY B 53 18.55 13.47 43.00
CA GLY B 53 17.38 14.21 43.46
C GLY B 53 17.60 15.68 43.75
N ASP B 54 18.76 16.23 43.41
CA ASP B 54 19.04 17.65 43.57
C ASP B 54 18.41 18.38 42.41
N LYS B 55 17.24 19.01 42.65
CA LYS B 55 16.49 19.65 41.58
C LYS B 55 17.28 20.77 40.89
N SER B 56 18.34 21.27 41.52
CA SER B 56 19.11 22.35 40.91
C SER B 56 20.21 21.86 39.97
N LYS B 57 20.38 20.54 39.82
CA LYS B 57 21.42 20.00 38.94
C LYS B 57 20.85 18.84 38.12
N TRP B 58 20.97 18.95 36.79
CA TRP B 58 20.46 17.94 35.86
C TRP B 58 18.99 17.61 36.12
N LEU B 59 18.24 18.58 36.63
CA LEU B 59 16.83 18.42 36.92
C LEU B 59 16.59 17.26 37.89
N GLY B 60 17.50 17.06 38.83
CA GLY B 60 17.36 15.99 39.79
C GLY B 60 17.89 14.64 39.34
N LYS B 61 18.49 14.56 38.16
CA LYS B 61 18.87 13.27 37.57
C LYS B 61 20.38 13.00 37.68
N GLY B 62 21.09 13.75 38.50
CA GLY B 62 22.50 13.49 38.71
C GLY B 62 22.75 12.11 39.28
N VAL B 63 23.95 11.59 39.05
CA VAL B 63 24.32 10.27 39.56
C VAL B 63 25.63 10.37 40.35
N LEU B 64 25.90 11.54 40.92
CA LEU B 64 27.11 11.68 41.73
C LEU B 64 27.13 10.75 42.94
N LYS B 65 25.97 10.45 43.52
CA LYS B 65 25.93 9.53 44.67
C LYS B 65 26.32 8.12 44.25
N ALA B 66 25.74 7.63 43.14
CA ALA B 66 26.12 6.32 42.63
C ALA B 66 27.59 6.28 42.23
N VAL B 67 28.06 7.35 41.59
CA VAL B 67 29.47 7.42 41.23
C VAL B 67 30.34 7.28 42.48
N ALA B 68 29.95 7.97 43.57
CA ALA B 68 30.74 7.95 44.80
C ALA B 68 30.65 6.59 45.49
N ASN B 69 29.50 5.93 45.41
CA ASN B 69 29.38 4.59 45.94
C ASN B 69 30.39 3.65 45.31
N VAL B 70 30.64 3.80 44.00
CA VAL B 70 31.69 3.01 43.35
C VAL B 70 33.06 3.40 43.87
N ASN B 71 33.39 4.69 43.80
CA ASN B 71 34.75 5.12 44.14
C ASN B 71 35.05 4.93 45.62
N ASP B 72 34.07 5.20 46.51
CA ASP B 72 34.32 5.24 47.95
C ASP B 72 34.01 3.95 48.68
N ILE B 73 33.16 3.07 48.15
CA ILE B 73 32.74 1.87 48.88
C ILE B 73 33.12 0.61 48.09
N ILE B 74 32.62 0.51 46.86
CA ILE B 74 32.80 -0.71 46.08
C ILE B 74 34.27 -0.89 45.71
N ALA B 75 34.91 0.15 45.12
CA ALA B 75 36.27 0.00 44.60
C ALA B 75 37.25 -0.49 45.67
N PRO B 76 37.41 0.19 46.80
CA PRO B 76 38.38 -0.32 47.80
C PRO B 76 38.00 -1.67 48.38
N ALA B 77 36.71 -1.99 48.47
CA ALA B 77 36.33 -3.31 48.98
C ALA B 77 36.67 -4.42 47.99
N LEU B 78 36.30 -4.25 46.72
CA LEU B 78 36.56 -5.28 45.73
C LEU B 78 38.06 -5.47 45.48
N ILE B 79 38.82 -4.37 45.44
CA ILE B 79 40.26 -4.44 45.24
C ILE B 79 40.92 -5.22 46.38
N LYS B 80 40.53 -4.90 47.62
CA LYS B 80 41.05 -5.62 48.77
C LYS B 80 40.70 -7.11 48.72
N ALA B 81 39.57 -7.46 48.11
CA ALA B 81 39.17 -8.86 48.08
C ALA B 81 40.03 -9.72 47.16
N LYS B 82 40.75 -9.11 46.21
CA LYS B 82 41.65 -9.79 45.28
C LYS B 82 40.95 -10.99 44.62
N ILE B 83 39.83 -10.70 43.97
CA ILE B 83 39.03 -11.71 43.29
C ILE B 83 39.46 -11.80 41.84
N ASP B 84 39.69 -13.02 41.36
CA ASP B 84 39.98 -13.28 39.96
C ASP B 84 38.80 -12.83 39.09
N VAL B 85 39.05 -11.89 38.17
CA VAL B 85 37.96 -11.35 37.36
C VAL B 85 37.36 -12.40 36.44
N VAL B 86 38.10 -13.48 36.14
CA VAL B 86 37.55 -14.54 35.30
C VAL B 86 36.40 -15.25 36.01
N ASP B 87 36.38 -15.24 37.35
CA ASP B 87 35.33 -15.88 38.14
C ASP B 87 34.20 -14.86 38.30
N GLN B 88 33.39 -14.73 37.25
CA GLN B 88 32.37 -13.71 37.23
C GLN B 88 31.38 -13.88 38.37
N ALA B 89 31.04 -15.13 38.71
CA ALA B 89 30.07 -15.39 39.76
C ALA B 89 30.57 -14.92 41.13
N LYS B 90 31.87 -15.10 41.40
CA LYS B 90 32.42 -14.63 42.67
C LYS B 90 32.47 -13.11 42.70
N ILE B 91 32.85 -12.48 41.58
CA ILE B 91 32.84 -11.01 41.52
C ILE B 91 31.44 -10.49 41.84
N ASP B 92 30.41 -11.09 41.21
CA ASP B 92 29.05 -10.60 41.44
C ASP B 92 28.54 -10.98 42.82
N GLU B 93 28.87 -12.17 43.31
CA GLU B 93 28.50 -12.53 44.68
C GLU B 93 29.06 -11.51 45.67
N PHE B 94 30.32 -11.13 45.49
CA PHE B 94 30.90 -10.09 46.33
C PHE B 94 30.13 -8.77 46.19
N LEU B 95 29.88 -8.32 44.96
CA LEU B 95 29.16 -7.07 44.76
C LEU B 95 27.85 -7.05 45.54
N LEU B 96 27.08 -8.13 45.44
CA LEU B 96 25.79 -8.22 46.11
C LEU B 96 25.93 -8.21 47.62
N SER B 97 27.03 -8.72 48.16
CA SER B 97 27.25 -8.70 49.61
C SER B 97 27.44 -7.29 50.15
N LEU B 98 27.80 -6.32 49.31
CA LEU B 98 27.97 -4.95 49.76
C LEU B 98 26.65 -4.21 49.95
N ASP B 99 25.54 -4.76 49.47
CA ASP B 99 24.23 -4.12 49.56
C ASP B 99 23.21 -5.17 49.96
N GLY B 100 22.65 -5.05 51.15
CA GLY B 100 21.74 -6.06 51.65
C GLY B 100 20.31 -5.96 51.17
N THR B 101 19.96 -4.89 50.47
CA THR B 101 18.59 -4.73 50.01
C THR B 101 18.33 -5.66 48.83
N PRO B 102 17.08 -6.10 48.65
CA PRO B 102 16.78 -7.03 47.56
C PRO B 102 16.79 -6.38 46.18
N ASN B 103 16.71 -5.05 46.11
CA ASN B 103 16.68 -4.34 44.83
C ASN B 103 17.87 -3.40 44.65
N LYS B 104 18.96 -3.62 45.41
CA LYS B 104 20.21 -2.87 45.23
C LYS B 104 20.02 -1.37 45.48
N SER B 105 19.14 -1.03 46.43
CA SER B 105 18.74 0.37 46.62
C SER B 105 19.66 1.15 47.56
N LYS B 106 20.58 0.49 48.27
CA LYS B 106 21.53 1.22 49.11
C LYS B 106 22.68 1.80 48.28
N LEU B 107 23.32 0.98 47.44
CA LEU B 107 24.41 1.42 46.59
C LEU B 107 23.93 1.90 45.22
N GLY B 108 22.89 1.27 44.68
CA GLY B 108 22.46 1.59 43.34
C GLY B 108 22.75 0.51 42.35
N ALA B 109 21.71 0.02 41.67
CA ALA B 109 21.90 -0.90 40.56
C ALA B 109 22.88 -0.33 39.52
N ASN B 110 22.82 0.97 39.27
CA ASN B 110 23.76 1.56 38.32
C ASN B 110 25.19 1.61 38.86
N ALA B 111 25.38 1.60 40.18
CA ALA B 111 26.74 1.53 40.69
C ALA B 111 27.28 0.11 40.62
N ILE B 112 26.43 -0.86 40.94
CA ILE B 112 26.86 -2.25 40.95
C ILE B 112 27.09 -2.76 39.53
N LEU B 113 26.17 -2.44 38.62
CA LEU B 113 26.22 -3.04 37.29
C LEU B 113 27.49 -2.64 36.53
N GLY B 114 27.86 -1.36 36.58
CA GLY B 114 29.07 -0.92 35.88
C GLY B 114 30.29 -1.73 36.26
N VAL B 115 30.40 -2.08 37.55
CA VAL B 115 31.54 -2.88 37.99
C VAL B 115 31.43 -4.30 37.46
N SER B 116 30.24 -4.89 37.54
CA SER B 116 29.99 -6.24 37.04
C SER B 116 30.41 -6.37 35.58
N LEU B 117 29.94 -5.45 34.74
CA LEU B 117 30.21 -5.56 33.30
C LEU B 117 31.68 -5.28 32.98
N ALA B 118 32.29 -4.27 33.62
CA ALA B 118 33.68 -3.98 33.33
C ALA B 118 34.59 -5.14 33.70
N ALA B 119 34.26 -5.86 34.77
CA ALA B 119 35.05 -7.04 35.15
C ALA B 119 34.96 -8.13 34.08
N ALA B 120 33.78 -8.30 33.47
CA ALA B 120 33.65 -9.25 32.38
C ALA B 120 34.56 -8.88 31.22
N ASN B 121 34.68 -7.57 30.92
CA ASN B 121 35.60 -7.13 29.86
C ASN B 121 37.05 -7.38 30.25
N ALA B 122 37.41 -7.10 31.51
CA ALA B 122 38.76 -7.39 31.98
C ALA B 122 39.08 -8.89 31.92
N ALA B 123 38.08 -9.74 32.16
CA ALA B 123 38.32 -11.18 32.20
C ALA B 123 38.55 -11.75 30.81
N ALA B 124 37.77 -11.27 29.83
CA ALA B 124 37.97 -11.70 28.45
C ALA B 124 39.41 -11.44 28.01
N ALA B 125 39.93 -10.24 28.31
CA ALA B 125 41.30 -9.91 27.93
C ALA B 125 42.32 -10.72 28.71
N ALA B 126 42.03 -11.04 29.98
CA ALA B 126 42.92 -11.91 30.73
C ALA B 126 43.04 -13.29 30.07
N GLN B 127 41.98 -13.76 29.43
CA GLN B 127 42.03 -15.06 28.77
C GLN B 127 42.41 -14.96 27.30
N GLY B 128 42.60 -13.77 26.78
CA GLY B 128 42.92 -13.61 25.37
C GLY B 128 41.81 -14.02 24.43
N ILE B 129 40.56 -13.80 24.81
CA ILE B 129 39.42 -14.20 23.99
C ILE B 129 38.48 -13.00 23.83
N PRO B 130 37.68 -12.99 22.76
CA PRO B 130 36.67 -11.93 22.63
C PRO B 130 35.59 -12.07 23.68
N LEU B 131 35.03 -10.92 24.08
CA LEU B 131 34.06 -10.90 25.17
C LEU B 131 32.91 -11.90 24.97
N TYR B 132 32.39 -12.00 23.73
CA TYR B 132 31.28 -12.92 23.49
C TYR B 132 31.69 -14.38 23.74
N LYS B 133 32.98 -14.70 23.59
CA LYS B 133 33.44 -16.05 23.89
C LYS B 133 33.53 -16.28 25.40
N HIS B 134 34.02 -15.28 26.14
CA HIS B 134 33.92 -15.34 27.59
C HIS B 134 32.47 -15.54 28.04
N ILE B 135 31.55 -14.76 27.48
CA ILE B 135 30.15 -14.87 27.91
C ILE B 135 29.60 -16.25 27.57
N ALA B 136 29.96 -16.77 26.39
CA ALA B 136 29.55 -18.13 26.02
C ALA B 136 30.06 -19.14 27.03
N ASN B 137 31.30 -18.94 27.51
CA ASN B 137 31.88 -19.86 28.49
C ASN B 137 31.10 -19.82 29.82
N ILE B 138 30.92 -18.63 30.39
CA ILE B 138 30.38 -18.54 31.74
C ILE B 138 28.88 -18.72 31.79
N SER B 139 28.19 -18.69 30.65
CA SER B 139 26.78 -19.02 30.59
C SER B 139 26.53 -20.45 30.14
N ASN B 140 27.58 -21.19 29.80
CA ASN B 140 27.48 -22.60 29.40
C ASN B 140 26.62 -22.78 28.14
N ALA B 141 26.74 -21.84 27.20
CA ALA B 141 26.08 -21.96 25.91
C ALA B 141 26.51 -23.24 25.21
N LYS B 142 25.62 -23.77 24.36
CA LYS B 142 25.93 -24.98 23.61
C LYS B 142 27.12 -24.74 22.68
N LYS B 143 28.05 -25.70 22.67
CA LYS B 143 29.20 -25.61 21.77
C LYS B 143 28.75 -25.80 20.33
N GLY B 144 29.49 -25.18 19.42
CA GLY B 144 29.20 -25.23 18.00
C GLY B 144 29.51 -23.90 17.35
N LYS B 145 28.87 -23.66 16.20
CA LYS B 145 28.96 -22.35 15.57
C LYS B 145 28.29 -21.31 16.46
N PHE B 146 28.86 -20.12 16.51
CA PHE B 146 28.18 -19.03 17.17
C PHE B 146 26.95 -18.63 16.36
N VAL B 147 25.93 -18.14 17.06
CA VAL B 147 24.69 -17.70 16.44
C VAL B 147 24.63 -16.17 16.53
N LEU B 148 24.50 -15.51 15.38
CA LEU B 148 24.36 -14.06 15.36
C LEU B 148 22.87 -13.68 15.34
N PRO B 149 22.50 -12.63 16.06
CA PRO B 149 21.07 -12.38 16.32
C PRO B 149 20.35 -11.66 15.20
N VAL B 150 19.07 -11.99 15.08
CA VAL B 150 18.11 -11.22 14.28
C VAL B 150 17.95 -9.84 14.93
N PRO B 151 18.21 -8.75 14.22
CA PRO B 151 18.02 -7.42 14.82
C PRO B 151 16.55 -7.04 14.71
N PHE B 152 15.90 -6.86 15.86
CA PHE B 152 14.52 -6.39 15.91
C PHE B 152 14.57 -4.86 15.96
N GLN B 153 14.27 -4.22 14.83
CA GLN B 153 14.60 -2.83 14.57
C GLN B 153 13.36 -1.96 14.60
N ASN B 154 13.30 -1.07 15.59
CA ASN B 154 12.22 -0.09 15.67
C ASN B 154 12.14 0.69 14.36
N VAL B 155 10.93 0.88 13.84
CA VAL B 155 10.81 1.77 12.69
C VAL B 155 9.72 2.80 12.96
N LEU B 156 8.71 2.41 13.73
CA LEU B 156 7.50 3.21 13.84
C LEU B 156 7.03 3.19 15.29
N ASN B 157 6.67 4.35 15.83
CA ASN B 157 6.33 4.47 17.24
C ASN B 157 4.93 5.01 17.40
N GLY B 158 4.24 4.53 18.44
CA GLY B 158 2.88 4.96 18.70
C GLY B 158 2.67 5.10 20.19
N GLY B 159 1.42 4.97 20.63
CA GLY B 159 1.12 5.03 22.05
C GLY B 159 1.59 6.33 22.68
N SER B 160 2.24 6.19 23.84
CA SER B 160 2.79 7.31 24.57
C SER B 160 3.78 8.14 23.74
N HIS B 161 4.32 7.58 22.65
CA HIS B 161 5.42 8.20 21.93
C HIS B 161 4.98 8.94 20.67
N ALA B 162 3.68 9.11 20.45
CA ALA B 162 3.21 9.77 19.24
C ALA B 162 1.82 10.34 19.48
N GLY B 163 1.53 11.44 18.80
CA GLY B 163 0.18 11.91 18.64
C GLY B 163 -0.59 10.97 17.73
N GLY B 164 -1.85 11.31 17.50
CA GLY B 164 -2.75 10.41 16.83
C GLY B 164 -3.23 9.34 17.78
N ALA B 165 -4.21 8.57 17.32
CA ALA B 165 -4.92 7.66 18.21
C ALA B 165 -4.21 6.33 18.43
N LEU B 166 -3.21 5.98 17.60
CA LEU B 166 -2.62 4.64 17.62
C LEU B 166 -2.13 4.25 19.02
N ALA B 167 -2.64 3.13 19.53
CA ALA B 167 -2.38 2.73 20.91
C ALA B 167 -1.12 1.88 21.07
N PHE B 168 -0.75 1.10 20.06
CA PHE B 168 0.41 0.23 20.17
C PHE B 168 1.70 1.06 20.16
N GLN B 169 2.65 0.68 21.01
CA GLN B 169 3.76 1.57 21.30
C GLN B 169 4.90 1.51 20.28
N GLU B 170 5.24 0.33 19.77
CA GLU B 170 6.36 0.17 18.85
C GLU B 170 6.03 -0.86 17.76
N PHE B 171 6.49 -0.56 16.56
CA PHE B 171 6.47 -1.50 15.44
C PHE B 171 7.89 -1.70 14.95
N MET B 172 8.30 -2.95 14.78
CA MET B 172 9.66 -3.28 14.41
C MET B 172 9.68 -4.15 13.16
N ILE B 173 10.77 -4.05 12.40
CA ILE B 173 11.04 -5.02 11.34
C ILE B 173 12.08 -6.01 11.85
N ALA B 174 11.96 -7.24 11.37
CA ALA B 174 12.88 -8.33 11.71
C ALA B 174 13.26 -9.05 10.42
N PRO B 175 14.41 -8.73 9.83
CA PRO B 175 14.83 -9.34 8.55
C PRO B 175 15.34 -10.76 8.70
N THR B 176 14.38 -11.70 8.72
CA THR B 176 14.68 -13.11 8.97
C THR B 176 14.88 -13.93 7.70
N GLY B 177 14.47 -13.42 6.54
CA GLY B 177 14.50 -14.21 5.33
C GLY B 177 15.77 -14.07 4.51
N VAL B 178 16.92 -13.93 5.16
CA VAL B 178 18.22 -13.91 4.49
C VAL B 178 19.18 -14.77 5.30
N SER B 179 20.34 -15.04 4.71
CA SER B 179 21.24 -16.04 5.25
C SER B 179 22.38 -15.46 6.06
N THR B 180 22.57 -14.14 6.08
CA THR B 180 23.69 -13.54 6.79
C THR B 180 23.22 -12.32 7.58
N PHE B 181 23.90 -12.07 8.70
CA PHE B 181 23.59 -10.88 9.49
C PHE B 181 23.92 -9.61 8.71
N SER B 182 24.99 -9.64 7.90
CA SER B 182 25.32 -8.50 7.06
C SER B 182 24.16 -8.13 6.14
N GLU B 183 23.60 -9.13 5.45
CA GLU B 183 22.45 -8.85 4.58
C GLU B 183 21.24 -8.39 5.39
N ALA B 184 21.00 -9.00 6.55
CA ALA B 184 19.87 -8.61 7.38
C ALA B 184 19.94 -7.12 7.74
N LEU B 185 21.13 -6.67 8.17
CA LEU B 185 21.29 -5.27 8.55
C LEU B 185 21.17 -4.35 7.34
N ARG B 186 21.66 -4.79 6.18
CA ARG B 186 21.55 -3.96 4.99
C ARG B 186 20.09 -3.79 4.58
N ILE B 187 19.36 -4.91 4.52
CA ILE B 187 17.93 -4.86 4.19
C ILE B 187 17.17 -4.02 5.20
N GLY B 188 17.46 -4.21 6.50
CA GLY B 188 16.88 -3.38 7.53
C GLY B 188 17.11 -1.89 7.29
N SER B 189 18.34 -1.51 6.94
CA SER B 189 18.60 -0.09 6.70
C SER B 189 17.83 0.40 5.48
N GLU B 190 17.72 -0.42 4.43
CA GLU B 190 17.01 0.00 3.23
C GLU B 190 15.51 0.13 3.47
N VAL B 191 14.93 -0.81 4.23
CA VAL B 191 13.50 -0.73 4.51
C VAL B 191 13.20 0.49 5.38
N TYR B 192 14.06 0.75 6.37
CA TYR B 192 13.93 1.93 7.22
C TYR B 192 13.99 3.21 6.41
N HIS B 193 14.91 3.31 5.45
CA HIS B 193 15.01 4.53 4.66
C HIS B 193 13.80 4.70 3.75
N ASN B 194 13.29 3.60 3.19
CA ASN B 194 12.07 3.69 2.39
C ASN B 194 10.88 4.10 3.24
N LEU B 195 10.81 3.61 4.49
CA LEU B 195 9.72 4.00 5.37
C LEU B 195 9.77 5.48 5.73
N LYS B 196 10.97 6.00 5.99
CA LYS B 196 11.10 7.44 6.25
C LYS B 196 10.61 8.26 5.06
N SER B 197 10.98 7.85 3.84
CA SER B 197 10.57 8.57 2.64
C SER B 197 9.05 8.50 2.45
N LEU B 198 8.46 7.31 2.61
CA LEU B 198 7.00 7.18 2.50
C LEU B 198 6.30 7.95 3.61
N THR B 199 6.86 7.95 4.82
CA THR B 199 6.27 8.69 5.93
C THR B 199 6.23 10.20 5.65
N LYS B 200 7.35 10.77 5.18
CA LYS B 200 7.39 12.21 4.90
C LYS B 200 6.42 12.59 3.79
N LYS B 201 6.32 11.76 2.74
CA LYS B 201 5.39 12.08 1.67
C LYS B 201 3.94 11.97 2.14
N LYS B 202 3.61 10.94 2.92
CA LYS B 202 2.22 10.75 3.29
C LYS B 202 1.82 11.64 4.47
N TYR B 203 2.71 11.84 5.44
CA TYR B 203 2.37 12.55 6.66
C TYR B 203 3.07 13.90 6.81
N GLY B 204 3.90 14.31 5.85
CA GLY B 204 4.55 15.60 5.95
C GLY B 204 6.00 15.48 6.40
N GLN B 205 6.78 16.53 6.06
CA GLN B 205 8.24 16.49 6.27
C GLN B 205 8.59 16.29 7.74
N SER B 206 7.86 16.96 8.65
CA SER B 206 8.17 16.84 10.07
C SER B 206 8.03 15.41 10.58
N ALA B 207 7.13 14.62 9.96
CA ALA B 207 6.88 13.26 10.43
C ALA B 207 8.11 12.38 10.28
N GLY B 208 9.09 12.80 9.47
CA GLY B 208 10.36 12.12 9.31
C GLY B 208 11.39 12.37 10.39
N ASN B 209 11.14 13.24 11.37
CA ASN B 209 12.08 13.43 12.47
C ASN B 209 11.95 12.29 13.47
N VAL B 210 13.09 11.85 14.03
CA VAL B 210 13.12 10.59 14.77
C VAL B 210 12.92 10.82 16.26
N GLY B 211 12.45 9.77 16.93
CA GLY B 211 12.34 9.76 18.37
C GLY B 211 13.58 9.19 19.03
N ASP B 212 13.42 8.83 20.32
CA ASP B 212 14.56 8.45 21.16
C ASP B 212 15.30 7.22 20.65
N GLU B 213 14.58 6.28 20.03
CA GLU B 213 15.19 5.03 19.60
C GLU B 213 15.46 4.99 18.10
N GLY B 214 15.20 6.09 17.39
CA GLY B 214 15.51 6.20 15.98
C GLY B 214 14.33 6.02 15.05
N GLY B 215 13.17 5.59 15.55
CA GLY B 215 12.02 5.41 14.67
C GLY B 215 11.26 6.70 14.40
N VAL B 216 10.34 6.64 13.44
CA VAL B 216 9.48 7.79 13.16
C VAL B 216 8.18 7.64 13.94
N ALA B 217 7.45 8.74 14.09
CA ALA B 217 6.21 8.76 14.87
C ALA B 217 5.17 9.64 14.21
N PRO B 218 4.70 9.28 13.02
CA PRO B 218 3.62 10.04 12.38
C PRO B 218 2.31 9.90 13.14
N ASP B 219 1.35 10.75 12.78
CA ASP B 219 0.02 10.74 13.38
C ASP B 219 -0.81 9.64 12.73
N ILE B 220 -0.71 8.44 13.28
CA ILE B 220 -1.39 7.27 12.74
C ILE B 220 -2.59 6.92 13.61
N LYS B 221 -3.67 6.45 12.98
CA LYS B 221 -4.91 6.16 13.68
C LYS B 221 -4.99 4.72 14.19
N THR B 222 -4.68 3.76 13.34
CA THR B 222 -5.00 2.37 13.64
C THR B 222 -3.80 1.46 13.43
N PRO B 223 -3.80 0.31 14.09
CA PRO B 223 -2.74 -0.69 13.82
C PRO B 223 -2.62 -1.05 12.35
N LYS B 224 -3.75 -1.22 11.66
CA LYS B 224 -3.73 -1.60 10.25
C LYS B 224 -3.01 -0.56 9.39
N GLU B 225 -3.25 0.73 9.66
CA GLU B 225 -2.54 1.79 8.96
C GLU B 225 -1.03 1.71 9.19
N ALA B 226 -0.60 1.46 10.44
CA ALA B 226 0.84 1.32 10.71
C ALA B 226 1.42 0.13 9.98
N LEU B 227 0.74 -1.03 10.08
CA LEU B 227 1.23 -2.26 9.47
C LEU B 227 1.26 -2.17 7.95
N ASP B 228 0.25 -1.51 7.36
CA ASP B 228 0.24 -1.29 5.92
C ASP B 228 1.40 -0.41 5.48
N LEU B 229 1.66 0.67 6.23
CA LEU B 229 2.82 1.51 5.94
C LEU B 229 4.10 0.67 5.91
N ILE B 230 4.33 -0.14 6.94
CA ILE B 230 5.54 -0.96 6.98
C ILE B 230 5.56 -1.94 5.82
N MET B 231 4.45 -2.64 5.56
CA MET B 231 4.37 -3.54 4.41
C MET B 231 4.70 -2.82 3.11
N ASP B 232 4.26 -1.57 2.99
CA ASP B 232 4.58 -0.78 1.79
C ASP B 232 6.08 -0.50 1.68
N ALA B 233 6.72 -0.19 2.82
CA ALA B 233 8.17 0.07 2.80
C ALA B 233 8.96 -1.19 2.46
N ILE B 234 8.56 -2.34 3.00
CA ILE B 234 9.25 -3.59 2.67
C ILE B 234 9.16 -3.87 1.19
N ASP B 235 7.96 -3.71 0.62
CA ASP B 235 7.76 -3.94 -0.81
C ASP B 235 8.55 -2.94 -1.66
N LYS B 236 8.42 -1.65 -1.38
CA LYS B 236 9.12 -0.64 -2.17
C LYS B 236 10.63 -0.80 -2.09
N ALA B 237 11.15 -1.20 -0.92
CA ALA B 237 12.59 -1.47 -0.82
C ALA B 237 13.00 -2.68 -1.64
N GLY B 238 12.08 -3.59 -1.93
CA GLY B 238 12.36 -4.74 -2.76
C GLY B 238 12.51 -6.08 -2.03
N TYR B 239 11.97 -6.22 -0.83
CA TYR B 239 12.21 -7.42 -0.03
C TYR B 239 10.90 -8.03 0.49
N LYS B 240 9.83 -7.92 -0.32
CA LYS B 240 8.56 -8.54 0.01
C LYS B 240 8.76 -10.02 0.33
N GLY B 241 8.16 -10.45 1.45
CA GLY B 241 8.28 -11.83 1.89
C GLY B 241 9.53 -12.17 2.67
N LYS B 242 10.46 -11.23 2.85
CA LYS B 242 11.70 -11.53 3.55
C LYS B 242 11.80 -10.84 4.90
N VAL B 243 10.82 -10.04 5.29
CA VAL B 243 10.94 -9.18 6.47
C VAL B 243 9.73 -9.43 7.36
N GLY B 244 9.96 -10.01 8.54
CA GLY B 244 8.90 -10.14 9.52
C GLY B 244 8.64 -8.86 10.27
N ILE B 245 7.50 -8.81 10.94
CA ILE B 245 7.14 -7.65 11.75
C ILE B 245 6.97 -8.08 13.20
N ALA B 246 7.46 -7.24 14.12
CA ALA B 246 7.23 -7.42 15.55
C ALA B 246 6.57 -6.17 16.10
N MET B 247 5.71 -6.38 17.09
CA MET B 247 5.06 -5.28 17.78
C MET B 247 5.45 -5.33 19.25
N ASP B 248 5.61 -4.15 19.85
CA ASP B 248 5.59 -3.98 21.29
C ASP B 248 4.34 -3.17 21.59
N VAL B 249 3.29 -3.84 22.09
CA VAL B 249 2.03 -3.17 22.31
C VAL B 249 2.10 -2.26 23.53
N ALA B 250 2.82 -2.68 24.57
CA ALA B 250 2.83 -2.01 25.88
C ALA B 250 1.39 -1.74 26.36
N SER B 251 0.61 -2.81 26.44
CA SER B 251 -0.82 -2.67 26.71
C SER B 251 -1.13 -2.22 28.14
N SER B 252 -0.17 -2.32 29.08
CA SER B 252 -0.38 -1.74 30.41
C SER B 252 -0.79 -0.28 30.32
N GLU B 253 -0.27 0.44 29.32
CA GLU B 253 -0.56 1.86 29.20
C GLU B 253 -2.03 2.14 28.94
N PHE B 254 -2.79 1.16 28.45
CA PHE B 254 -4.20 1.41 28.17
C PHE B 254 -5.10 0.34 28.82
N TYR B 255 -4.62 -0.30 29.88
CA TYR B 255 -5.43 -1.22 30.68
C TYR B 255 -6.24 -0.43 31.71
N LYS B 256 -7.57 -0.57 31.66
CA LYS B 256 -8.45 0.20 32.55
C LYS B 256 -9.66 -0.65 32.93
N ASP B 257 -9.94 -0.75 34.23
CA ASP B 257 -11.14 -1.45 34.71
C ASP B 257 -11.19 -2.89 34.17
N GLY B 258 -10.03 -3.50 33.97
CA GLY B 258 -9.95 -4.83 33.39
C GLY B 258 -10.22 -4.91 31.90
N LYS B 259 -10.31 -3.77 31.19
CA LYS B 259 -10.49 -3.75 29.75
C LYS B 259 -9.39 -2.91 29.11
N TYR B 260 -9.35 -2.90 27.78
CA TYR B 260 -8.24 -2.29 27.03
C TYR B 260 -8.77 -1.18 26.12
N ASP B 261 -8.32 0.05 26.36
CA ASP B 261 -8.81 1.25 25.68
C ASP B 261 -7.87 1.56 24.53
N LEU B 262 -8.28 1.17 23.32
CA LEU B 262 -7.43 1.41 22.16
C LEU B 262 -7.49 2.85 21.68
N ASP B 263 -8.30 3.69 22.31
CA ASP B 263 -8.33 5.12 22.08
C ASP B 263 -7.90 5.89 23.32
N PHE B 264 -6.90 5.38 24.06
CA PHE B 264 -6.63 5.87 25.41
C PHE B 264 -6.05 7.28 25.43
N LYS B 265 -5.53 7.76 24.30
CA LYS B 265 -5.06 9.13 24.20
C LYS B 265 -6.20 10.11 24.01
N ASN B 266 -7.40 9.61 23.71
CA ASN B 266 -8.56 10.45 23.51
C ASN B 266 -9.25 10.65 24.86
N PRO B 267 -9.27 11.86 25.42
CA PRO B 267 -9.94 12.06 26.71
C PRO B 267 -11.42 11.74 26.68
N GLU B 268 -12.05 11.74 25.50
CA GLU B 268 -13.46 11.38 25.36
C GLU B 268 -13.65 9.91 25.01
N SER B 269 -12.61 9.07 25.15
CA SER B 269 -12.69 7.70 24.70
C SER B 269 -13.96 7.02 25.19
N ASP B 270 -14.72 6.49 24.26
CA ASP B 270 -15.99 5.80 24.51
C ASP B 270 -15.75 4.47 25.22
N PRO B 271 -16.12 4.34 26.50
CA PRO B 271 -15.82 3.09 27.23
C PRO B 271 -16.58 1.87 26.71
N SER B 272 -17.68 2.04 25.99
CA SER B 272 -18.35 0.88 25.40
C SER B 272 -17.54 0.25 24.28
N LYS B 273 -16.48 0.91 23.80
CA LYS B 273 -15.61 0.35 22.76
C LYS B 273 -14.32 -0.23 23.33
N TRP B 274 -14.09 -0.11 24.64
CA TRP B 274 -12.92 -0.75 25.22
C TRP B 274 -13.06 -2.26 25.09
N LEU B 275 -11.94 -2.93 24.85
CA LEU B 275 -11.98 -4.35 24.52
C LEU B 275 -11.75 -5.21 25.76
N SER B 276 -12.53 -6.27 25.89
CA SER B 276 -12.21 -7.30 26.87
C SER B 276 -10.92 -8.01 26.46
N GLY B 277 -10.37 -8.79 27.40
CA GLY B 277 -9.25 -9.66 27.10
C GLY B 277 -9.48 -10.51 25.86
N PRO B 278 -10.59 -11.26 25.82
CA PRO B 278 -10.88 -12.06 24.62
C PRO B 278 -11.02 -11.24 23.35
N GLN B 279 -11.62 -10.05 23.42
CA GLN B 279 -11.78 -9.24 22.22
C GLN B 279 -10.43 -8.71 21.72
N LEU B 280 -9.51 -8.38 22.63
CA LEU B 280 -8.19 -7.95 22.18
C LEU B 280 -7.43 -9.10 21.56
N ALA B 281 -7.59 -10.31 22.11
CA ALA B 281 -6.99 -11.49 21.49
C ALA B 281 -7.52 -11.72 20.08
N ASP B 282 -8.84 -11.57 19.89
CA ASP B 282 -9.41 -11.65 18.55
C ASP B 282 -8.73 -10.65 17.62
N LEU B 283 -8.51 -9.42 18.10
CA LEU B 283 -7.87 -8.41 17.26
C LEU B 283 -6.46 -8.84 16.85
N TYR B 284 -5.63 -9.24 17.82
CA TYR B 284 -4.29 -9.75 17.49
C TYR B 284 -4.37 -10.92 16.51
N GLU B 285 -5.32 -11.84 16.74
CA GLU B 285 -5.44 -12.97 15.81
C GLU B 285 -5.79 -12.51 14.40
N GLN B 286 -6.59 -11.45 14.27
CA GLN B 286 -6.87 -10.92 12.94
C GLN B 286 -5.62 -10.33 12.30
N LEU B 287 -4.89 -9.50 13.05
CA LEU B 287 -3.64 -8.93 12.55
C LEU B 287 -2.65 -10.03 12.17
N ILE B 288 -2.58 -11.10 12.97
CA ILE B 288 -1.69 -12.22 12.65
C ILE B 288 -2.12 -12.88 11.33
N SER B 289 -3.43 -12.95 11.08
CA SER B 289 -3.89 -13.54 9.83
C SER B 289 -3.51 -12.69 8.62
N GLU B 290 -3.33 -11.40 8.80
CA GLU B 290 -3.20 -10.46 7.68
C GLU B 290 -1.77 -10.02 7.38
N TYR B 291 -0.85 -10.09 8.35
CA TYR B 291 0.50 -9.56 8.26
C TYR B 291 1.51 -10.58 8.75
N PRO B 292 2.78 -10.50 8.29
CA PRO B 292 3.84 -11.42 8.74
C PRO B 292 4.37 -11.05 10.12
N ILE B 293 3.46 -10.98 11.10
CA ILE B 293 3.83 -10.68 12.47
C ILE B 293 4.46 -11.92 13.08
N VAL B 294 5.67 -11.78 13.61
CA VAL B 294 6.40 -12.93 14.14
C VAL B 294 6.56 -12.88 15.65
N SER B 295 6.34 -11.74 16.28
CA SER B 295 6.60 -11.58 17.70
C SER B 295 5.74 -10.43 18.21
N ILE B 296 5.16 -10.60 19.40
CA ILE B 296 4.38 -9.56 20.03
C ILE B 296 4.83 -9.44 21.48
N GLU B 297 5.22 -8.24 21.88
CA GLU B 297 5.68 -7.95 23.23
C GLU B 297 4.58 -7.25 24.01
N ASP B 298 4.40 -7.68 25.25
CA ASP B 298 3.39 -7.13 26.16
C ASP B 298 2.00 -6.96 25.52
N PRO B 299 1.43 -8.02 24.94
CA PRO B 299 0.07 -7.91 24.38
C PRO B 299 -1.00 -7.68 25.44
N PHE B 300 -0.76 -8.09 26.68
CA PHE B 300 -1.72 -7.91 27.76
C PHE B 300 -1.00 -7.26 28.95
N ALA B 301 -1.79 -6.75 29.89
CA ALA B 301 -1.23 -5.89 30.94
C ALA B 301 -0.32 -6.68 31.88
N GLU B 302 0.52 -5.93 32.60
CA GLU B 302 1.64 -6.52 33.33
C GLU B 302 1.19 -7.46 34.44
N ASP B 303 -0.04 -7.30 34.95
CA ASP B 303 -0.59 -8.20 35.96
C ASP B 303 -1.88 -8.89 35.49
N ASP B 304 -2.22 -8.79 34.21
CA ASP B 304 -3.40 -9.49 33.66
C ASP B 304 -3.01 -10.89 33.20
N TRP B 305 -2.66 -11.72 34.19
CA TRP B 305 -1.99 -12.99 33.91
C TRP B 305 -2.88 -13.92 33.08
N ASP B 306 -4.16 -14.04 33.46
CA ASP B 306 -5.06 -14.96 32.78
C ASP B 306 -5.22 -14.61 31.31
N ALA B 307 -5.21 -13.32 30.98
CA ALA B 307 -5.30 -12.91 29.57
C ALA B 307 -4.08 -13.39 28.79
N TRP B 308 -2.89 -13.30 29.38
CA TRP B 308 -1.69 -13.82 28.75
C TRP B 308 -1.82 -15.32 28.51
N VAL B 309 -2.23 -16.07 29.55
CA VAL B 309 -2.26 -17.53 29.44
C VAL B 309 -3.24 -17.96 28.35
N HIS B 310 -4.45 -17.38 28.37
CA HIS B 310 -5.43 -17.70 27.35
C HIS B 310 -4.93 -17.39 25.94
N PHE B 311 -4.29 -16.23 25.76
CA PHE B 311 -3.75 -15.85 24.46
C PHE B 311 -2.61 -16.77 24.03
N PHE B 312 -1.75 -17.16 24.96
CA PHE B 312 -0.66 -18.05 24.59
C PHE B 312 -1.19 -19.39 24.10
N GLU B 313 -2.29 -19.88 24.65
CA GLU B 313 -2.83 -21.14 24.15
C GLU B 313 -3.41 -20.96 22.76
N ARG B 314 -3.83 -19.74 22.40
CA ARG B 314 -4.41 -19.50 21.09
C ARG B 314 -3.32 -19.42 20.00
N VAL B 315 -2.23 -18.70 20.27
CA VAL B 315 -1.27 -18.34 19.23
C VAL B 315 0.15 -18.79 19.55
N GLY B 316 0.39 -19.37 20.73
CA GLY B 316 1.76 -19.53 21.21
C GLY B 316 2.61 -20.46 20.36
N ASP B 317 1.99 -21.40 19.65
CA ASP B 317 2.74 -22.39 18.89
C ASP B 317 3.23 -21.87 17.55
N LYS B 318 2.81 -20.68 17.14
CA LYS B 318 3.21 -20.13 15.85
C LYS B 318 3.73 -18.70 15.92
N ILE B 319 3.67 -18.05 17.07
CA ILE B 319 4.24 -16.71 17.19
C ILE B 319 4.97 -16.61 18.52
N GLN B 320 5.98 -15.76 18.56
CA GLN B 320 6.68 -15.47 19.81
C GLN B 320 5.89 -14.45 20.62
N ILE B 321 5.71 -14.73 21.91
CA ILE B 321 5.04 -13.81 22.85
C ILE B 321 6.06 -13.43 23.91
N VAL B 322 6.34 -12.12 24.03
CA VAL B 322 7.49 -11.59 24.77
C VAL B 322 7.02 -10.82 26.01
N GLY B 323 7.53 -11.20 27.17
CA GLY B 323 7.31 -10.43 28.39
C GLY B 323 8.35 -9.32 28.55
N ASP B 324 7.86 -8.11 28.87
CA ASP B 324 8.73 -6.98 29.19
C ASP B 324 8.25 -6.35 30.50
N ASP B 325 7.18 -5.55 30.46
CA ASP B 325 6.52 -5.14 31.70
C ASP B 325 6.07 -6.33 32.55
N LEU B 326 5.75 -7.45 31.90
CA LEU B 326 5.30 -8.63 32.62
C LEU B 326 6.41 -9.23 33.49
N THR B 327 7.64 -9.25 32.99
CA THR B 327 8.71 -10.00 33.64
C THR B 327 9.79 -9.14 34.26
N VAL B 328 10.11 -7.98 33.68
CA VAL B 328 11.00 -6.99 34.27
C VAL B 328 12.36 -7.60 34.64
N THR B 329 12.86 -8.51 33.81
CA THR B 329 14.11 -9.23 34.05
C THR B 329 14.24 -9.66 35.52
N ASN B 330 13.14 -10.16 36.08
CA ASN B 330 13.02 -10.43 37.52
C ASN B 330 12.80 -11.93 37.73
N PRO B 331 13.69 -12.61 38.47
CA PRO B 331 13.57 -14.08 38.61
C PRO B 331 12.21 -14.55 39.12
N THR B 332 11.64 -13.87 40.12
CA THR B 332 10.37 -14.32 40.68
C THR B 332 9.25 -14.19 39.67
N ARG B 333 9.22 -13.09 38.92
CA ARG B 333 8.21 -12.89 37.88
C ARG B 333 8.42 -13.86 36.73
N ILE B 334 9.68 -14.07 36.35
CA ILE B 334 10.00 -15.00 35.28
C ILE B 334 9.52 -16.40 35.63
N LYS B 335 9.81 -16.85 36.85
CA LYS B 335 9.35 -18.17 37.27
C LYS B 335 7.83 -18.26 37.26
N THR B 336 7.15 -17.18 37.65
CA THR B 336 5.70 -17.16 37.60
C THR B 336 5.19 -17.35 36.17
N ALA B 337 5.76 -16.60 35.22
CA ALA B 337 5.27 -16.64 33.84
C ALA B 337 5.53 -18.00 33.19
N ILE B 338 6.65 -18.64 33.52
CA ILE B 338 6.97 -19.96 33.00
C ILE B 338 5.96 -20.98 33.51
N GLU B 339 5.74 -20.99 34.83
CA GLU B 339 4.83 -21.95 35.44
C GLU B 339 3.38 -21.73 35.00
N LYS B 340 2.98 -20.48 34.74
CA LYS B 340 1.63 -20.18 34.25
C LYS B 340 1.48 -20.43 32.75
N LYS B 341 2.58 -20.56 32.02
CA LYS B 341 2.60 -20.63 30.56
C LYS B 341 1.97 -19.37 29.95
N ALA B 342 2.46 -18.20 30.39
CA ALA B 342 1.94 -16.92 29.93
C ALA B 342 2.61 -16.41 28.65
N ALA B 343 3.76 -16.93 28.27
CA ALA B 343 4.56 -16.38 27.18
C ALA B 343 5.61 -17.42 26.82
N ASN B 344 6.47 -17.08 25.85
CA ASN B 344 7.55 -18.00 25.49
C ASN B 344 8.83 -17.25 25.14
N ALA B 345 8.99 -16.04 25.65
CA ALA B 345 10.20 -15.30 25.39
C ALA B 345 10.32 -14.18 26.39
N LEU B 346 11.57 -13.81 26.64
CA LEU B 346 11.98 -12.89 27.69
C LEU B 346 12.72 -11.72 27.03
N LEU B 347 12.37 -10.50 27.41
CA LEU B 347 13.26 -9.35 27.22
C LEU B 347 14.30 -9.31 28.34
N LEU B 348 15.59 -9.26 27.98
CA LEU B 348 16.63 -9.27 29.00
C LEU B 348 17.27 -7.89 29.06
N LYS B 349 17.02 -7.17 30.16
CA LYS B 349 17.58 -5.84 30.40
C LYS B 349 18.52 -5.95 31.59
N VAL B 350 19.83 -5.96 31.33
CA VAL B 350 20.79 -6.28 32.38
C VAL B 350 20.71 -5.29 33.53
N ASN B 351 20.41 -4.01 33.25
CA ASN B 351 20.35 -3.04 34.33
C ASN B 351 19.03 -3.09 35.08
N GLN B 352 18.06 -3.90 34.64
CA GLN B 352 16.87 -4.18 35.44
C GLN B 352 17.16 -5.16 36.57
N ILE B 353 18.22 -5.96 36.46
CA ILE B 353 18.54 -6.95 37.46
C ILE B 353 19.82 -6.59 38.22
N GLY B 354 20.84 -6.08 37.52
CA GLY B 354 21.93 -5.36 38.15
C GLY B 354 23.29 -6.04 38.14
N THR B 355 23.39 -7.33 37.84
CA THR B 355 24.68 -7.99 37.65
C THR B 355 24.63 -8.88 36.41
N LEU B 356 25.80 -9.14 35.83
CA LEU B 356 25.88 -10.05 34.70
C LEU B 356 25.51 -11.49 35.09
N THR B 357 25.94 -11.94 36.27
CA THR B 357 25.64 -13.33 36.66
C THR B 357 24.14 -13.54 36.80
N GLU B 358 23.44 -12.61 37.42
CA GLU B 358 21.99 -12.74 37.54
C GLU B 358 21.31 -12.68 36.18
N SER B 359 21.81 -11.81 35.29
CA SER B 359 21.27 -11.73 33.94
C SER B 359 21.39 -13.05 33.22
N ILE B 360 22.58 -13.66 33.31
CA ILE B 360 22.81 -14.94 32.67
C ILE B 360 21.95 -16.03 33.30
N GLN B 361 21.79 -15.98 34.62
CA GLN B 361 20.85 -16.89 35.28
C GLN B 361 19.45 -16.76 34.69
N ALA B 362 18.93 -15.54 34.61
CA ALA B 362 17.59 -15.32 34.08
C ALA B 362 17.46 -15.86 32.66
N ALA B 363 18.47 -15.62 31.83
CA ALA B 363 18.45 -16.12 30.46
C ALA B 363 18.46 -17.64 30.43
N ASN B 364 19.25 -18.26 31.30
CA ASN B 364 19.35 -19.72 31.31
C ASN B 364 18.09 -20.36 31.86
N ASP B 365 17.44 -19.73 32.85
CA ASP B 365 16.17 -20.24 33.32
C ASP B 365 15.10 -20.15 32.24
N SER B 366 15.20 -19.14 31.37
CA SER B 366 14.28 -19.03 30.25
C SER B 366 14.53 -20.13 29.23
N TYR B 367 15.78 -20.28 28.78
CA TYR B 367 16.13 -21.35 27.85
C TYR B 367 15.65 -22.71 28.39
N ALA B 368 15.87 -22.96 29.68
CA ALA B 368 15.49 -24.25 30.24
C ALA B 368 14.00 -24.52 30.09
N ALA B 369 13.18 -23.48 30.10
CA ALA B 369 11.75 -23.65 29.87
C ALA B 369 11.39 -23.69 28.39
N GLY B 370 12.37 -23.62 27.50
CA GLY B 370 12.08 -23.53 26.09
C GLY B 370 11.70 -22.15 25.62
N TRP B 371 11.95 -21.12 26.42
CA TRP B 371 11.66 -19.74 26.06
C TRP B 371 12.79 -19.14 25.24
N GLY B 372 12.43 -18.15 24.43
CA GLY B 372 13.42 -17.34 23.75
C GLY B 372 13.87 -16.18 24.62
N VAL B 373 15.01 -15.61 24.26
CA VAL B 373 15.56 -14.44 24.95
C VAL B 373 15.87 -13.40 23.90
N MET B 374 15.30 -12.21 24.05
CA MET B 374 15.64 -11.05 23.24
C MET B 374 16.43 -10.06 24.10
N VAL B 375 17.74 -10.00 23.89
CA VAL B 375 18.58 -9.05 24.63
C VAL B 375 18.20 -7.63 24.20
N SER B 376 17.95 -6.75 25.19
CA SER B 376 17.33 -5.46 24.90
C SER B 376 18.15 -4.25 25.36
N HIS B 377 18.09 -3.21 24.54
CA HIS B 377 18.51 -1.86 24.90
C HIS B 377 17.51 -1.23 25.86
N ARG B 378 17.88 -0.07 26.40
CA ARG B 378 17.00 0.82 27.13
C ARG B 378 16.80 2.09 26.30
N SER B 379 15.82 2.91 26.69
CA SER B 379 15.59 4.15 25.95
C SER B 379 16.77 5.11 26.10
N GLY B 380 17.36 5.18 27.29
CA GLY B 380 18.56 5.97 27.48
C GLY B 380 19.79 5.11 27.28
N GLU B 381 20.34 5.08 26.07
CA GLU B 381 21.48 4.23 25.77
C GLU B 381 22.77 5.04 25.76
N THR B 382 23.88 4.35 25.52
CA THR B 382 25.18 4.97 25.44
C THR B 382 25.95 4.39 24.27
N GLU B 383 27.16 4.88 24.06
CA GLU B 383 28.08 4.32 23.08
C GLU B 383 28.64 2.96 23.49
N ASP B 384 28.29 2.44 24.66
CA ASP B 384 28.72 1.10 25.07
C ASP B 384 28.10 0.03 24.19
N THR B 385 28.86 -1.02 23.89
CA THR B 385 28.41 -2.08 22.98
C THR B 385 28.24 -3.44 23.69
N PHE B 386 28.18 -3.46 25.03
CA PHE B 386 28.24 -4.73 25.74
C PHE B 386 27.13 -5.69 25.30
N ILE B 387 25.91 -5.19 25.10
CA ILE B 387 24.80 -6.09 24.81
C ILE B 387 24.94 -6.77 23.46
N ALA B 388 25.71 -6.20 22.53
CA ALA B 388 25.99 -6.92 21.28
C ALA B 388 26.77 -8.20 21.55
N ASP B 389 27.86 -8.11 22.33
CA ASP B 389 28.58 -9.33 22.70
C ASP B 389 27.73 -10.25 23.55
N LEU B 390 26.82 -9.68 24.35
CA LEU B 390 25.96 -10.51 25.19
C LEU B 390 24.99 -11.34 24.35
N SER B 391 24.38 -10.74 23.33
CA SER B 391 23.41 -11.48 22.52
C SER B 391 24.10 -12.61 21.75
N VAL B 392 25.32 -12.36 21.27
CA VAL B 392 26.05 -13.41 20.57
C VAL B 392 26.49 -14.50 21.56
N GLY B 393 27.09 -14.10 22.68
CA GLY B 393 27.60 -15.09 23.63
C GLY B 393 26.51 -15.98 24.21
N LEU B 394 25.34 -15.41 24.50
CA LEU B 394 24.18 -16.14 25.01
C LEU B 394 23.44 -16.93 23.95
N ARG B 395 23.85 -16.82 22.68
CA ARG B 395 23.24 -17.56 21.58
C ARG B 395 21.74 -17.28 21.50
N SER B 396 21.36 -16.03 21.78
CA SER B 396 19.95 -15.69 21.87
C SER B 396 19.30 -15.66 20.50
N GLY B 397 20.07 -15.39 19.45
CA GLY B 397 19.49 -15.22 18.13
C GLY B 397 18.58 -14.03 17.95
N GLN B 398 18.46 -13.14 18.95
CA GLN B 398 17.61 -11.97 18.80
C GLN B 398 18.11 -10.85 19.70
N ILE B 399 18.14 -9.64 19.14
CA ILE B 399 18.54 -8.44 19.86
C ILE B 399 17.61 -7.30 19.44
N LYS B 400 17.24 -6.49 20.42
CA LYS B 400 16.41 -5.32 20.20
C LYS B 400 17.27 -4.13 20.60
N THR B 401 17.78 -3.39 19.61
CA THR B 401 18.69 -2.34 19.98
C THR B 401 18.47 -1.09 19.13
N GLY B 402 17.26 -0.91 18.61
CA GLY B 402 16.82 0.36 18.05
C GLY B 402 16.61 0.30 16.54
N ALA B 403 16.19 1.43 16.00
CA ALA B 403 16.20 1.65 14.57
C ALA B 403 17.65 1.69 14.09
N PRO B 404 17.89 1.60 12.80
CA PRO B 404 19.25 1.85 12.30
C PRO B 404 19.52 3.34 12.05
N ALA B 405 19.49 4.16 13.13
CA ALA B 405 19.52 5.61 12.93
C ALA B 405 20.00 6.56 14.03
N ARG B 406 20.57 6.07 15.12
CA ARG B 406 21.31 6.92 16.05
C ARG B 406 22.44 6.03 16.56
N SER B 407 23.61 6.61 16.85
CA SER B 407 24.76 5.73 17.06
C SER B 407 24.74 4.97 18.37
N GLU B 408 23.93 5.37 19.35
CA GLU B 408 23.79 4.49 20.51
C GLU B 408 23.01 3.24 20.15
N ARG B 409 22.31 3.25 19.01
CA ARG B 409 21.72 2.04 18.48
C ARG B 409 22.68 1.33 17.53
N LEU B 410 23.25 2.06 16.55
CA LEU B 410 24.06 1.40 15.54
C LEU B 410 25.38 0.88 16.11
N ALA B 411 25.87 1.47 17.21
CA ALA B 411 27.11 0.97 17.79
C ALA B 411 27.02 -0.50 18.14
N LYS B 412 25.87 -0.96 18.65
CA LYS B 412 25.67 -2.38 18.92
C LYS B 412 25.69 -3.18 17.62
N LEU B 413 24.97 -2.71 16.60
CA LEU B 413 24.90 -3.44 15.35
C LEU B 413 26.24 -3.44 14.62
N ASN B 414 26.97 -2.32 14.68
CA ASN B 414 28.32 -2.31 14.10
C ASN B 414 29.21 -3.32 14.79
N GLN B 415 29.04 -3.49 16.11
CA GLN B 415 29.88 -4.44 16.81
C GLN B 415 29.57 -5.86 16.37
N ILE B 416 28.31 -6.16 16.09
CA ILE B 416 28.01 -7.50 15.58
C ILE B 416 28.57 -7.69 14.18
N LEU B 417 28.66 -6.61 13.39
CA LEU B 417 29.37 -6.69 12.10
C LEU B 417 30.82 -7.12 12.30
N ARG B 418 31.51 -6.54 13.28
CA ARG B 418 32.90 -6.92 13.53
C ARG B 418 33.00 -8.35 14.05
N ILE B 419 32.03 -8.78 14.87
CA ILE B 419 32.03 -10.16 15.37
C ILE B 419 31.83 -11.14 14.21
N GLU B 420 30.88 -10.83 13.33
CA GLU B 420 30.58 -11.67 12.17
C GLU B 420 31.80 -11.84 11.29
N GLU B 421 32.49 -10.73 11.00
CA GLU B 421 33.68 -10.81 10.16
C GLU B 421 34.79 -11.62 10.83
N GLU B 422 34.93 -11.46 12.15
CA GLU B 422 35.99 -12.16 12.88
C GLU B 422 35.74 -13.67 12.89
N LEU B 423 34.47 -14.08 12.94
CA LEU B 423 34.10 -15.49 13.07
C LEU B 423 34.07 -16.18 11.71
N GLY B 424 33.65 -15.50 10.66
CA GLY B 424 33.58 -16.13 9.35
C GLY B 424 32.65 -17.32 9.37
N SER B 425 33.12 -18.44 8.81
CA SER B 425 32.30 -19.64 8.68
C SER B 425 31.92 -20.26 10.02
N GLU B 426 32.50 -19.80 11.13
CA GLU B 426 32.15 -20.32 12.44
C GLU B 426 30.96 -19.58 13.06
N ALA B 427 30.25 -18.77 12.29
CA ALA B 427 29.05 -18.13 12.76
C ALA B 427 27.90 -18.45 11.82
N ILE B 428 26.70 -18.44 12.40
CA ILE B 428 25.44 -18.69 11.70
C ILE B 428 24.46 -17.60 12.09
N TYR B 429 23.72 -17.08 11.11
CA TYR B 429 22.67 -16.10 11.36
C TYR B 429 21.38 -16.82 11.75
N ALA B 430 20.74 -16.37 12.84
CA ALA B 430 19.61 -17.12 13.38
C ALA B 430 18.44 -17.16 12.41
N GLY B 431 18.25 -16.13 11.60
CA GLY B 431 17.19 -16.16 10.61
C GLY B 431 15.83 -16.42 11.21
N LYS B 432 15.06 -17.30 10.57
CA LYS B 432 13.73 -17.65 11.03
C LYS B 432 13.73 -18.49 12.30
N ASP B 433 14.89 -19.01 12.71
CA ASP B 433 15.01 -19.84 13.91
C ASP B 433 15.30 -19.03 15.19
N PHE B 434 14.89 -17.77 15.26
CA PHE B 434 15.33 -16.93 16.37
C PHE B 434 14.72 -17.35 17.70
N GLN B 435 13.51 -17.94 17.69
CA GLN B 435 12.84 -18.26 18.95
C GLN B 435 13.62 -19.30 19.75
N LYS B 436 14.15 -20.31 19.06
CA LYS B 436 14.85 -21.42 19.69
C LYS B 436 16.35 -21.39 19.38
N ALA B 437 16.90 -20.19 19.18
CA ALA B 437 18.26 -20.06 18.67
C ALA B 437 19.29 -20.68 19.61
N SER B 438 19.01 -20.71 20.91
CA SER B 438 20.01 -21.23 21.83
C SER B 438 20.24 -22.72 21.64
N GLN B 439 19.35 -23.41 20.90
CA GLN B 439 19.42 -24.85 20.68
C GLN B 439 19.94 -25.22 19.29
N LEU B 440 20.25 -24.24 18.43
CA LEU B 440 20.78 -24.51 17.10
C LEU B 440 22.18 -25.13 17.17
N SER C 2 8.90 -11.70 -22.57
CA SER C 2 7.64 -12.40 -22.75
C SER C 2 7.09 -12.23 -24.17
N TYR C 3 6.92 -13.34 -24.89
CA TYR C 3 6.37 -13.33 -26.25
C TYR C 3 5.24 -14.33 -26.36
N ALA C 4 4.36 -14.10 -27.35
CA ALA C 4 3.23 -14.99 -27.58
C ALA C 4 3.70 -16.41 -27.88
N THR C 5 3.17 -17.38 -27.14
CA THR C 5 3.40 -18.79 -27.48
C THR C 5 2.20 -19.43 -28.17
N LYS C 6 0.98 -18.96 -27.89
CA LYS C 6 -0.21 -19.39 -28.62
C LYS C 6 -1.17 -18.20 -28.73
N ILE C 7 -1.88 -18.12 -29.87
CA ILE C 7 -2.90 -17.09 -30.10
C ILE C 7 -4.09 -17.76 -30.78
N HIS C 8 -5.24 -17.74 -30.12
CA HIS C 8 -6.45 -18.42 -30.59
C HIS C 8 -7.64 -17.50 -30.45
N ALA C 9 -8.45 -17.43 -31.51
CA ALA C 9 -9.69 -16.66 -31.45
C ALA C 9 -10.91 -17.59 -31.49
N ARG C 10 -12.01 -17.08 -30.95
CA ARG C 10 -13.33 -17.71 -31.03
C ARG C 10 -14.34 -16.58 -31.17
N TYR C 11 -15.57 -16.93 -31.53
CA TYR C 11 -16.64 -15.96 -31.38
C TYR C 11 -17.34 -16.19 -30.03
N VAL C 12 -17.80 -15.10 -29.43
CA VAL C 12 -18.70 -15.13 -28.28
C VAL C 12 -19.82 -14.13 -28.60
N TYR C 13 -20.82 -14.08 -27.72
CA TYR C 13 -21.97 -13.19 -27.90
C TYR C 13 -21.80 -11.90 -27.11
N ASP C 14 -22.00 -10.76 -27.79
CA ASP C 14 -22.00 -9.48 -27.13
C ASP C 14 -23.35 -9.28 -26.42
N SER C 15 -23.50 -8.13 -25.77
CA SER C 15 -24.64 -7.87 -24.90
C SER C 15 -25.94 -7.65 -25.66
N ARG C 16 -25.90 -7.49 -26.99
CA ARG C 16 -27.12 -7.44 -27.77
C ARG C 16 -27.46 -8.79 -28.39
N GLY C 17 -26.72 -9.83 -28.04
CA GLY C 17 -26.95 -11.14 -28.62
C GLY C 17 -26.33 -11.36 -29.97
N ASN C 18 -25.31 -10.55 -30.35
CA ASN C 18 -24.67 -10.72 -31.65
C ASN C 18 -23.23 -11.21 -31.48
N PRO C 19 -22.72 -12.02 -32.41
CA PRO C 19 -21.36 -12.53 -32.29
C PRO C 19 -20.31 -11.42 -32.36
N THR C 20 -19.23 -11.59 -31.61
CA THR C 20 -18.06 -10.74 -31.72
C THR C 20 -16.83 -11.59 -31.44
N VAL C 21 -15.64 -11.00 -31.57
CA VAL C 21 -14.37 -11.74 -31.57
C VAL C 21 -13.75 -11.69 -30.18
N GLU C 22 -13.36 -12.87 -29.68
CA GLU C 22 -12.57 -13.00 -28.45
C GLU C 22 -11.24 -13.66 -28.78
N VAL C 23 -10.16 -13.12 -28.22
CA VAL C 23 -8.81 -13.61 -28.51
C VAL C 23 -8.18 -14.11 -27.21
N ASP C 24 -7.65 -15.33 -27.24
CA ASP C 24 -6.84 -15.92 -26.17
C ASP C 24 -5.37 -15.75 -26.55
N PHE C 25 -4.62 -15.02 -25.74
CA PHE C 25 -3.22 -14.68 -26.02
C PHE C 25 -2.39 -15.33 -24.92
N THR C 26 -1.60 -16.34 -25.27
CA THR C 26 -0.85 -17.10 -24.27
C THR C 26 0.63 -16.76 -24.32
N THR C 27 1.20 -16.52 -23.15
CA THR C 27 2.64 -16.37 -22.99
C THR C 27 3.11 -17.29 -21.87
N ASP C 28 4.39 -17.17 -21.48
CA ASP C 28 4.91 -17.90 -20.33
C ASP C 28 4.22 -17.48 -19.03
N LYS C 29 3.61 -16.30 -18.99
CA LYS C 29 2.89 -15.86 -17.80
C LYS C 29 1.46 -16.38 -17.75
N GLY C 30 0.96 -16.98 -18.82
CA GLY C 30 -0.38 -17.50 -18.75
C GLY C 30 -1.19 -17.09 -19.96
N LEU C 31 -2.51 -17.18 -19.81
CA LEU C 31 -3.47 -16.94 -20.89
C LEU C 31 -4.22 -15.65 -20.62
N PHE C 32 -4.23 -14.73 -21.58
CA PHE C 32 -4.84 -13.42 -21.42
C PHE C 32 -5.89 -13.23 -22.49
N ARG C 33 -7.07 -12.77 -22.08
CA ARG C 33 -8.24 -12.79 -22.94
C ARG C 33 -8.72 -11.35 -23.17
N SER C 34 -9.04 -11.02 -24.42
CA SER C 34 -9.70 -9.76 -24.74
C SER C 34 -10.87 -10.03 -25.67
N ILE C 35 -11.92 -9.22 -25.54
CA ILE C 35 -13.10 -9.33 -26.40
C ILE C 35 -13.33 -7.99 -27.09
N VAL C 36 -13.66 -8.03 -28.37
CA VAL C 36 -13.86 -6.84 -29.18
C VAL C 36 -15.31 -6.38 -29.03
N PRO C 37 -15.57 -5.12 -28.70
CA PRO C 37 -16.94 -4.59 -28.64
C PRO C 37 -17.43 -4.20 -30.03
N SER C 38 -18.70 -3.80 -30.12
CA SER C 38 -19.29 -3.51 -31.42
C SER C 38 -20.31 -2.39 -31.30
N GLY C 39 -20.21 -1.37 -32.16
CA GLY C 39 -21.20 -0.31 -32.16
C GLY C 39 -22.48 -0.76 -32.85
N ALA C 40 -23.62 -0.34 -32.29
CA ALA C 40 -24.87 -0.64 -32.98
C ALA C 40 -25.10 0.31 -34.16
N SER C 41 -24.49 1.49 -34.10
CA SER C 41 -24.59 2.52 -35.15
C SER C 41 -23.20 3.15 -35.27
N THR C 42 -22.49 2.79 -36.32
CA THR C 42 -21.08 3.14 -36.46
C THR C 42 -20.92 4.36 -37.36
N GLY C 43 -19.92 5.19 -37.05
CA GLY C 43 -19.59 6.26 -37.96
C GLY C 43 -19.07 5.73 -39.28
N VAL C 44 -19.31 6.47 -40.37
CA VAL C 44 -18.90 6.00 -41.69
C VAL C 44 -17.38 5.94 -41.81
N HIS C 45 -16.64 6.63 -40.94
CA HIS C 45 -15.18 6.66 -41.01
C HIS C 45 -14.50 5.68 -40.06
N GLU C 46 -15.26 4.83 -39.36
CA GLU C 46 -14.66 3.85 -38.47
C GLU C 46 -13.88 2.80 -39.25
N ALA C 47 -12.86 2.24 -38.61
CA ALA C 47 -12.19 1.08 -39.19
C ALA C 47 -13.20 -0.05 -39.43
N LEU C 48 -12.90 -0.91 -40.40
CA LEU C 48 -13.88 -1.91 -40.85
C LEU C 48 -14.10 -2.99 -39.79
N GLU C 49 -15.34 -3.14 -39.34
CA GLU C 49 -15.74 -4.33 -38.59
C GLU C 49 -16.18 -5.40 -39.58
N LEU C 50 -15.47 -6.53 -39.61
CA LEU C 50 -15.70 -7.56 -40.61
C LEU C 50 -16.78 -8.53 -40.11
N ARG C 51 -17.90 -8.58 -40.85
CA ARG C 51 -18.99 -9.51 -40.61
C ARG C 51 -19.13 -10.46 -41.79
N ASP C 52 -19.68 -11.65 -41.55
CA ASP C 52 -19.70 -12.68 -42.59
C ASP C 52 -20.72 -12.41 -43.69
N GLY C 53 -21.85 -11.80 -43.34
CA GLY C 53 -22.90 -11.57 -44.31
C GLY C 53 -23.64 -12.81 -44.77
N ASP C 54 -23.58 -13.90 -44.02
CA ASP C 54 -24.35 -15.11 -44.36
C ASP C 54 -25.71 -14.98 -43.68
N LYS C 55 -26.74 -14.63 -44.46
CA LYS C 55 -28.04 -14.36 -43.85
C LYS C 55 -28.70 -15.61 -43.26
N SER C 56 -28.22 -16.80 -43.60
CA SER C 56 -28.71 -17.99 -42.92
C SER C 56 -28.12 -18.18 -41.53
N LYS C 57 -27.15 -17.35 -41.11
CA LYS C 57 -26.50 -17.52 -39.81
C LYS C 57 -26.41 -16.17 -39.12
N TRP C 58 -26.95 -16.09 -37.89
CA TRP C 58 -26.85 -14.89 -37.06
C TRP C 58 -27.36 -13.65 -37.80
N LEU C 59 -28.33 -13.83 -38.68
CA LEU C 59 -28.86 -12.72 -39.47
C LEU C 59 -27.76 -12.00 -40.25
N GLY C 60 -26.74 -12.72 -40.68
CA GLY C 60 -25.64 -12.12 -41.41
C GLY C 60 -24.57 -11.48 -40.54
N LYS C 61 -24.66 -11.60 -39.21
CA LYS C 61 -23.72 -10.92 -38.33
C LYS C 61 -22.62 -11.85 -37.79
N GLY C 62 -22.42 -13.03 -38.39
CA GLY C 62 -21.32 -13.89 -37.97
C GLY C 62 -19.98 -13.16 -38.04
N VAL C 63 -19.04 -13.60 -37.21
CA VAL C 63 -17.67 -13.08 -37.33
C VAL C 63 -16.69 -14.23 -37.55
N LEU C 64 -17.17 -15.30 -38.18
CA LEU C 64 -16.31 -16.45 -38.48
C LEU C 64 -15.13 -16.08 -39.36
N LYS C 65 -15.29 -15.11 -40.29
CA LYS C 65 -14.16 -14.74 -41.15
C LYS C 65 -13.10 -13.98 -40.36
N ALA C 66 -13.53 -13.06 -39.48
CA ALA C 66 -12.55 -12.35 -38.64
C ALA C 66 -11.84 -13.32 -37.71
N VAL C 67 -12.58 -14.25 -37.08
CA VAL C 67 -11.97 -15.25 -36.23
C VAL C 67 -10.97 -16.09 -37.02
N ALA C 68 -11.30 -16.46 -38.25
CA ALA C 68 -10.36 -17.25 -39.04
C ALA C 68 -9.14 -16.43 -39.43
N ASN C 69 -9.31 -15.11 -39.64
CA ASN C 69 -8.18 -14.24 -39.91
C ASN C 69 -7.19 -14.24 -38.74
N VAL C 70 -7.70 -14.18 -37.51
CA VAL C 70 -6.83 -14.33 -36.33
C VAL C 70 -6.13 -15.69 -36.36
N ASN C 71 -6.91 -16.78 -36.47
CA ASN C 71 -6.34 -18.11 -36.26
C ASN C 71 -5.40 -18.53 -37.38
N ASP C 72 -5.70 -18.14 -38.62
CA ASP C 72 -4.97 -18.65 -39.78
C ASP C 72 -3.94 -17.68 -40.34
N ILE C 73 -4.09 -16.36 -40.13
CA ILE C 73 -3.19 -15.36 -40.69
C ILE C 73 -2.38 -14.65 -39.60
N ILE C 74 -3.08 -14.04 -38.63
CA ILE C 74 -2.38 -13.21 -37.66
C ILE C 74 -1.57 -14.07 -36.70
N ALA C 75 -2.18 -15.11 -36.14
CA ALA C 75 -1.52 -15.88 -35.09
C ALA C 75 -0.22 -16.54 -35.55
N PRO C 76 -0.17 -17.28 -36.65
CA PRO C 76 1.12 -17.85 -37.08
C PRO C 76 2.18 -16.80 -37.31
N ALA C 77 1.84 -15.69 -37.98
CA ALA C 77 2.83 -14.67 -38.28
C ALA C 77 3.34 -14.00 -37.01
N LEU C 78 2.43 -13.58 -36.14
CA LEU C 78 2.87 -12.90 -34.92
C LEU C 78 3.73 -13.83 -34.05
N ILE C 79 3.33 -15.09 -33.91
CA ILE C 79 4.09 -16.03 -33.07
C ILE C 79 5.50 -16.19 -33.61
N LYS C 80 5.63 -16.33 -34.93
CA LYS C 80 6.94 -16.41 -35.56
C LYS C 80 7.79 -15.20 -35.23
N ALA C 81 7.17 -14.01 -35.14
CA ALA C 81 7.93 -12.78 -34.99
C ALA C 81 8.53 -12.61 -33.59
N LYS C 82 8.00 -13.33 -32.59
CA LYS C 82 8.52 -13.32 -31.21
C LYS C 82 8.71 -11.91 -30.69
N ILE C 83 7.66 -11.10 -30.81
CA ILE C 83 7.73 -9.71 -30.37
C ILE C 83 7.52 -9.66 -28.86
N ASP C 84 8.34 -8.87 -28.19
CA ASP C 84 8.15 -8.61 -26.77
C ASP C 84 6.82 -7.89 -26.56
N VAL C 85 5.94 -8.46 -25.73
CA VAL C 85 4.61 -7.90 -25.57
C VAL C 85 4.64 -6.55 -24.85
N VAL C 86 5.70 -6.27 -24.11
CA VAL C 86 5.84 -4.97 -23.45
C VAL C 86 5.94 -3.86 -24.48
N ASP C 87 6.46 -4.18 -25.67
CA ASP C 87 6.62 -3.22 -26.76
C ASP C 87 5.33 -3.18 -27.58
N GLN C 88 4.32 -2.52 -27.02
CA GLN C 88 3.01 -2.46 -27.65
C GLN C 88 3.09 -1.85 -29.05
N ALA C 89 3.92 -0.82 -29.22
CA ALA C 89 4.00 -0.16 -30.51
C ALA C 89 4.52 -1.11 -31.57
N LYS C 90 5.47 -1.98 -31.21
CA LYS C 90 5.99 -2.95 -32.17
C LYS C 90 4.97 -4.05 -32.44
N ILE C 91 4.23 -4.47 -31.40
CA ILE C 91 3.12 -5.39 -31.63
C ILE C 91 2.17 -4.81 -32.66
N ASP C 92 1.77 -3.55 -32.49
CA ASP C 92 0.74 -2.97 -33.32
C ASP C 92 1.25 -2.61 -34.70
N GLU C 93 2.52 -2.22 -34.81
CA GLU C 93 3.13 -2.02 -36.12
C GLU C 93 3.08 -3.31 -36.94
N PHE C 94 3.44 -4.44 -36.32
CA PHE C 94 3.36 -5.72 -36.99
C PHE C 94 1.93 -6.04 -37.44
N LEU C 95 0.96 -5.86 -36.55
CA LEU C 95 -0.43 -6.13 -36.91
C LEU C 95 -0.87 -5.28 -38.10
N LEU C 96 -0.52 -4.00 -38.10
CA LEU C 96 -0.88 -3.11 -39.21
C LEU C 96 -0.17 -3.50 -40.51
N SER C 97 1.07 -3.99 -40.39
CA SER C 97 1.81 -4.48 -41.56
C SER C 97 1.14 -5.69 -42.20
N LEU C 98 0.44 -6.52 -41.41
CA LEU C 98 -0.24 -7.68 -41.99
C LEU C 98 -1.47 -7.27 -42.78
N ASP C 99 -2.15 -6.20 -42.38
CA ASP C 99 -3.34 -5.77 -43.09
C ASP C 99 -3.02 -4.86 -44.27
N GLY C 100 -2.24 -3.80 -44.04
CA GLY C 100 -1.73 -2.96 -45.10
C GLY C 100 -2.72 -2.03 -45.74
N THR C 101 -3.89 -1.83 -45.13
CA THR C 101 -4.92 -0.94 -45.65
C THR C 101 -5.24 0.14 -44.63
N PRO C 102 -5.72 1.31 -45.06
CA PRO C 102 -5.93 2.42 -44.11
C PRO C 102 -7.10 2.21 -43.16
N ASN C 103 -8.09 1.39 -43.52
CA ASN C 103 -9.22 1.16 -42.64
C ASN C 103 -9.26 -0.28 -42.12
N LYS C 104 -8.17 -1.04 -42.26
CA LYS C 104 -8.09 -2.44 -41.82
C LYS C 104 -9.17 -3.30 -42.48
N SER C 105 -9.41 -3.05 -43.77
CA SER C 105 -10.43 -3.75 -44.53
C SER C 105 -9.95 -5.09 -45.09
N LYS C 106 -8.68 -5.43 -44.94
CA LYS C 106 -8.23 -6.75 -45.39
C LYS C 106 -8.52 -7.79 -44.33
N LEU C 107 -8.16 -7.52 -43.08
CA LEU C 107 -8.33 -8.50 -42.01
C LEU C 107 -9.50 -8.20 -41.09
N GLY C 108 -9.95 -6.95 -41.02
CA GLY C 108 -10.96 -6.62 -40.02
C GLY C 108 -10.33 -5.94 -38.81
N ALA C 109 -10.84 -4.76 -38.46
CA ALA C 109 -10.41 -4.14 -37.22
C ALA C 109 -10.77 -5.02 -36.03
N ASN C 110 -11.81 -5.85 -36.17
CA ASN C 110 -12.19 -6.75 -35.09
C ASN C 110 -11.36 -8.02 -35.08
N ALA C 111 -10.53 -8.27 -36.09
CA ALA C 111 -9.52 -9.32 -35.95
C ALA C 111 -8.25 -8.77 -35.33
N ILE C 112 -7.89 -7.53 -35.68
CA ILE C 112 -6.65 -6.92 -35.19
C ILE C 112 -6.80 -6.50 -33.73
N LEU C 113 -7.92 -5.88 -33.37
CA LEU C 113 -8.01 -5.25 -32.05
C LEU C 113 -7.85 -6.26 -30.92
N GLY C 114 -8.53 -7.41 -31.03
CA GLY C 114 -8.45 -8.38 -29.95
C GLY C 114 -7.03 -8.82 -29.64
N VAL C 115 -6.22 -8.98 -30.67
CA VAL C 115 -4.81 -9.31 -30.45
C VAL C 115 -4.09 -8.14 -29.78
N SER C 116 -4.33 -6.93 -30.26
CA SER C 116 -3.68 -5.74 -29.69
C SER C 116 -3.96 -5.64 -28.19
N LEU C 117 -5.22 -5.82 -27.79
CA LEU C 117 -5.56 -5.61 -26.39
C LEU C 117 -5.08 -6.78 -25.52
N ALA C 118 -5.14 -8.01 -26.01
CA ALA C 118 -4.68 -9.14 -25.20
C ALA C 118 -3.18 -9.09 -24.98
N ALA C 119 -2.43 -8.59 -25.97
CA ALA C 119 -0.99 -8.39 -25.80
C ALA C 119 -0.70 -7.40 -24.67
N ALA C 120 -1.49 -6.32 -24.57
CA ALA C 120 -1.27 -5.36 -23.49
C ALA C 120 -1.57 -5.96 -22.12
N ASN C 121 -2.60 -6.81 -22.01
CA ASN C 121 -2.86 -7.53 -20.76
C ASN C 121 -1.70 -8.45 -20.43
N ALA C 122 -1.18 -9.17 -21.43
CA ALA C 122 -0.04 -10.05 -21.26
C ALA C 122 1.19 -9.27 -20.81
N ALA C 123 1.36 -8.05 -21.34
CA ALA C 123 2.51 -7.22 -21.00
C ALA C 123 2.49 -6.80 -19.54
N ALA C 124 1.31 -6.48 -19.01
CA ALA C 124 1.19 -6.11 -17.61
C ALA C 124 1.63 -7.24 -16.70
N ALA C 125 1.16 -8.46 -16.98
CA ALA C 125 1.58 -9.62 -16.20
C ALA C 125 3.08 -9.86 -16.33
N ALA C 126 3.64 -9.66 -17.53
CA ALA C 126 5.08 -9.85 -17.71
C ALA C 126 5.87 -8.90 -16.83
N GLN C 127 5.36 -7.68 -16.59
CA GLN C 127 6.03 -6.72 -15.73
C GLN C 127 5.62 -6.82 -14.28
N GLY C 128 4.64 -7.65 -13.94
CA GLY C 128 4.17 -7.69 -12.57
C GLY C 128 3.48 -6.43 -12.09
N ILE C 129 2.79 -5.73 -12.99
CA ILE C 129 2.09 -4.48 -12.66
C ILE C 129 0.66 -4.58 -13.16
N PRO C 130 -0.25 -3.79 -12.61
CA PRO C 130 -1.62 -3.79 -13.12
C PRO C 130 -1.70 -3.14 -14.49
N LEU C 131 -2.75 -3.54 -15.24
CA LEU C 131 -2.92 -3.03 -16.60
C LEU C 131 -2.93 -1.51 -16.67
N TYR C 132 -3.63 -0.84 -15.74
CA TYR C 132 -3.67 0.62 -15.80
C TYR C 132 -2.30 1.24 -15.62
N LYS C 133 -1.44 0.62 -14.82
CA LYS C 133 -0.08 1.12 -14.66
C LYS C 133 0.71 0.99 -15.96
N HIS C 134 0.58 -0.15 -16.64
CA HIS C 134 1.24 -0.36 -17.93
C HIS C 134 0.73 0.61 -18.98
N ILE C 135 -0.58 0.84 -19.03
CA ILE C 135 -1.11 1.83 -19.96
C ILE C 135 -0.56 3.22 -19.64
N ALA C 136 -0.48 3.58 -18.36
CA ALA C 136 0.09 4.88 -17.99
C ALA C 136 1.54 5.00 -18.47
N ASN C 137 2.29 3.89 -18.39
CA ASN C 137 3.68 3.86 -18.88
C ASN C 137 3.76 4.08 -20.39
N ILE C 138 3.07 3.25 -21.16
CA ILE C 138 3.20 3.32 -22.60
C ILE C 138 2.49 4.54 -23.18
N SER C 139 1.58 5.16 -22.45
CA SER C 139 0.95 6.39 -22.89
C SER C 139 1.72 7.63 -22.47
N ASN C 140 2.78 7.45 -21.69
CA ASN C 140 3.57 8.57 -21.16
C ASN C 140 2.73 9.52 -20.29
N ALA C 141 1.79 8.96 -19.53
CA ALA C 141 0.95 9.76 -18.64
C ALA C 141 1.81 10.59 -17.69
N LYS C 142 1.29 11.76 -17.32
CA LYS C 142 1.97 12.60 -16.34
C LYS C 142 2.15 11.84 -15.02
N LYS C 143 3.31 12.02 -14.40
CA LYS C 143 3.63 11.34 -13.14
C LYS C 143 2.91 12.04 -11.99
N GLY C 144 2.45 11.25 -11.02
CA GLY C 144 1.72 11.81 -9.90
C GLY C 144 0.67 10.83 -9.42
N LYS C 145 -0.33 11.35 -8.71
CA LYS C 145 -1.46 10.51 -8.32
C LYS C 145 -2.15 9.96 -9.54
N PHE C 146 -2.67 8.75 -9.44
CA PHE C 146 -3.58 8.27 -10.47
C PHE C 146 -4.90 9.02 -10.36
N VAL C 147 -5.58 9.19 -11.48
CA VAL C 147 -6.84 9.91 -11.52
C VAL C 147 -7.93 8.93 -11.89
N LEU C 148 -8.98 8.85 -11.05
CA LEU C 148 -10.13 8.00 -11.34
C LEU C 148 -11.19 8.82 -12.06
N PRO C 149 -11.86 8.21 -13.03
CA PRO C 149 -12.73 8.97 -13.93
C PRO C 149 -14.09 9.26 -13.35
N VAL C 150 -14.64 10.39 -13.76
CA VAL C 150 -16.07 10.61 -13.56
C VAL C 150 -16.84 9.61 -14.41
N PRO C 151 -17.74 8.82 -13.85
CA PRO C 151 -18.60 7.95 -14.66
C PRO C 151 -19.78 8.72 -15.24
N PHE C 152 -19.75 8.95 -16.56
CA PHE C 152 -20.85 9.52 -17.32
C PHE C 152 -21.84 8.41 -17.66
N GLN C 153 -22.99 8.39 -16.99
CA GLN C 153 -23.89 7.24 -16.95
C GLN C 153 -25.14 7.51 -17.77
N ASN C 154 -25.33 6.73 -18.84
CA ASN C 154 -26.44 6.93 -19.77
C ASN C 154 -27.73 6.36 -19.18
N VAL C 155 -28.43 7.17 -18.38
CA VAL C 155 -29.61 6.69 -17.64
C VAL C 155 -30.91 6.82 -18.43
N LEU C 156 -30.91 7.47 -19.58
CA LEU C 156 -32.14 7.65 -20.35
C LEU C 156 -31.78 7.58 -21.83
N ASN C 157 -32.33 6.60 -22.53
CA ASN C 157 -31.95 6.29 -23.90
C ASN C 157 -32.97 6.87 -24.86
N GLY C 158 -32.49 7.33 -26.02
CA GLY C 158 -33.36 7.99 -26.98
C GLY C 158 -33.02 7.71 -28.45
N GLY C 159 -33.65 8.44 -29.36
CA GLY C 159 -33.41 8.25 -30.78
C GLY C 159 -34.17 7.07 -31.39
N GLY C 163 -38.60 4.25 -29.01
CA GLY C 163 -39.38 5.41 -28.60
C GLY C 163 -39.31 6.47 -29.67
N GLY C 164 -40.23 7.43 -29.63
CA GLY C 164 -40.56 8.22 -30.80
C GLY C 164 -40.54 9.71 -30.56
N ALA C 165 -40.10 10.43 -31.59
CA ALA C 165 -39.95 11.89 -31.66
C ALA C 165 -38.67 12.36 -31.00
N LEU C 166 -38.35 11.87 -29.80
CA LEU C 166 -37.12 12.26 -29.11
C LEU C 166 -35.90 11.83 -29.92
N ALA C 167 -35.22 12.78 -30.56
CA ALA C 167 -34.16 12.43 -31.50
C ALA C 167 -32.83 12.10 -30.83
N PHE C 168 -32.52 12.76 -29.72
CA PHE C 168 -31.20 12.63 -29.10
C PHE C 168 -31.01 11.22 -28.53
N GLN C 169 -29.80 10.68 -28.68
CA GLN C 169 -29.57 9.26 -28.41
C GLN C 169 -29.29 8.96 -26.94
N GLU C 170 -28.53 9.80 -26.24
CA GLU C 170 -28.14 9.48 -24.86
C GLU C 170 -28.28 10.68 -23.96
N PHE C 171 -28.87 10.48 -22.78
CA PHE C 171 -28.90 11.47 -21.71
C PHE C 171 -28.20 10.88 -20.50
N MET C 172 -27.10 11.50 -20.08
CA MET C 172 -26.23 10.99 -19.05
C MET C 172 -26.26 11.85 -17.80
N ILE C 173 -25.97 11.24 -16.66
CA ILE C 173 -25.68 12.00 -15.44
C ILE C 173 -24.19 11.84 -15.16
N ALA C 174 -23.61 12.88 -14.55
CA ALA C 174 -22.19 12.91 -14.23
C ALA C 174 -22.01 13.43 -12.81
N PRO C 175 -21.78 12.54 -11.84
CA PRO C 175 -21.68 12.94 -10.43
C PRO C 175 -20.31 13.54 -10.08
N THR C 176 -20.18 14.82 -10.43
CA THR C 176 -18.94 15.57 -10.24
C THR C 176 -18.83 16.21 -8.87
N GLY C 177 -19.94 16.37 -8.15
CA GLY C 177 -19.92 17.13 -6.91
C GLY C 177 -19.58 16.31 -5.67
N VAL C 178 -18.90 15.18 -5.84
CA VAL C 178 -18.50 14.35 -4.71
C VAL C 178 -17.00 14.14 -4.76
N SER C 179 -16.45 13.63 -3.66
CA SER C 179 -15.01 13.60 -3.50
C SER C 179 -14.37 12.25 -3.82
N THR C 180 -15.15 11.18 -3.98
CA THR C 180 -14.57 9.89 -4.32
C THR C 180 -15.35 9.20 -5.44
N PHE C 181 -14.66 8.31 -6.16
CA PHE C 181 -15.32 7.52 -7.20
C PHE C 181 -16.41 6.62 -6.60
N SER C 182 -16.11 5.96 -5.48
CA SER C 182 -17.12 5.15 -4.79
C SER C 182 -18.40 5.95 -4.54
N GLU C 183 -18.27 7.19 -4.06
CA GLU C 183 -19.46 8.01 -3.83
C GLU C 183 -20.16 8.36 -5.13
N ALA C 184 -19.40 8.66 -6.19
CA ALA C 184 -20.00 8.99 -7.47
C ALA C 184 -20.84 7.85 -7.99
N LEU C 185 -20.34 6.62 -7.84
CA LEU C 185 -21.08 5.44 -8.28
C LEU C 185 -22.33 5.21 -7.43
N ARG C 186 -22.21 5.38 -6.11
CA ARG C 186 -23.37 5.22 -5.25
C ARG C 186 -24.45 6.24 -5.57
N ILE C 187 -24.04 7.50 -5.75
CA ILE C 187 -25.02 8.52 -6.13
C ILE C 187 -25.62 8.22 -7.49
N GLY C 188 -24.79 7.81 -8.44
CA GLY C 188 -25.31 7.38 -9.74
C GLY C 188 -26.36 6.30 -9.64
N SER C 189 -26.06 5.23 -8.89
CA SER C 189 -27.07 4.17 -8.75
C SER C 189 -28.33 4.68 -8.08
N GLU C 190 -28.21 5.61 -7.12
CA GLU C 190 -29.40 6.09 -6.43
C GLU C 190 -30.24 6.99 -7.32
N VAL C 191 -29.59 7.85 -8.09
CA VAL C 191 -30.32 8.71 -9.03
C VAL C 191 -31.02 7.84 -10.08
N TYR C 192 -30.28 6.87 -10.64
CA TYR C 192 -30.86 5.94 -11.61
C TYR C 192 -32.09 5.23 -11.06
N HIS C 193 -31.98 4.69 -9.84
CA HIS C 193 -33.12 3.98 -9.27
C HIS C 193 -34.30 4.92 -9.05
N ASN C 194 -34.01 6.14 -8.62
CA ASN C 194 -35.09 7.13 -8.49
C ASN C 194 -35.70 7.44 -9.85
N LEU C 195 -34.85 7.57 -10.88
CA LEU C 195 -35.34 7.84 -12.23
C LEU C 195 -36.23 6.71 -12.74
N LYS C 196 -35.83 5.45 -12.50
CA LYS C 196 -36.63 4.33 -12.97
C LYS C 196 -38.00 4.32 -12.31
N SER C 197 -38.08 4.66 -11.02
CA SER C 197 -39.35 4.71 -10.32
C SER C 197 -40.24 5.85 -10.84
N LEU C 198 -39.65 7.04 -11.00
CA LEU C 198 -40.39 8.17 -11.58
C LEU C 198 -40.86 7.85 -12.99
N THR C 199 -40.02 7.19 -13.77
CA THR C 199 -40.37 6.88 -15.16
C THR C 199 -41.55 5.91 -15.21
N LYS C 200 -41.54 4.88 -14.36
CA LYS C 200 -42.65 3.94 -14.33
C LYS C 200 -43.94 4.62 -13.91
N LYS C 201 -43.88 5.48 -12.88
CA LYS C 201 -45.10 6.11 -12.37
C LYS C 201 -45.69 7.08 -13.40
N LYS C 202 -44.85 7.65 -14.27
CA LYS C 202 -45.29 8.65 -15.23
C LYS C 202 -45.61 8.06 -16.59
N TYR C 203 -44.86 7.06 -17.06
CA TYR C 203 -45.02 6.54 -18.41
C TYR C 203 -45.45 5.09 -18.46
N GLY C 204 -45.76 4.47 -17.33
CA GLY C 204 -46.13 3.08 -17.31
C GLY C 204 -44.92 2.17 -17.11
N GLN C 205 -45.23 0.92 -16.78
CA GLN C 205 -44.21 -0.07 -16.46
C GLN C 205 -43.28 -0.33 -17.64
N SER C 206 -43.85 -0.43 -18.85
CA SER C 206 -43.06 -0.62 -20.06
C SER C 206 -41.87 0.33 -20.15
N ALA C 207 -42.08 1.60 -19.80
CA ALA C 207 -41.06 2.63 -19.98
C ALA C 207 -39.90 2.47 -19.01
N GLY C 208 -40.08 1.71 -17.93
CA GLY C 208 -39.00 1.34 -17.01
C GLY C 208 -38.08 0.24 -17.52
N ASN C 209 -38.50 -0.51 -18.53
CA ASN C 209 -37.56 -1.39 -19.21
C ASN C 209 -36.49 -0.54 -19.91
N VAL C 210 -35.41 -1.20 -20.32
CA VAL C 210 -34.18 -0.49 -20.60
C VAL C 210 -33.75 -0.69 -22.04
N GLY C 211 -32.94 0.26 -22.51
CA GLY C 211 -32.29 0.16 -23.79
C GLY C 211 -30.96 -0.57 -23.71
N ASP C 212 -30.23 -0.49 -24.83
CA ASP C 212 -29.00 -1.27 -25.00
C ASP C 212 -27.98 -0.99 -23.89
N GLU C 213 -27.87 0.26 -23.45
CA GLU C 213 -26.84 0.62 -22.47
C GLU C 213 -27.39 0.74 -21.05
N GLY C 214 -28.63 0.30 -20.81
CA GLY C 214 -29.17 0.16 -19.46
C GLY C 214 -30.04 1.31 -19.00
N GLY C 215 -30.14 2.40 -19.76
CA GLY C 215 -31.01 3.49 -19.37
C GLY C 215 -32.47 3.17 -19.67
N VAL C 216 -33.38 3.83 -18.92
CA VAL C 216 -34.80 3.66 -19.22
C VAL C 216 -35.09 4.25 -20.60
N ALA C 217 -36.21 3.81 -21.19
CA ALA C 217 -36.51 4.10 -22.59
C ALA C 217 -37.99 4.47 -22.75
N PRO C 218 -38.42 5.57 -22.15
CA PRO C 218 -39.81 5.99 -22.30
C PRO C 218 -40.03 6.66 -23.65
N ASP C 219 -41.29 6.63 -24.08
CA ASP C 219 -41.76 7.30 -25.29
C ASP C 219 -41.93 8.80 -25.02
N ILE C 220 -40.86 9.57 -25.26
CA ILE C 220 -40.78 10.99 -24.95
C ILE C 220 -40.68 11.78 -26.24
N LYS C 221 -41.25 12.99 -26.25
CA LYS C 221 -41.25 13.81 -27.47
C LYS C 221 -40.04 14.73 -27.58
N THR C 222 -39.73 15.49 -26.52
CA THR C 222 -38.79 16.60 -26.60
C THR C 222 -37.60 16.42 -25.64
N PRO C 223 -36.45 17.04 -25.94
CA PRO C 223 -35.34 16.97 -24.98
C PRO C 223 -35.69 17.59 -23.63
N LYS C 224 -36.51 18.64 -23.63
CA LYS C 224 -36.91 19.24 -22.37
C LYS C 224 -37.62 18.23 -21.46
N GLU C 225 -38.44 17.35 -22.06
CA GLU C 225 -39.13 16.33 -21.30
C GLU C 225 -38.16 15.36 -20.64
N ALA C 226 -37.15 14.93 -21.38
CA ALA C 226 -36.17 14.00 -20.83
C ALA C 226 -35.36 14.68 -19.74
N LEU C 227 -35.00 15.94 -19.95
CA LEU C 227 -34.11 16.64 -19.03
C LEU C 227 -34.83 17.03 -17.75
N ASP C 228 -36.12 17.39 -17.85
CA ASP C 228 -36.91 17.63 -16.64
C ASP C 228 -37.02 16.36 -15.81
N LEU C 229 -37.20 15.22 -16.47
CA LEU C 229 -37.28 13.95 -15.76
C LEU C 229 -35.99 13.66 -14.99
N ILE C 230 -34.86 13.88 -15.63
CA ILE C 230 -33.57 13.61 -14.98
C ILE C 230 -33.35 14.56 -13.80
N MET C 231 -33.70 15.85 -13.97
CA MET C 231 -33.56 16.82 -12.88
C MET C 231 -34.40 16.42 -11.67
N ASP C 232 -35.63 15.96 -11.90
CA ASP C 232 -36.48 15.48 -10.82
C ASP C 232 -35.85 14.29 -10.10
N ALA C 233 -35.29 13.33 -10.85
CA ALA C 233 -34.66 12.17 -10.23
C ALA C 233 -33.47 12.60 -9.37
N ILE C 234 -32.62 13.48 -9.90
CA ILE C 234 -31.50 13.99 -9.10
C ILE C 234 -32.00 14.64 -7.82
N ASP C 235 -33.07 15.43 -7.93
CA ASP C 235 -33.60 16.13 -6.77
C ASP C 235 -34.26 15.15 -5.78
N LYS C 236 -35.11 14.24 -6.28
CA LYS C 236 -35.77 13.32 -5.37
C LYS C 236 -34.78 12.39 -4.67
N ALA C 237 -33.65 12.11 -5.33
CA ALA C 237 -32.65 11.27 -4.71
C ALA C 237 -31.86 12.00 -3.63
N GLY C 238 -31.93 13.34 -3.61
CA GLY C 238 -31.28 14.12 -2.59
C GLY C 238 -30.00 14.82 -2.99
N TYR C 239 -29.67 14.86 -4.29
CA TYR C 239 -28.37 15.35 -4.73
C TYR C 239 -28.48 16.55 -5.67
N LYS C 240 -29.47 17.41 -5.46
CA LYS C 240 -29.63 18.60 -6.27
C LYS C 240 -28.36 19.45 -6.25
N GLY C 241 -27.88 19.83 -7.44
CA GLY C 241 -26.69 20.65 -7.55
C GLY C 241 -25.37 19.91 -7.46
N LYS C 242 -25.38 18.59 -7.31
CA LYS C 242 -24.14 17.83 -7.32
C LYS C 242 -23.98 16.94 -8.54
N VAL C 243 -24.96 16.92 -9.44
CA VAL C 243 -24.92 16.00 -10.58
C VAL C 243 -25.07 16.80 -11.88
N GLY C 244 -24.02 16.79 -12.70
CA GLY C 244 -24.13 17.35 -14.04
C GLY C 244 -24.82 16.40 -15.02
N ILE C 245 -25.23 16.97 -16.14
CA ILE C 245 -25.92 16.23 -17.19
C ILE C 245 -25.06 16.31 -18.45
N ALA C 246 -25.01 15.20 -19.19
CA ALA C 246 -24.31 15.17 -20.47
C ALA C 246 -25.23 14.55 -21.51
N MET C 247 -25.02 14.94 -22.78
CA MET C 247 -25.85 14.45 -23.88
C MET C 247 -24.95 13.93 -24.99
N ASP C 248 -25.33 12.78 -25.56
CA ASP C 248 -24.78 12.28 -26.82
C ASP C 248 -25.92 12.37 -27.82
N VAL C 249 -25.87 13.41 -28.67
CA VAL C 249 -26.95 13.63 -29.62
C VAL C 249 -26.95 12.56 -30.72
N ALA C 250 -25.78 12.03 -31.07
CA ALA C 250 -25.59 11.21 -32.28
C ALA C 250 -26.36 11.78 -33.47
N SER C 251 -26.04 13.04 -33.79
CA SER C 251 -26.85 13.78 -34.76
C SER C 251 -26.70 13.29 -36.20
N SER C 252 -25.60 12.60 -36.53
CA SER C 252 -25.51 12.00 -37.87
C SER C 252 -26.69 11.10 -38.17
N GLU C 253 -27.29 10.49 -37.14
CA GLU C 253 -28.43 9.62 -37.35
C GLU C 253 -29.65 10.35 -37.89
N PHE C 254 -29.75 11.68 -37.74
CA PHE C 254 -30.88 12.39 -38.30
C PHE C 254 -30.47 13.54 -39.21
N TYR C 255 -29.26 13.47 -39.76
CA TYR C 255 -28.76 14.44 -40.73
C TYR C 255 -29.20 13.97 -42.13
N LYS C 256 -30.07 14.74 -42.77
CA LYS C 256 -30.60 14.38 -44.08
C LYS C 256 -30.75 15.65 -44.89
N ASP C 257 -30.33 15.60 -46.16
CA ASP C 257 -30.49 16.72 -47.08
C ASP C 257 -29.85 18.00 -46.53
N GLY C 258 -28.73 17.87 -45.82
CA GLY C 258 -28.07 19.02 -45.24
C GLY C 258 -28.76 19.64 -44.06
N LYS C 259 -29.82 19.02 -43.54
CA LYS C 259 -30.60 19.54 -42.41
C LYS C 259 -30.72 18.45 -41.36
N TYR C 260 -31.31 18.79 -40.22
CA TYR C 260 -31.40 17.90 -39.06
C TYR C 260 -32.87 17.65 -38.75
N ASP C 261 -33.29 16.39 -38.83
CA ASP C 261 -34.70 16.01 -38.63
C ASP C 261 -34.89 15.54 -37.19
N LEU C 262 -35.29 16.48 -36.32
CA LEU C 262 -35.50 16.10 -34.92
C LEU C 262 -36.71 15.20 -34.73
N ASP C 263 -37.58 15.09 -35.74
CA ASP C 263 -38.70 14.15 -35.75
C ASP C 263 -38.41 12.95 -36.66
N PHE C 264 -37.17 12.46 -36.66
CA PHE C 264 -36.74 11.53 -37.71
C PHE C 264 -37.32 10.12 -37.53
N LYS C 265 -37.56 9.68 -36.30
CA LYS C 265 -38.06 8.33 -36.11
C LYS C 265 -39.50 8.17 -36.59
N ASN C 266 -40.13 9.25 -37.07
CA ASN C 266 -41.51 9.22 -37.52
C ASN C 266 -41.54 9.11 -39.04
N PRO C 267 -41.86 7.93 -39.60
CA PRO C 267 -41.83 7.76 -41.07
C PRO C 267 -42.52 8.88 -41.84
N GLU C 268 -43.65 9.34 -41.34
CA GLU C 268 -44.28 10.55 -41.86
C GLU C 268 -43.71 11.73 -41.08
N SER C 269 -42.54 12.21 -41.50
CA SER C 269 -41.99 13.42 -40.92
C SER C 269 -42.47 14.62 -41.76
N ASP C 270 -41.77 15.74 -41.69
CA ASP C 270 -42.15 16.95 -42.43
C ASP C 270 -40.90 17.77 -42.69
N PRO C 271 -40.38 17.76 -43.92
CA PRO C 271 -39.15 18.51 -44.20
C PRO C 271 -39.25 19.98 -43.91
N SER C 272 -40.47 20.52 -43.75
CA SER C 272 -40.63 21.91 -43.41
C SER C 272 -40.05 22.22 -42.03
N LYS C 273 -40.04 21.22 -41.14
CA LYS C 273 -39.64 21.41 -39.75
C LYS C 273 -38.22 20.93 -39.45
N TRP C 274 -37.41 20.66 -40.48
CA TRP C 274 -36.05 20.21 -40.26
C TRP C 274 -35.14 21.40 -40.00
N LEU C 275 -34.21 21.24 -39.07
CA LEU C 275 -33.41 22.36 -38.59
C LEU C 275 -32.13 22.53 -39.39
N SER C 276 -31.82 23.79 -39.69
CA SER C 276 -30.49 24.10 -40.19
C SER C 276 -29.44 23.91 -39.08
N GLY C 277 -28.18 23.95 -39.46
CA GLY C 277 -27.09 23.95 -38.50
C GLY C 277 -27.22 25.07 -37.48
N PRO C 278 -27.48 26.31 -37.94
CA PRO C 278 -27.65 27.42 -36.98
C PRO C 278 -28.88 27.29 -36.11
N GLN C 279 -29.98 26.71 -36.62
CA GLN C 279 -31.17 26.52 -35.80
C GLN C 279 -30.92 25.49 -34.70
N LEU C 280 -30.23 24.39 -35.04
CA LEU C 280 -29.95 23.38 -34.03
C LEU C 280 -28.98 23.91 -32.97
N ALA C 281 -28.01 24.73 -33.40
CA ALA C 281 -27.12 25.38 -32.45
C ALA C 281 -27.88 26.24 -31.45
N ASP C 282 -28.91 26.96 -31.92
CA ASP C 282 -29.70 27.78 -31.00
C ASP C 282 -30.45 26.93 -29.99
N LEU C 283 -30.95 25.77 -30.41
CA LEU C 283 -31.65 24.90 -29.48
C LEU C 283 -30.70 24.35 -28.42
N TYR C 284 -29.48 23.99 -28.81
CA TYR C 284 -28.50 23.57 -27.80
C TYR C 284 -28.20 24.71 -26.82
N GLU C 285 -27.98 25.92 -27.34
CA GLU C 285 -27.66 27.05 -26.46
C GLU C 285 -28.75 27.29 -25.43
N GLN C 286 -30.02 27.19 -25.84
CA GLN C 286 -31.10 27.36 -24.86
C GLN C 286 -31.08 26.25 -23.81
N LEU C 287 -30.85 25.00 -24.23
CA LEU C 287 -30.78 23.89 -23.28
C LEU C 287 -29.59 24.01 -22.35
N ILE C 288 -28.46 24.54 -22.85
CA ILE C 288 -27.29 24.72 -22.00
C ILE C 288 -27.57 25.76 -20.91
N SER C 289 -28.37 26.78 -21.23
CA SER C 289 -28.71 27.77 -20.22
C SER C 289 -29.73 27.21 -19.23
N GLU C 290 -30.65 26.38 -19.71
CA GLU C 290 -31.77 25.94 -18.89
C GLU C 290 -31.40 24.81 -17.94
N TYR C 291 -30.36 24.04 -18.23
CA TYR C 291 -30.03 22.81 -17.50
C TYR C 291 -28.54 22.76 -17.22
N PRO C 292 -28.13 22.03 -16.18
CA PRO C 292 -26.70 21.92 -15.87
C PRO C 292 -25.99 20.92 -16.78
N ILE C 293 -26.00 21.21 -18.06
CA ILE C 293 -25.35 20.37 -19.06
C ILE C 293 -23.88 20.74 -19.12
N VAL C 294 -23.00 19.74 -18.99
CA VAL C 294 -21.56 19.97 -18.92
C VAL C 294 -20.82 19.48 -20.15
N SER C 295 -21.48 18.72 -21.02
CA SER C 295 -20.84 18.05 -22.15
C SER C 295 -21.90 17.66 -23.16
N ILE C 296 -21.63 17.91 -24.45
CA ILE C 296 -22.50 17.47 -25.53
C ILE C 296 -21.65 16.75 -26.56
N GLU C 297 -22.08 15.57 -26.98
CA GLU C 297 -21.31 14.73 -27.90
C GLU C 297 -22.06 14.64 -29.23
N ASP C 298 -21.31 14.67 -30.32
CA ASP C 298 -21.81 14.71 -31.70
C ASP C 298 -23.01 15.65 -31.89
N PRO C 299 -22.88 16.93 -31.52
CA PRO C 299 -24.00 17.85 -31.71
C PRO C 299 -24.33 18.08 -33.17
N PHE C 300 -23.36 17.88 -34.07
CA PHE C 300 -23.57 18.01 -35.50
C PHE C 300 -22.99 16.79 -36.22
N ALA C 301 -23.29 16.68 -37.51
CA ALA C 301 -23.05 15.44 -38.23
C ALA C 301 -21.56 15.23 -38.48
N GLU C 302 -21.21 13.99 -38.86
CA GLU C 302 -19.82 13.52 -38.80
C GLU C 302 -18.88 14.22 -39.78
N ASP C 303 -19.41 14.90 -40.80
CA ASP C 303 -18.58 15.73 -41.65
C ASP C 303 -19.13 17.15 -41.79
N ASP C 304 -20.00 17.59 -40.87
CA ASP C 304 -20.59 18.93 -41.00
C ASP C 304 -19.70 19.94 -40.26
N TRP C 305 -18.50 20.11 -40.81
CA TRP C 305 -17.44 20.85 -40.11
C TRP C 305 -17.85 22.28 -39.79
N ASP C 306 -18.47 22.98 -40.74
CA ASP C 306 -18.82 24.38 -40.54
C ASP C 306 -19.78 24.53 -39.36
N ALA C 307 -20.65 23.56 -39.14
CA ALA C 307 -21.63 23.68 -38.07
C ALA C 307 -20.99 23.46 -36.70
N TRP C 308 -20.09 22.48 -36.60
CA TRP C 308 -19.28 22.30 -35.40
C TRP C 308 -18.52 23.59 -35.06
N VAL C 309 -17.85 24.17 -36.06
CA VAL C 309 -17.00 25.34 -35.84
C VAL C 309 -17.83 26.52 -35.37
N HIS C 310 -19.03 26.70 -35.93
CA HIS C 310 -19.89 27.80 -35.50
C HIS C 310 -20.35 27.60 -34.07
N PHE C 311 -20.78 26.38 -33.73
CA PHE C 311 -21.21 26.07 -32.36
C PHE C 311 -20.06 26.24 -31.38
N PHE C 312 -18.86 25.78 -31.75
CA PHE C 312 -17.74 25.88 -30.82
C PHE C 312 -17.41 27.34 -30.52
N GLU C 313 -17.52 28.21 -31.53
CA GLU C 313 -17.31 29.63 -31.30
C GLU C 313 -18.32 30.17 -30.31
N ARG C 314 -19.55 29.65 -30.34
CA ARG C 314 -20.61 30.13 -29.46
C ARG C 314 -20.41 29.66 -28.02
N VAL C 315 -20.14 28.38 -27.80
CA VAL C 315 -20.20 27.83 -26.43
C VAL C 315 -19.00 26.99 -26.03
N GLY C 316 -17.94 27.02 -26.83
CA GLY C 316 -16.80 26.15 -26.58
C GLY C 316 -16.09 26.43 -25.26
N ASP C 317 -16.18 27.65 -24.77
CA ASP C 317 -15.65 27.98 -23.45
C ASP C 317 -16.66 27.72 -22.33
N LYS C 318 -17.85 27.22 -22.65
CA LYS C 318 -18.91 27.02 -21.67
C LYS C 318 -19.18 25.56 -21.33
N ILE C 319 -18.98 24.64 -22.28
CA ILE C 319 -19.26 23.22 -22.11
C ILE C 319 -18.17 22.41 -22.80
N GLN C 320 -18.11 21.13 -22.47
CA GLN C 320 -17.28 20.22 -23.23
C GLN C 320 -18.03 19.81 -24.49
N ILE C 321 -17.34 19.80 -25.63
CA ILE C 321 -17.93 19.43 -26.91
C ILE C 321 -17.12 18.25 -27.44
N VAL C 322 -17.76 17.09 -27.56
CA VAL C 322 -17.08 15.82 -27.74
C VAL C 322 -17.29 15.31 -29.17
N GLY C 323 -16.19 15.06 -29.88
CA GLY C 323 -16.25 14.38 -31.16
C GLY C 323 -16.30 12.86 -30.99
N ASP C 324 -17.27 12.21 -31.63
CA ASP C 324 -17.32 10.76 -31.64
C ASP C 324 -17.27 10.27 -33.08
N ASP C 325 -18.39 10.33 -33.79
CA ASP C 325 -18.35 10.03 -35.22
C ASP C 325 -17.53 11.03 -36.00
N LEU C 326 -17.41 12.25 -35.48
CA LEU C 326 -16.58 13.24 -36.16
C LEU C 326 -15.13 12.78 -36.25
N THR C 327 -14.60 12.25 -35.16
CA THR C 327 -13.18 11.99 -35.04
C THR C 327 -12.81 10.51 -35.17
N VAL C 328 -13.76 9.60 -34.96
CA VAL C 328 -13.57 8.13 -34.94
C VAL C 328 -12.21 7.71 -34.39
N THR C 329 -11.78 8.32 -33.28
CA THR C 329 -10.55 7.91 -32.57
C THR C 329 -9.37 7.83 -33.53
N ASN C 330 -9.38 8.70 -34.54
CA ASN C 330 -8.44 8.66 -35.65
C ASN C 330 -7.57 9.92 -35.63
N PRO C 331 -6.27 9.80 -35.38
CA PRO C 331 -5.40 10.99 -35.39
C PRO C 331 -5.54 11.92 -36.61
N THR C 332 -5.84 11.42 -37.81
CA THR C 332 -5.92 12.34 -38.95
C THR C 332 -7.17 13.22 -38.86
N ARG C 333 -8.29 12.65 -38.38
CA ARG C 333 -9.50 13.45 -38.19
C ARG C 333 -9.36 14.39 -37.01
N ILE C 334 -8.71 13.93 -35.94
CA ILE C 334 -8.47 14.77 -34.76
C ILE C 334 -7.66 16.00 -35.14
N LYS C 335 -6.64 15.82 -35.98
CA LYS C 335 -5.84 16.95 -36.45
C LYS C 335 -6.72 18.00 -37.11
N THR C 336 -7.57 17.56 -38.03
CA THR C 336 -8.51 18.46 -38.67
C THR C 336 -9.39 19.16 -37.65
N ALA C 337 -9.90 18.40 -36.67
CA ALA C 337 -10.82 19.00 -35.70
C ALA C 337 -10.10 20.02 -34.83
N ILE C 338 -8.84 19.73 -34.46
CA ILE C 338 -8.04 20.67 -33.67
C ILE C 338 -7.79 21.95 -34.44
N GLU C 339 -7.31 21.82 -35.69
CA GLU C 339 -6.96 22.99 -36.50
C GLU C 339 -8.18 23.86 -36.78
N LYS C 340 -9.33 23.24 -37.01
CA LYS C 340 -10.57 23.96 -37.26
C LYS C 340 -11.22 24.53 -36.00
N LYS C 341 -10.78 24.11 -34.81
CA LYS C 341 -11.44 24.46 -33.55
C LYS C 341 -12.90 24.02 -33.57
N ALA C 342 -13.11 22.73 -33.90
CA ALA C 342 -14.44 22.16 -34.03
C ALA C 342 -14.97 21.57 -32.73
N ALA C 343 -14.08 21.17 -31.82
CA ALA C 343 -14.48 20.50 -30.58
C ALA C 343 -13.38 20.73 -29.54
N ASN C 344 -13.63 20.25 -28.31
CA ASN C 344 -12.55 20.30 -27.33
C ASN C 344 -12.43 19.00 -26.54
N ALA C 345 -12.97 17.90 -27.06
CA ALA C 345 -12.75 16.61 -26.39
C ALA C 345 -12.95 15.49 -27.40
N LEU C 346 -12.30 14.37 -27.09
CA LEU C 346 -12.33 13.15 -27.89
C LEU C 346 -13.10 12.06 -27.15
N LEU C 347 -14.07 11.45 -27.82
CA LEU C 347 -14.62 10.19 -27.35
C LEU C 347 -13.74 9.06 -27.87
N LEU C 348 -13.07 8.37 -26.97
CA LEU C 348 -12.08 7.37 -27.35
C LEU C 348 -12.74 6.00 -27.37
N LYS C 349 -12.91 5.44 -28.56
CA LYS C 349 -13.44 4.09 -28.79
C LYS C 349 -12.37 3.28 -29.49
N VAL C 350 -11.70 2.36 -28.76
CA VAL C 350 -10.56 1.66 -29.35
C VAL C 350 -10.92 0.93 -30.64
N ASN C 351 -12.15 0.43 -30.76
CA ASN C 351 -12.46 -0.33 -31.96
C ASN C 351 -12.85 0.54 -33.15
N GLN C 352 -12.93 1.86 -32.97
CA GLN C 352 -13.09 2.74 -34.13
C GLN C 352 -11.82 2.82 -34.97
N ILE C 353 -10.66 2.60 -34.34
CA ILE C 353 -9.38 2.72 -35.03
C ILE C 353 -8.66 1.38 -35.12
N GLY C 354 -8.75 0.55 -34.08
CA GLY C 354 -8.42 -0.87 -34.20
C GLY C 354 -7.13 -1.34 -33.54
N THR C 355 -6.26 -0.45 -33.04
CA THR C 355 -5.13 -0.88 -32.22
C THR C 355 -5.02 -0.01 -30.96
N LEU C 356 -4.42 -0.57 -29.91
CA LEU C 356 -4.15 0.21 -28.70
C LEU C 356 -3.24 1.40 -29.00
N THR C 357 -2.16 1.19 -29.77
CA THR C 357 -1.19 2.26 -30.00
C THR C 357 -1.81 3.45 -30.70
N GLU C 358 -2.60 3.20 -31.75
CA GLU C 358 -3.27 4.30 -32.44
C GLU C 358 -4.27 5.00 -31.53
N SER C 359 -4.98 4.23 -30.69
CA SER C 359 -5.92 4.84 -29.75
C SER C 359 -5.20 5.76 -28.77
N ILE C 360 -4.06 5.32 -28.25
CA ILE C 360 -3.27 6.13 -27.33
C ILE C 360 -2.71 7.36 -28.04
N GLN C 361 -2.26 7.19 -29.28
CA GLN C 361 -1.83 8.35 -30.05
C GLN C 361 -2.96 9.37 -30.17
N ALA C 362 -4.18 8.89 -30.44
CA ALA C 362 -5.31 9.80 -30.55
C ALA C 362 -5.52 10.57 -29.24
N ALA C 363 -5.39 9.90 -28.12
CA ALA C 363 -5.56 10.55 -26.82
C ALA C 363 -4.47 11.59 -26.60
N ASN C 364 -3.21 11.21 -26.88
CA ASN C 364 -2.10 12.12 -26.65
C ASN C 364 -2.19 13.33 -27.58
N ASP C 365 -2.61 13.12 -28.83
CA ASP C 365 -2.82 14.27 -29.73
C ASP C 365 -3.88 15.20 -29.16
N SER C 366 -4.95 14.65 -28.61
CA SER C 366 -5.99 15.47 -28.00
C SER C 366 -5.44 16.26 -26.80
N TYR C 367 -4.79 15.56 -25.86
CA TYR C 367 -4.18 16.23 -24.70
C TYR C 367 -3.22 17.34 -25.13
N ALA C 368 -2.42 17.10 -26.17
CA ALA C 368 -1.46 18.10 -26.62
C ALA C 368 -2.15 19.38 -27.09
N ALA C 369 -3.41 19.29 -27.52
CA ALA C 369 -4.15 20.46 -27.96
C ALA C 369 -5.04 21.03 -26.85
N GLY C 370 -4.91 20.55 -25.62
CA GLY C 370 -5.75 21.03 -24.53
C GLY C 370 -7.11 20.37 -24.43
N TRP C 371 -7.39 19.35 -25.25
CA TRP C 371 -8.69 18.67 -25.21
C TRP C 371 -8.80 17.74 -24.02
N GLY C 372 -10.06 17.49 -23.61
CA GLY C 372 -10.33 16.35 -22.77
C GLY C 372 -10.46 15.08 -23.58
N VAL C 373 -10.46 13.94 -22.87
CA VAL C 373 -10.64 12.63 -23.49
C VAL C 373 -11.63 11.86 -22.62
N MET C 374 -12.65 11.30 -23.26
CA MET C 374 -13.62 10.46 -22.56
C MET C 374 -13.54 9.06 -23.16
N VAL C 375 -13.01 8.11 -22.39
CA VAL C 375 -12.93 6.72 -22.84
C VAL C 375 -14.33 6.11 -22.84
N SER C 376 -14.67 5.37 -23.88
CA SER C 376 -16.06 4.99 -24.08
C SER C 376 -16.19 3.50 -24.39
N HIS C 377 -17.32 2.94 -23.94
CA HIS C 377 -17.82 1.65 -24.40
C HIS C 377 -18.45 1.76 -25.81
N ARG C 378 -18.92 0.62 -26.32
CA ARG C 378 -19.87 0.58 -27.43
C ARG C 378 -21.21 0.09 -26.92
N SER C 379 -22.25 0.25 -27.74
CA SER C 379 -23.55 -0.25 -27.31
C SER C 379 -23.58 -1.77 -27.30
N GLY C 380 -22.87 -2.42 -28.22
CA GLY C 380 -22.65 -3.84 -28.11
C GLY C 380 -21.42 -4.11 -27.25
N GLU C 381 -21.61 -4.40 -25.96
CA GLU C 381 -20.49 -4.58 -25.04
C GLU C 381 -20.39 -6.04 -24.62
N THR C 382 -19.39 -6.33 -23.78
CA THR C 382 -19.18 -7.69 -23.29
C THR C 382 -18.71 -7.61 -21.85
N GLU C 383 -18.47 -8.79 -21.27
CA GLU C 383 -17.91 -8.93 -19.93
C GLU C 383 -16.45 -8.45 -19.84
N ASP C 384 -15.86 -8.01 -20.95
CA ASP C 384 -14.50 -7.46 -20.94
C ASP C 384 -14.44 -6.13 -20.20
N THR C 385 -13.35 -5.88 -19.47
CA THR C 385 -13.26 -4.64 -18.67
C THR C 385 -12.06 -3.77 -19.04
N PHE C 386 -11.49 -3.96 -20.23
CA PHE C 386 -10.28 -3.24 -20.62
C PHE C 386 -10.43 -1.73 -20.45
N ILE C 387 -11.60 -1.17 -20.81
CA ILE C 387 -11.65 0.29 -20.85
C ILE C 387 -11.63 0.90 -19.46
N ALA C 388 -11.94 0.15 -18.41
CA ALA C 388 -11.74 0.66 -17.05
C ALA C 388 -10.27 0.99 -16.81
N ASP C 389 -9.39 0.02 -17.03
CA ASP C 389 -7.96 0.29 -16.85
C ASP C 389 -7.47 1.34 -17.84
N LEU C 390 -8.03 1.37 -19.05
CA LEU C 390 -7.58 2.35 -20.03
C LEU C 390 -7.90 3.77 -19.55
N SER C 391 -9.08 3.99 -18.97
CA SER C 391 -9.46 5.34 -18.54
C SER C 391 -8.54 5.83 -17.43
N VAL C 392 -8.29 4.96 -16.45
CA VAL C 392 -7.37 5.28 -15.36
C VAL C 392 -5.96 5.49 -15.90
N GLY C 393 -5.46 4.55 -16.70
CA GLY C 393 -4.09 4.65 -17.21
C GLY C 393 -3.82 5.90 -18.03
N LEU C 394 -4.78 6.29 -18.89
CA LEU C 394 -4.64 7.51 -19.67
C LEU C 394 -4.89 8.79 -18.88
N ARG C 395 -5.26 8.68 -17.60
CA ARG C 395 -5.55 9.86 -16.79
C ARG C 395 -6.67 10.70 -17.41
N SER C 396 -7.64 10.03 -18.04
CA SER C 396 -8.69 10.78 -18.76
C SER C 396 -9.57 11.60 -17.80
N GLY C 397 -9.89 11.07 -16.62
CA GLY C 397 -10.82 11.73 -15.73
C GLY C 397 -12.30 11.57 -16.09
N GLN C 398 -12.61 10.80 -17.14
CA GLN C 398 -14.00 10.65 -17.57
C GLN C 398 -14.15 9.37 -18.37
N ILE C 399 -15.20 8.63 -18.06
CA ILE C 399 -15.50 7.39 -18.74
C ILE C 399 -16.99 7.32 -18.98
N LYS C 400 -17.35 6.82 -20.16
CA LYS C 400 -18.73 6.61 -20.58
C LYS C 400 -18.88 5.10 -20.74
N THR C 401 -19.54 4.44 -19.78
CA THR C 401 -19.60 3.00 -19.92
C THR C 401 -20.95 2.42 -19.50
N GLY C 402 -22.00 3.24 -19.55
CA GLY C 402 -23.36 2.76 -19.42
C GLY C 402 -24.06 3.34 -18.19
N ALA C 403 -25.37 3.10 -18.16
CA ALA C 403 -26.12 3.24 -16.92
C ALA C 403 -25.60 2.22 -15.89
N PRO C 404 -25.90 2.43 -14.61
CA PRO C 404 -25.59 1.36 -13.64
C PRO C 404 -26.59 0.21 -13.71
N ALA C 405 -26.84 -0.30 -14.90
CA ALA C 405 -27.64 -1.51 -15.09
C ALA C 405 -27.08 -2.29 -16.27
N ARG C 406 -27.26 -3.63 -16.22
CA ARG C 406 -26.70 -4.60 -17.17
C ARG C 406 -25.22 -4.76 -16.90
N SER C 407 -24.76 -6.01 -16.72
CA SER C 407 -23.42 -6.19 -16.20
C SER C 407 -22.32 -5.92 -17.22
N GLU C 408 -22.61 -5.91 -18.52
CA GLU C 408 -21.60 -5.40 -19.44
C GLU C 408 -21.28 -3.93 -19.17
N ARG C 409 -22.15 -3.20 -18.46
CA ARG C 409 -21.82 -1.87 -17.97
C ARG C 409 -21.17 -1.94 -16.58
N LEU C 410 -21.83 -2.64 -15.62
CA LEU C 410 -21.30 -2.68 -14.26
C LEU C 410 -19.92 -3.31 -14.20
N ALA C 411 -19.59 -4.20 -15.15
CA ALA C 411 -18.28 -4.87 -15.07
C ALA C 411 -17.15 -3.85 -15.12
N LYS C 412 -17.29 -2.82 -15.96
CA LYS C 412 -16.29 -1.76 -16.01
C LYS C 412 -16.27 -0.98 -14.70
N LEU C 413 -17.45 -0.57 -14.23
CA LEU C 413 -17.49 0.25 -13.03
C LEU C 413 -17.00 -0.54 -11.82
N ASN C 414 -17.31 -1.83 -11.76
CA ASN C 414 -16.80 -2.67 -10.69
C ASN C 414 -15.28 -2.75 -10.74
N GLN C 415 -14.71 -2.82 -11.95
CA GLN C 415 -13.25 -2.86 -12.07
C GLN C 415 -12.60 -1.58 -11.56
N ILE C 416 -13.23 -0.43 -11.83
CA ILE C 416 -12.69 0.81 -11.26
C ILE C 416 -12.76 0.81 -9.74
N LEU C 417 -13.86 0.27 -9.17
CA LEU C 417 -13.94 0.07 -7.71
C LEU C 417 -12.74 -0.72 -7.19
N ARG C 418 -12.40 -1.82 -7.88
CA ARG C 418 -11.23 -2.60 -7.49
C ARG C 418 -9.95 -1.76 -7.58
N ILE C 419 -9.85 -0.94 -8.63
CA ILE C 419 -8.66 -0.12 -8.83
C ILE C 419 -8.57 0.95 -7.74
N GLU C 420 -9.68 1.63 -7.49
CA GLU C 420 -9.73 2.62 -6.40
C GLU C 420 -9.27 2.01 -5.08
N GLU C 421 -9.71 0.79 -4.80
CA GLU C 421 -9.36 0.16 -3.52
C GLU C 421 -7.88 -0.20 -3.48
N GLU C 422 -7.34 -0.69 -4.60
CA GLU C 422 -5.93 -1.04 -4.66
C GLU C 422 -5.04 0.19 -4.47
N LEU C 423 -5.46 1.34 -5.00
CA LEU C 423 -4.61 2.52 -5.01
C LEU C 423 -4.66 3.30 -3.71
N GLY C 424 -5.80 3.28 -3.00
CA GLY C 424 -5.89 4.04 -1.76
C GLY C 424 -5.64 5.53 -2.00
N SER C 425 -4.80 6.12 -1.15
CA SER C 425 -4.49 7.54 -1.25
C SER C 425 -3.62 7.91 -2.45
N GLU C 426 -3.11 6.95 -3.23
CA GLU C 426 -2.36 7.28 -4.43
C GLU C 426 -3.25 7.59 -5.62
N ALA C 427 -4.57 7.67 -5.42
CA ALA C 427 -5.49 8.03 -6.47
C ALA C 427 -6.35 9.20 -5.99
N ILE C 428 -6.80 10.01 -6.94
CA ILE C 428 -7.76 11.06 -6.67
C ILE C 428 -8.90 10.94 -7.67
N TYR C 429 -10.08 11.39 -7.26
CA TYR C 429 -11.25 11.42 -8.11
C TYR C 429 -11.26 12.72 -8.91
N ALA C 430 -11.41 12.60 -10.24
CA ALA C 430 -11.32 13.78 -11.09
C ALA C 430 -12.38 14.82 -10.73
N GLY C 431 -13.58 14.36 -10.37
CA GLY C 431 -14.66 15.25 -9.97
C GLY C 431 -14.88 16.38 -10.95
N LYS C 432 -14.92 17.60 -10.40
CA LYS C 432 -15.22 18.78 -11.22
C LYS C 432 -14.12 19.07 -12.23
N ASP C 433 -12.94 18.48 -12.09
CA ASP C 433 -11.82 18.73 -13.00
C ASP C 433 -11.72 17.72 -14.15
N PHE C 434 -12.81 17.05 -14.53
CA PHE C 434 -12.73 16.00 -15.54
C PHE C 434 -12.22 16.53 -16.88
N GLN C 435 -12.50 17.79 -17.23
CA GLN C 435 -12.17 18.25 -18.57
C GLN C 435 -10.67 18.34 -18.76
N LYS C 436 -9.94 18.77 -17.74
CA LYS C 436 -8.49 18.91 -17.82
C LYS C 436 -7.78 17.87 -16.93
N ALA C 437 -8.41 16.71 -16.73
CA ALA C 437 -7.93 15.77 -15.72
C ALA C 437 -6.51 15.30 -15.99
N SER C 438 -6.13 15.20 -17.26
CA SER C 438 -4.82 14.63 -17.59
C SER C 438 -3.69 15.49 -17.06
N GLN C 439 -3.95 16.75 -16.75
CA GLN C 439 -2.95 17.67 -16.20
C GLN C 439 -3.00 17.75 -14.68
N LEU C 440 -3.84 16.94 -14.04
CA LEU C 440 -4.12 16.81 -12.57
C LEU C 440 -5.47 17.44 -12.21
N SER D 2 -3.58 -24.43 -2.47
CA SER D 2 -3.87 -25.55 -1.58
C SER D 2 -4.56 -25.10 -0.29
N TYR D 3 -4.06 -24.06 0.39
CA TYR D 3 -4.91 -23.41 1.38
C TYR D 3 -4.82 -21.90 1.27
N ALA D 4 -5.82 -21.24 1.83
CA ALA D 4 -5.96 -19.79 1.75
C ALA D 4 -4.80 -19.08 2.44
N THR D 5 -4.20 -18.14 1.73
CA THR D 5 -3.21 -17.25 2.33
C THR D 5 -3.75 -15.85 2.55
N LYS D 6 -4.79 -15.47 1.82
CA LYS D 6 -5.44 -14.16 1.97
C LYS D 6 -6.88 -14.32 1.48
N ILE D 7 -7.82 -13.72 2.21
CA ILE D 7 -9.23 -13.68 1.85
C ILE D 7 -9.73 -12.27 2.10
N HIS D 8 -10.31 -11.64 1.07
CA HIS D 8 -10.77 -10.26 1.20
C HIS D 8 -12.08 -10.07 0.42
N ALA D 9 -13.04 -9.38 1.02
CA ALA D 9 -14.30 -9.09 0.36
C ALA D 9 -14.45 -7.60 0.11
N ARG D 10 -15.22 -7.27 -0.91
CA ARG D 10 -15.63 -5.91 -1.24
C ARG D 10 -17.08 -5.98 -1.69
N TYR D 11 -17.72 -4.83 -1.79
CA TYR D 11 -18.98 -4.78 -2.52
C TYR D 11 -18.71 -4.37 -3.96
N VAL D 12 -19.52 -4.90 -4.88
CA VAL D 12 -19.60 -4.49 -6.27
C VAL D 12 -21.09 -4.37 -6.62
N TYR D 13 -21.38 -3.95 -7.85
CA TYR D 13 -22.77 -3.69 -8.25
C TYR D 13 -23.27 -4.83 -9.14
N ASP D 14 -24.51 -5.30 -8.86
CA ASP D 14 -25.09 -6.36 -9.68
C ASP D 14 -25.76 -5.76 -10.92
N SER D 15 -26.41 -6.61 -11.70
CA SER D 15 -26.94 -6.19 -12.99
C SER D 15 -28.13 -5.27 -12.86
N ARG D 16 -28.68 -5.11 -11.64
CA ARG D 16 -29.72 -4.10 -11.42
C ARG D 16 -29.19 -2.84 -10.77
N GLY D 17 -27.88 -2.74 -10.55
CA GLY D 17 -27.32 -1.58 -9.91
C GLY D 17 -27.44 -1.59 -8.40
N ASN D 18 -27.59 -2.77 -7.80
CA ASN D 18 -27.64 -2.86 -6.35
C ASN D 18 -26.35 -3.52 -5.85
N PRO D 19 -25.86 -3.15 -4.66
CA PRO D 19 -24.62 -3.77 -4.16
C PRO D 19 -24.79 -5.27 -3.90
N THR D 20 -23.71 -6.01 -4.12
CA THR D 20 -23.63 -7.41 -3.71
C THR D 20 -22.18 -7.70 -3.33
N VAL D 21 -21.93 -8.91 -2.87
CA VAL D 21 -20.66 -9.24 -2.22
C VAL D 21 -19.75 -9.93 -3.22
N GLU D 22 -18.49 -9.50 -3.26
CA GLU D 22 -17.44 -10.14 -4.07
C GLU D 22 -16.33 -10.60 -3.14
N VAL D 23 -15.82 -11.81 -3.36
CA VAL D 23 -14.76 -12.37 -2.51
C VAL D 23 -13.51 -12.65 -3.34
N ASP D 24 -12.37 -12.11 -2.89
CA ASP D 24 -11.04 -12.45 -3.40
C ASP D 24 -10.44 -13.52 -2.49
N PHE D 25 -10.06 -14.65 -3.06
CA PHE D 25 -9.57 -15.82 -2.33
C PHE D 25 -8.20 -16.17 -2.88
N THR D 26 -7.14 -15.90 -2.11
CA THR D 26 -5.76 -16.09 -2.58
C THR D 26 -5.15 -17.36 -1.99
N THR D 27 -4.53 -18.16 -2.86
CA THR D 27 -3.65 -19.25 -2.45
C THR D 27 -2.29 -19.07 -3.14
N ASP D 28 -1.41 -20.06 -2.99
CA ASP D 28 -0.17 -20.09 -3.77
C ASP D 28 -0.42 -20.16 -5.27
N LYS D 29 -1.57 -20.67 -5.70
CA LYS D 29 -1.88 -20.74 -7.13
C LYS D 29 -2.35 -19.40 -7.70
N GLY D 30 -2.70 -18.43 -6.85
CA GLY D 30 -3.10 -17.15 -7.38
C GLY D 30 -4.35 -16.66 -6.70
N LEU D 31 -4.99 -15.67 -7.33
CA LEU D 31 -6.17 -15.00 -6.79
C LEU D 31 -7.42 -15.51 -7.51
N PHE D 32 -8.44 -15.88 -6.73
CA PHE D 32 -9.65 -16.48 -7.28
C PHE D 32 -10.85 -15.70 -6.77
N ARG D 33 -11.71 -15.29 -7.69
CA ARG D 33 -12.76 -14.32 -7.36
C ARG D 33 -14.13 -14.94 -7.60
N SER D 34 -15.07 -14.64 -6.71
CA SER D 34 -16.45 -15.02 -6.94
C SER D 34 -17.35 -13.87 -6.49
N ILE D 35 -18.50 -13.74 -7.16
CA ILE D 35 -19.50 -12.72 -6.87
C ILE D 35 -20.83 -13.41 -6.61
N VAL D 36 -21.57 -12.91 -5.64
CA VAL D 36 -22.79 -13.52 -5.14
C VAL D 36 -23.97 -12.87 -5.83
N PRO D 37 -24.88 -13.62 -6.44
CA PRO D 37 -26.07 -13.02 -7.06
C PRO D 37 -27.11 -12.68 -5.99
N SER D 38 -28.25 -12.14 -6.45
CA SER D 38 -29.29 -11.69 -5.54
C SER D 38 -30.66 -11.74 -6.19
N GLY D 39 -31.64 -12.26 -5.44
CA GLY D 39 -33.02 -12.26 -5.91
C GLY D 39 -33.81 -11.03 -5.50
N VAL D 44 -38.63 -16.98 3.47
CA VAL D 44 -38.81 -17.66 4.74
C VAL D 44 -38.17 -19.05 4.69
N HIS D 45 -38.04 -19.57 3.47
CA HIS D 45 -37.48 -20.90 3.26
C HIS D 45 -36.06 -20.87 2.72
N GLU D 46 -35.44 -19.69 2.63
CA GLU D 46 -34.11 -19.60 2.09
C GLU D 46 -33.16 -18.95 3.08
N ALA D 47 -31.87 -19.15 2.83
CA ALA D 47 -30.84 -18.57 3.66
C ALA D 47 -30.86 -17.05 3.60
N LEU D 48 -30.56 -16.41 4.73
CA LEU D 48 -30.69 -14.97 4.87
C LEU D 48 -29.66 -14.23 4.04
N GLU D 49 -30.12 -13.34 3.17
CA GLU D 49 -29.25 -12.36 2.54
C GLU D 49 -29.17 -11.17 3.48
N LEU D 50 -27.96 -10.82 3.90
CA LEU D 50 -27.76 -9.74 4.88
C LEU D 50 -27.58 -8.40 4.16
N ARG D 51 -28.53 -7.50 4.33
CA ARG D 51 -28.43 -6.13 3.84
C ARG D 51 -28.36 -5.16 5.02
N ASP D 52 -27.82 -3.96 4.76
CA ASP D 52 -27.48 -3.02 5.84
C ASP D 52 -28.71 -2.30 6.39
N GLY D 53 -29.67 -1.99 5.53
CA GLY D 53 -30.84 -1.28 5.98
C GLY D 53 -30.63 0.18 6.28
N ASP D 54 -29.54 0.79 5.78
CA ASP D 54 -29.31 2.23 5.97
C ASP D 54 -30.02 2.94 4.82
N LYS D 55 -31.18 3.51 5.13
CA LYS D 55 -32.01 4.13 4.10
C LYS D 55 -31.30 5.27 3.39
N SER D 56 -30.28 5.87 4.01
CA SER D 56 -29.54 6.95 3.36
C SER D 56 -28.48 6.46 2.38
N LYS D 57 -28.28 5.15 2.23
CA LYS D 57 -27.26 4.63 1.32
C LYS D 57 -27.82 3.46 0.52
N TRP D 58 -27.75 3.56 -0.81
CA TRP D 58 -28.24 2.50 -1.72
C TRP D 58 -29.67 2.10 -1.41
N LEU D 59 -30.46 3.05 -0.90
CA LEU D 59 -31.87 2.80 -0.58
C LEU D 59 -32.03 1.67 0.43
N GLY D 60 -31.07 1.49 1.34
CA GLY D 60 -31.13 0.41 2.30
C GLY D 60 -30.52 -0.90 1.85
N LYS D 61 -29.99 -0.96 0.63
CA LYS D 61 -29.55 -2.23 0.07
C LYS D 61 -28.04 -2.43 0.14
N GLY D 62 -27.34 -1.71 1.02
CA GLY D 62 -25.92 -1.93 1.17
C GLY D 62 -25.59 -3.33 1.70
N VAL D 63 -24.39 -3.79 1.39
CA VAL D 63 -23.90 -5.08 1.89
C VAL D 63 -22.60 -4.89 2.67
N LEU D 64 -22.44 -3.71 3.27
CA LEU D 64 -21.22 -3.44 4.05
C LEU D 64 -21.10 -4.39 5.23
N LYS D 65 -22.22 -4.67 5.91
CA LYS D 65 -22.17 -5.58 7.06
C LYS D 65 -21.73 -6.98 6.64
N ALA D 66 -22.21 -7.44 5.49
CA ALA D 66 -21.80 -8.75 5.02
C ALA D 66 -20.33 -8.76 4.62
N VAL D 67 -19.88 -7.69 3.93
CA VAL D 67 -18.47 -7.56 3.55
C VAL D 67 -17.58 -7.60 4.79
N ALA D 68 -18.02 -6.93 5.86
CA ALA D 68 -17.25 -6.92 7.10
C ALA D 68 -17.25 -8.28 7.78
N ASN D 69 -18.33 -9.05 7.63
CA ASN D 69 -18.33 -10.37 8.24
C ASN D 69 -17.27 -11.26 7.59
N VAL D 70 -17.09 -11.14 6.27
CA VAL D 70 -16.02 -11.88 5.59
C VAL D 70 -14.65 -11.43 6.10
N ASN D 71 -14.41 -10.12 6.08
CA ASN D 71 -13.07 -9.61 6.33
C ASN D 71 -12.68 -9.75 7.79
N ASP D 72 -13.65 -9.57 8.70
CA ASP D 72 -13.31 -9.54 10.11
C ASP D 72 -13.59 -10.84 10.84
N ILE D 73 -14.46 -11.70 10.31
CA ILE D 73 -14.81 -12.90 11.05
C ILE D 73 -14.39 -14.14 10.25
N ILE D 74 -14.84 -14.25 9.00
CA ILE D 74 -14.59 -15.47 8.25
C ILE D 74 -13.12 -15.59 7.85
N ALA D 75 -12.55 -14.52 7.30
CA ALA D 75 -11.20 -14.59 6.74
C ALA D 75 -10.16 -15.01 7.78
N PRO D 76 -10.01 -14.32 8.92
CA PRO D 76 -8.99 -14.78 9.87
C PRO D 76 -9.25 -16.17 10.42
N ALA D 77 -10.51 -16.52 10.68
CA ALA D 77 -10.82 -17.86 11.17
C ALA D 77 -10.42 -18.92 10.17
N LEU D 78 -10.75 -18.71 8.89
CA LEU D 78 -10.47 -19.72 7.88
C LEU D 78 -8.98 -19.81 7.60
N ILE D 79 -8.31 -18.65 7.53
CA ILE D 79 -6.88 -18.66 7.23
C ILE D 79 -6.12 -19.44 8.30
N LYS D 80 -6.49 -19.24 9.57
CA LYS D 80 -5.83 -19.96 10.67
C LYS D 80 -6.07 -21.47 10.57
N ALA D 81 -7.24 -21.89 10.11
CA ALA D 81 -7.57 -23.31 10.10
C ALA D 81 -6.74 -24.09 9.08
N LYS D 82 -6.25 -23.42 8.02
CA LYS D 82 -5.43 -24.06 6.99
C LYS D 82 -6.10 -25.31 6.40
N ILE D 83 -7.25 -25.08 5.77
CA ILE D 83 -8.03 -26.17 5.18
C ILE D 83 -7.64 -26.31 3.72
N ASP D 84 -7.31 -27.54 3.31
CA ASP D 84 -7.06 -27.85 1.90
C ASP D 84 -8.30 -27.50 1.08
N VAL D 85 -8.15 -26.58 0.12
CA VAL D 85 -9.32 -26.08 -0.57
C VAL D 85 -9.93 -27.14 -1.47
N VAL D 86 -9.19 -28.20 -1.79
CA VAL D 86 -9.76 -29.29 -2.59
C VAL D 86 -10.87 -29.98 -1.83
N ASP D 87 -10.78 -30.02 -0.50
CA ASP D 87 -11.82 -30.61 0.33
C ASP D 87 -12.92 -29.57 0.53
N GLN D 88 -13.78 -29.45 -0.48
CA GLN D 88 -14.89 -28.49 -0.44
C GLN D 88 -15.81 -28.74 0.75
N ALA D 89 -16.04 -30.01 1.11
CA ALA D 89 -16.97 -30.31 2.20
C ALA D 89 -16.43 -29.83 3.55
N LYS D 90 -15.10 -29.90 3.76
CA LYS D 90 -14.54 -29.39 5.00
C LYS D 90 -14.53 -27.86 5.02
N ILE D 91 -14.23 -27.24 3.88
CA ILE D 91 -14.36 -25.78 3.76
C ILE D 91 -15.76 -25.34 4.19
N ASP D 92 -16.79 -25.97 3.60
CA ASP D 92 -18.16 -25.54 3.84
C ASP D 92 -18.63 -25.90 5.24
N GLU D 93 -18.22 -27.07 5.76
CA GLU D 93 -18.57 -27.41 7.13
C GLU D 93 -18.00 -26.38 8.10
N PHE D 94 -16.75 -25.96 7.86
CA PHE D 94 -16.15 -24.87 8.63
C PHE D 94 -16.99 -23.61 8.57
N LEU D 95 -17.34 -23.17 7.35
CA LEU D 95 -18.12 -21.93 7.20
C LEU D 95 -19.44 -22.04 7.96
N LEU D 96 -20.12 -23.18 7.85
CA LEU D 96 -21.41 -23.35 8.50
C LEU D 96 -21.26 -23.32 10.02
N SER D 97 -20.15 -23.88 10.52
CA SER D 97 -19.89 -23.85 11.96
C SER D 97 -19.64 -22.43 12.44
N LEU D 98 -18.94 -21.62 11.63
CA LEU D 98 -18.70 -20.23 12.00
C LEU D 98 -20.01 -19.47 12.17
N ASP D 99 -20.97 -19.73 11.29
CA ASP D 99 -22.24 -19.03 11.39
C ASP D 99 -23.08 -19.63 12.53
N GLY D 100 -23.45 -20.91 12.39
CA GLY D 100 -24.10 -21.65 13.45
C GLY D 100 -25.62 -21.61 13.45
N THR D 101 -26.24 -20.67 12.71
CA THR D 101 -27.68 -20.48 12.74
C THR D 101 -28.36 -21.26 11.63
N PRO D 102 -29.66 -21.54 11.77
CA PRO D 102 -30.31 -22.41 10.77
C PRO D 102 -30.39 -21.81 9.38
N ASN D 103 -30.48 -20.48 9.26
CA ASN D 103 -30.66 -19.84 7.96
C ASN D 103 -29.49 -18.94 7.59
N LYS D 104 -28.33 -19.14 8.23
CA LYS D 104 -27.14 -18.33 7.97
C LYS D 104 -27.38 -16.85 8.27
N SER D 105 -28.11 -16.57 9.35
CA SER D 105 -28.49 -15.19 9.66
C SER D 105 -27.49 -14.45 10.54
N LYS D 106 -26.46 -15.09 11.07
CA LYS D 106 -25.49 -14.33 11.84
C LYS D 106 -24.49 -13.64 10.91
N LEU D 107 -23.94 -14.40 9.96
CA LEU D 107 -22.98 -13.85 9.01
C LEU D 107 -23.62 -13.44 7.71
N GLY D 108 -24.78 -14.01 7.36
CA GLY D 108 -25.41 -13.78 6.07
C GLY D 108 -24.99 -14.78 5.02
N ALA D 109 -25.98 -15.33 4.29
CA ALA D 109 -25.67 -16.27 3.22
C ALA D 109 -24.77 -15.65 2.16
N ASN D 110 -24.88 -14.34 1.94
CA ASN D 110 -24.10 -13.68 0.92
C ASN D 110 -22.66 -13.45 1.33
N ALA D 111 -22.34 -13.57 2.63
CA ALA D 111 -20.94 -13.61 3.05
C ALA D 111 -20.38 -15.01 2.94
N ILE D 112 -21.16 -16.03 3.32
CA ILE D 112 -20.67 -17.40 3.33
C ILE D 112 -20.47 -17.92 1.91
N LEU D 113 -21.40 -17.59 1.01
CA LEU D 113 -21.38 -18.22 -0.31
C LEU D 113 -20.18 -17.76 -1.14
N GLY D 114 -19.83 -16.47 -1.07
CA GLY D 114 -18.68 -15.98 -1.81
C GLY D 114 -17.41 -16.74 -1.46
N VAL D 115 -17.21 -17.02 -0.18
CA VAL D 115 -16.03 -17.77 0.24
C VAL D 115 -16.13 -19.21 -0.24
N SER D 116 -17.31 -19.81 -0.11
CA SER D 116 -17.52 -21.18 -0.60
C SER D 116 -17.17 -21.30 -2.08
N LEU D 117 -17.67 -20.37 -2.91
CA LEU D 117 -17.48 -20.47 -4.35
C LEU D 117 -16.05 -20.17 -4.75
N ALA D 118 -15.45 -19.14 -4.17
CA ALA D 118 -14.06 -18.82 -4.50
C ALA D 118 -13.14 -19.98 -4.14
N ALA D 119 -13.42 -20.68 -3.03
CA ALA D 119 -12.59 -21.83 -2.68
C ALA D 119 -12.63 -22.90 -3.75
N ALA D 120 -13.81 -23.16 -4.31
CA ALA D 120 -13.92 -24.14 -5.39
C ALA D 120 -13.06 -23.75 -6.58
N ASN D 121 -13.03 -22.46 -6.92
CA ASN D 121 -12.18 -22.00 -8.01
C ASN D 121 -10.71 -22.20 -7.69
N ALA D 122 -10.30 -21.89 -6.44
CA ALA D 122 -8.91 -22.13 -6.03
C ALA D 122 -8.58 -23.61 -6.12
N ALA D 123 -9.53 -24.47 -5.75
CA ALA D 123 -9.27 -25.90 -5.75
C ALA D 123 -9.07 -26.44 -7.16
N ALA D 124 -9.83 -25.94 -8.14
CA ALA D 124 -9.62 -26.38 -9.51
C ALA D 124 -8.21 -26.01 -9.97
N ALA D 125 -7.79 -24.78 -9.68
CA ALA D 125 -6.43 -24.37 -10.03
C ALA D 125 -5.39 -25.28 -9.37
N ALA D 126 -5.59 -25.58 -8.08
CA ALA D 126 -4.64 -26.41 -7.34
C ALA D 126 -4.47 -27.78 -7.98
N GLN D 127 -5.50 -28.29 -8.63
CA GLN D 127 -5.39 -29.56 -9.32
C GLN D 127 -5.04 -29.44 -10.79
N GLY D 128 -4.98 -28.23 -11.33
CA GLY D 128 -4.77 -28.06 -12.75
C GLY D 128 -5.88 -28.64 -13.61
N ILE D 129 -7.13 -28.46 -13.19
CA ILE D 129 -8.27 -28.90 -13.98
C ILE D 129 -9.28 -27.74 -14.05
N PRO D 130 -10.15 -27.75 -15.06
CA PRO D 130 -11.20 -26.72 -15.13
C PRO D 130 -12.19 -26.86 -13.97
N LEU D 131 -12.85 -25.75 -13.63
CA LEU D 131 -13.84 -25.77 -12.55
C LEU D 131 -14.90 -26.84 -12.77
N TYR D 132 -15.39 -27.01 -14.00
CA TYR D 132 -16.48 -27.98 -14.20
C TYR D 132 -16.03 -29.40 -13.93
N LYS D 133 -14.75 -29.73 -14.15
CA LYS D 133 -14.27 -31.08 -13.85
C LYS D 133 -14.13 -31.29 -12.34
N HIS D 134 -13.64 -30.26 -11.63
CA HIS D 134 -13.60 -30.31 -10.17
C HIS D 134 -15.00 -30.49 -9.58
N ILE D 135 -15.99 -29.80 -10.14
CA ILE D 135 -17.37 -29.94 -9.65
C ILE D 135 -17.90 -31.35 -9.94
N ALA D 136 -17.64 -31.86 -11.15
CA ALA D 136 -18.02 -33.25 -11.45
C ALA D 136 -17.40 -34.23 -10.45
N ASN D 137 -16.14 -33.99 -10.07
CA ASN D 137 -15.46 -34.87 -9.11
C ASN D 137 -16.16 -34.85 -7.75
N ILE D 138 -16.30 -33.67 -7.16
CA ILE D 138 -16.86 -33.58 -5.80
C ILE D 138 -18.35 -33.85 -5.74
N SER D 139 -19.05 -33.84 -6.87
CA SER D 139 -20.47 -34.17 -6.89
C SER D 139 -20.71 -35.63 -7.26
N ASN D 140 -19.65 -36.41 -7.49
CA ASN D 140 -19.75 -37.81 -7.89
C ASN D 140 -20.63 -37.97 -9.14
N ALA D 141 -20.50 -37.03 -10.07
CA ALA D 141 -21.20 -37.14 -11.35
C ALA D 141 -20.80 -38.42 -12.05
N LYS D 142 -21.75 -38.96 -12.82
CA LYS D 142 -21.52 -40.18 -13.58
C LYS D 142 -20.29 -40.02 -14.47
N LYS D 143 -19.45 -41.05 -14.47
CA LYS D 143 -18.25 -41.03 -15.31
C LYS D 143 -18.62 -41.22 -16.77
N GLY D 144 -17.93 -40.50 -17.64
CA GLY D 144 -18.18 -40.61 -19.07
C GLY D 144 -18.09 -39.28 -19.78
N LYS D 145 -18.85 -39.12 -20.86
CA LYS D 145 -18.87 -37.86 -21.57
C LYS D 145 -19.50 -36.76 -20.73
N PHE D 146 -18.97 -35.55 -20.84
CA PHE D 146 -19.66 -34.42 -20.26
C PHE D 146 -20.94 -34.15 -21.03
N VAL D 147 -21.93 -33.60 -20.32
CA VAL D 147 -23.19 -33.19 -20.92
C VAL D 147 -23.26 -31.66 -20.85
N LEU D 148 -23.40 -31.01 -22.02
CA LEU D 148 -23.62 -29.58 -22.04
C LEU D 148 -25.11 -29.29 -21.99
N PRO D 149 -25.52 -28.24 -21.29
CA PRO D 149 -26.94 -28.05 -20.99
C PRO D 149 -27.72 -27.34 -22.09
N VAL D 150 -29.02 -27.67 -22.17
CA VAL D 150 -29.96 -26.89 -22.98
C VAL D 150 -30.12 -25.51 -22.35
N PRO D 151 -29.91 -24.42 -23.10
CA PRO D 151 -30.16 -23.08 -22.56
C PRO D 151 -31.65 -22.75 -22.60
N PHE D 152 -32.26 -22.65 -21.41
CA PHE D 152 -33.67 -22.25 -21.29
C PHE D 152 -33.69 -20.73 -21.22
N GLN D 153 -34.06 -20.10 -22.34
CA GLN D 153 -33.81 -18.67 -22.59
C GLN D 153 -35.11 -17.89 -22.52
N ASN D 154 -35.19 -16.99 -21.54
CA ASN D 154 -36.31 -16.06 -21.43
C ASN D 154 -36.46 -15.28 -22.73
N VAL D 155 -37.67 -15.22 -23.26
CA VAL D 155 -37.86 -14.33 -24.40
C VAL D 155 -38.98 -13.35 -24.11
N LEU D 156 -39.93 -13.75 -23.26
CA LEU D 156 -41.12 -12.94 -23.06
C LEU D 156 -41.56 -12.99 -21.61
N ASN D 157 -41.88 -11.83 -21.06
CA ASN D 157 -42.29 -11.70 -19.66
C ASN D 157 -43.75 -11.26 -19.56
N GLY D 158 -44.44 -11.82 -18.58
CA GLY D 158 -45.76 -11.34 -18.23
C GLY D 158 -45.91 -11.21 -16.73
N GLY D 159 -47.12 -11.41 -16.23
CA GLY D 159 -47.35 -11.39 -14.79
C GLY D 159 -47.04 -10.04 -14.20
N SER D 160 -46.38 -10.05 -13.05
CA SER D 160 -46.01 -8.78 -12.43
C SER D 160 -44.85 -8.07 -13.14
N HIS D 161 -44.42 -8.51 -14.34
CA HIS D 161 -43.34 -7.88 -15.08
C HIS D 161 -43.83 -7.21 -16.36
N ALA D 162 -45.13 -7.00 -16.51
CA ALA D 162 -45.65 -6.46 -17.75
C ALA D 162 -47.04 -5.88 -17.51
N GLY D 163 -47.40 -4.89 -18.33
CA GLY D 163 -48.77 -4.47 -18.44
C GLY D 163 -49.56 -5.50 -19.22
N GLY D 164 -50.80 -5.14 -19.54
CA GLY D 164 -51.68 -6.10 -20.17
C GLY D 164 -52.07 -7.19 -19.19
N ALA D 165 -53.02 -8.04 -19.59
CA ALA D 165 -53.65 -8.97 -18.65
C ALA D 165 -52.82 -10.22 -18.37
N LEU D 166 -51.81 -10.53 -19.18
CA LEU D 166 -51.16 -11.84 -19.15
C LEU D 166 -50.63 -12.21 -17.76
N ALA D 167 -51.12 -13.32 -17.20
CA ALA D 167 -50.79 -13.69 -15.82
C ALA D 167 -49.46 -14.45 -15.72
N PHE D 168 -49.10 -15.25 -16.72
CA PHE D 168 -47.92 -16.08 -16.61
C PHE D 168 -46.65 -15.22 -16.64
N GLN D 169 -45.66 -15.58 -15.83
CA GLN D 169 -44.56 -14.65 -15.59
C GLN D 169 -43.48 -14.71 -16.68
N GLU D 170 -43.17 -15.89 -17.21
CA GLU D 170 -42.09 -15.97 -18.18
C GLU D 170 -42.32 -17.07 -19.19
N PHE D 171 -42.02 -16.76 -20.44
CA PHE D 171 -41.98 -17.74 -21.52
C PHE D 171 -40.55 -17.85 -22.01
N MET D 172 -40.05 -19.07 -22.09
CA MET D 172 -38.69 -19.35 -22.50
C MET D 172 -38.68 -20.21 -23.76
N ILE D 173 -37.62 -20.08 -24.55
CA ILE D 173 -37.37 -21.05 -25.60
C ILE D 173 -36.28 -22.00 -25.12
N ALA D 174 -36.39 -23.26 -25.56
CA ALA D 174 -35.41 -24.30 -25.28
C ALA D 174 -35.09 -25.00 -26.60
N PRO D 175 -33.93 -24.73 -27.20
CA PRO D 175 -33.59 -25.28 -28.54
C PRO D 175 -33.01 -26.69 -28.46
N THR D 176 -33.91 -27.65 -28.39
CA THR D 176 -33.57 -29.04 -28.15
C THR D 176 -33.37 -29.84 -29.43
N GLY D 177 -33.88 -29.35 -30.57
CA GLY D 177 -33.87 -30.12 -31.79
C GLY D 177 -32.59 -30.04 -32.61
N VAL D 178 -31.46 -29.80 -31.95
CA VAL D 178 -30.17 -29.69 -32.61
C VAL D 178 -29.15 -30.54 -31.87
N SER D 179 -28.00 -30.75 -32.50
CA SER D 179 -27.03 -31.71 -32.01
C SER D 179 -25.89 -31.10 -31.22
N THR D 180 -25.70 -29.77 -31.26
CA THR D 180 -24.59 -29.13 -30.58
C THR D 180 -25.07 -27.94 -29.77
N PHE D 181 -24.34 -27.64 -28.69
CA PHE D 181 -24.68 -26.49 -27.87
C PHE D 181 -24.49 -25.19 -28.67
N SER D 182 -23.44 -25.12 -29.50
CA SER D 182 -23.20 -23.99 -30.39
C SER D 182 -24.42 -23.69 -31.25
N GLU D 183 -24.93 -24.71 -31.96
CA GLU D 183 -26.12 -24.50 -32.80
C GLU D 183 -27.33 -24.09 -31.95
N ALA D 184 -27.52 -24.72 -30.78
CA ALA D 184 -28.63 -24.34 -29.91
C ALA D 184 -28.57 -22.86 -29.53
N LEU D 185 -27.37 -22.37 -29.21
CA LEU D 185 -27.24 -20.97 -28.83
C LEU D 185 -27.45 -20.06 -30.03
N ARG D 186 -26.93 -20.44 -31.22
CA ARG D 186 -27.14 -19.61 -32.41
C ARG D 186 -28.62 -19.49 -32.75
N ILE D 187 -29.32 -20.61 -32.77
CA ILE D 187 -30.75 -20.61 -33.08
C ILE D 187 -31.51 -19.81 -32.03
N GLY D 188 -31.19 -20.01 -30.75
CA GLY D 188 -31.77 -19.19 -29.71
C GLY D 188 -31.61 -17.71 -29.95
N SER D 189 -30.41 -17.28 -30.36
CA SER D 189 -30.19 -15.86 -30.62
C SER D 189 -30.98 -15.39 -31.83
N GLU D 190 -31.10 -16.25 -32.85
CA GLU D 190 -31.83 -15.86 -34.06
C GLU D 190 -33.34 -15.79 -33.78
N VAL D 191 -33.86 -16.73 -32.97
CA VAL D 191 -35.29 -16.70 -32.65
C VAL D 191 -35.60 -15.47 -31.82
N TYR D 192 -34.71 -15.13 -30.89
CA TYR D 192 -34.93 -13.98 -30.01
C TYR D 192 -34.93 -12.68 -30.79
N HIS D 193 -33.96 -12.50 -31.70
CA HIS D 193 -33.93 -11.33 -32.56
C HIS D 193 -35.15 -11.26 -33.47
N ASN D 194 -35.63 -12.40 -33.94
CA ASN D 194 -36.86 -12.39 -34.73
C ASN D 194 -38.07 -12.04 -33.86
N LEU D 195 -38.09 -12.53 -32.62
CA LEU D 195 -39.21 -12.22 -31.73
C LEU D 195 -39.24 -10.74 -31.38
N LYS D 196 -38.06 -10.14 -31.17
CA LYS D 196 -37.99 -8.72 -30.86
C LYS D 196 -38.52 -7.86 -32.00
N SER D 197 -38.23 -8.24 -33.25
CA SER D 197 -38.72 -7.42 -34.35
C SER D 197 -40.22 -7.64 -34.57
N LEU D 198 -40.71 -8.88 -34.43
CA LEU D 198 -42.16 -9.11 -34.47
C LEU D 198 -42.86 -8.33 -33.35
N THR D 199 -42.27 -8.26 -32.16
CA THR D 199 -42.87 -7.54 -31.04
C THR D 199 -42.93 -6.04 -31.30
N LYS D 200 -41.84 -5.45 -31.80
CA LYS D 200 -41.83 -4.02 -32.03
C LYS D 200 -42.84 -3.65 -33.11
N LYS D 201 -43.01 -4.51 -34.11
CA LYS D 201 -43.91 -4.25 -35.22
C LYS D 201 -45.38 -4.44 -34.83
N LYS D 202 -45.65 -5.34 -33.89
CA LYS D 202 -47.03 -5.58 -33.48
C LYS D 202 -47.44 -4.74 -32.27
N TYR D 203 -46.54 -4.47 -31.34
CA TYR D 203 -46.92 -3.78 -30.11
C TYR D 203 -46.31 -2.39 -29.95
N GLY D 204 -45.42 -1.98 -30.84
CA GLY D 204 -44.79 -0.69 -30.74
C GLY D 204 -43.30 -0.80 -30.39
N GLN D 205 -42.54 0.22 -30.81
CA GLN D 205 -41.10 0.23 -30.57
C GLN D 205 -40.76 0.04 -29.10
N SER D 206 -41.50 0.69 -28.21
CA SER D 206 -41.17 0.61 -26.79
C SER D 206 -41.33 -0.80 -26.25
N ALA D 207 -42.19 -1.62 -26.88
CA ALA D 207 -42.38 -3.01 -26.46
C ALA D 207 -41.11 -3.83 -26.63
N GLY D 208 -40.15 -3.36 -27.43
CA GLY D 208 -38.88 -4.02 -27.64
C GLY D 208 -37.82 -3.78 -26.59
N ASN D 209 -38.04 -2.85 -25.66
CA ASN D 209 -37.12 -2.65 -24.55
C ASN D 209 -37.10 -3.90 -23.66
N VAL D 210 -35.97 -4.14 -23.00
CA VAL D 210 -35.76 -5.42 -22.32
C VAL D 210 -35.88 -5.25 -20.81
N GLY D 211 -36.39 -6.30 -20.16
CA GLY D 211 -36.50 -6.35 -18.73
C GLY D 211 -35.21 -6.84 -18.08
N ASP D 212 -35.32 -7.15 -16.79
CA ASP D 212 -34.14 -7.46 -15.98
C ASP D 212 -33.36 -8.66 -16.52
N GLU D 213 -34.04 -9.64 -17.10
CA GLU D 213 -33.38 -10.85 -17.56
C GLU D 213 -33.21 -10.88 -19.07
N GLY D 214 -33.51 -9.77 -19.75
CA GLY D 214 -33.24 -9.61 -21.16
C GLY D 214 -34.43 -9.86 -22.08
N GLY D 215 -35.54 -10.38 -21.56
CA GLY D 215 -36.72 -10.60 -22.38
C GLY D 215 -37.53 -9.33 -22.62
N VAL D 216 -38.46 -9.40 -23.59
CA VAL D 216 -39.37 -8.30 -23.87
C VAL D 216 -40.65 -8.51 -23.09
N ALA D 217 -41.43 -7.45 -22.93
CA ALA D 217 -42.65 -7.47 -22.13
C ALA D 217 -43.71 -6.60 -22.77
N PRO D 218 -44.22 -7.00 -23.94
CA PRO D 218 -45.33 -6.27 -24.55
C PRO D 218 -46.63 -6.52 -23.78
N ASP D 219 -47.63 -5.69 -24.06
CA ASP D 219 -48.92 -5.79 -23.37
C ASP D 219 -49.73 -6.89 -24.03
N ILE D 220 -49.60 -8.10 -23.49
CA ILE D 220 -50.26 -9.29 -24.02
C ILE D 220 -51.43 -9.65 -23.13
N LYS D 221 -52.49 -10.20 -23.74
CA LYS D 221 -53.74 -10.47 -23.04
C LYS D 221 -53.79 -11.90 -22.50
N THR D 222 -53.47 -12.89 -23.32
CA THR D 222 -53.66 -14.30 -22.99
C THR D 222 -52.39 -15.12 -23.20
N PRO D 223 -52.29 -16.28 -22.52
CA PRO D 223 -51.16 -17.18 -22.82
C PRO D 223 -51.10 -17.63 -24.27
N LYS D 224 -52.25 -17.82 -24.92
CA LYS D 224 -52.25 -18.26 -26.32
C LYS D 224 -51.64 -17.21 -27.23
N GLU D 225 -51.92 -15.92 -26.96
CA GLU D 225 -51.32 -14.83 -27.73
C GLU D 225 -49.79 -14.80 -27.54
N ALA D 226 -49.31 -15.05 -26.33
CA ALA D 226 -47.86 -15.13 -26.12
C ALA D 226 -47.27 -16.30 -26.89
N LEU D 227 -47.86 -17.49 -26.75
CA LEU D 227 -47.31 -18.69 -27.38
C LEU D 227 -47.38 -18.59 -28.89
N ASP D 228 -48.45 -18.02 -29.43
CA ASP D 228 -48.53 -17.80 -30.87
C ASP D 228 -47.43 -16.87 -31.36
N LEU D 229 -47.14 -15.80 -30.61
CA LEU D 229 -46.07 -14.90 -31.02
C LEU D 229 -44.73 -15.63 -31.04
N ILE D 230 -44.47 -16.46 -30.03
CA ILE D 230 -43.22 -17.23 -29.98
C ILE D 230 -43.16 -18.22 -31.13
N MET D 231 -44.26 -18.95 -31.37
CA MET D 231 -44.30 -19.89 -32.50
C MET D 231 -44.01 -19.18 -33.82
N ASP D 232 -44.52 -17.96 -34.00
CA ASP D 232 -44.25 -17.23 -35.23
C ASP D 232 -42.78 -16.87 -35.34
N ALA D 233 -42.16 -16.48 -34.21
CA ALA D 233 -40.74 -16.14 -34.25
C ALA D 233 -39.89 -17.35 -34.60
N ILE D 234 -40.22 -18.52 -34.03
CA ILE D 234 -39.48 -19.75 -34.36
C ILE D 234 -39.61 -20.05 -35.84
N ASP D 235 -40.84 -19.95 -36.36
CA ASP D 235 -41.07 -20.19 -37.79
C ASP D 235 -40.29 -19.19 -38.66
N LYS D 236 -40.46 -17.89 -38.41
CA LYS D 236 -39.84 -16.88 -39.28
C LYS D 236 -38.33 -16.93 -39.22
N ALA D 237 -37.76 -17.33 -38.09
CA ALA D 237 -36.33 -17.54 -38.03
C ALA D 237 -35.89 -18.75 -38.86
N GLY D 238 -36.80 -19.68 -39.12
CA GLY D 238 -36.48 -20.85 -39.92
C GLY D 238 -36.27 -22.14 -39.17
N TYR D 239 -36.74 -22.26 -37.93
CA TYR D 239 -36.41 -23.43 -37.12
C TYR D 239 -37.68 -24.08 -36.56
N LYS D 240 -38.75 -24.05 -37.35
CA LYS D 240 -40.00 -24.72 -36.98
C LYS D 240 -39.75 -26.18 -36.65
N GLY D 241 -40.31 -26.62 -35.51
CA GLY D 241 -40.16 -28.00 -35.06
C GLY D 241 -38.87 -28.32 -34.34
N LYS D 242 -37.98 -27.35 -34.15
CA LYS D 242 -36.70 -27.62 -33.51
C LYS D 242 -36.53 -26.91 -32.18
N VAL D 243 -37.52 -26.15 -31.73
CA VAL D 243 -37.38 -25.29 -30.58
C VAL D 243 -38.53 -25.58 -29.63
N GLY D 244 -38.19 -26.08 -28.43
CA GLY D 244 -39.20 -26.27 -27.41
C GLY D 244 -39.54 -24.96 -26.72
N ILE D 245 -40.64 -25.00 -25.95
CA ILE D 245 -41.07 -23.85 -25.18
C ILE D 245 -41.20 -24.28 -23.73
N ALA D 246 -40.70 -23.44 -22.82
CA ALA D 246 -40.89 -23.65 -21.40
C ALA D 246 -41.65 -22.46 -20.84
N MET D 247 -42.36 -22.70 -19.73
CA MET D 247 -43.08 -21.65 -19.03
C MET D 247 -42.68 -21.64 -17.56
N ASP D 248 -42.51 -20.44 -17.00
CA ASP D 248 -42.49 -20.24 -15.56
C ASP D 248 -43.75 -19.47 -15.20
N VAL D 249 -44.75 -20.17 -14.65
CA VAL D 249 -46.03 -19.53 -14.42
C VAL D 249 -45.95 -18.56 -13.25
N ALA D 250 -45.21 -18.92 -12.20
CA ALA D 250 -45.19 -18.19 -10.92
C ALA D 250 -46.59 -18.04 -10.35
N SER D 251 -47.29 -19.17 -10.23
CA SER D 251 -48.74 -19.09 -10.00
C SER D 251 -49.09 -18.60 -8.60
N SER D 252 -48.17 -18.65 -7.64
CA SER D 252 -48.48 -18.10 -6.32
C SER D 252 -48.85 -16.62 -6.41
N GLU D 253 -48.37 -15.92 -7.45
CA GLU D 253 -48.69 -14.50 -7.62
C GLU D 253 -50.17 -14.26 -7.86
N PHE D 254 -50.92 -15.26 -8.31
CA PHE D 254 -52.34 -15.02 -8.54
C PHE D 254 -53.21 -16.09 -7.86
N TYR D 255 -52.69 -16.69 -6.80
CA TYR D 255 -53.43 -17.66 -6.00
C TYR D 255 -54.22 -16.92 -4.92
N LYS D 256 -55.56 -16.97 -5.01
CA LYS D 256 -56.41 -16.23 -4.09
C LYS D 256 -57.61 -17.07 -3.72
N ASP D 257 -57.85 -17.25 -2.41
CA ASP D 257 -59.01 -18.01 -1.91
C ASP D 257 -59.03 -19.44 -2.47
N GLY D 258 -57.86 -20.04 -2.66
CA GLY D 258 -57.78 -21.37 -3.22
C GLY D 258 -58.09 -21.47 -4.69
N LYS D 259 -58.23 -20.35 -5.38
CA LYS D 259 -58.46 -20.28 -6.83
C LYS D 259 -57.36 -19.48 -7.47
N TYR D 260 -57.37 -19.43 -8.81
CA TYR D 260 -56.28 -18.86 -9.60
C TYR D 260 -56.86 -17.76 -10.50
N ASP D 261 -56.45 -16.52 -10.24
CA ASP D 261 -57.02 -15.34 -10.91
C ASP D 261 -56.13 -15.02 -12.11
N LEU D 262 -56.51 -15.53 -13.28
CA LEU D 262 -55.69 -15.28 -14.46
C LEU D 262 -55.83 -13.85 -14.97
N ASP D 263 -56.67 -13.04 -14.35
CA ASP D 263 -56.78 -11.62 -14.62
C ASP D 263 -56.40 -10.81 -13.37
N PHE D 264 -55.36 -11.24 -12.67
CA PHE D 264 -55.07 -10.65 -11.36
C PHE D 264 -54.57 -9.22 -11.43
N LYS D 265 -54.13 -8.77 -12.60
CA LYS D 265 -53.74 -7.37 -12.73
C LYS D 265 -54.93 -6.48 -12.99
N ASN D 266 -56.12 -7.06 -13.12
CA ASN D 266 -57.35 -6.30 -13.23
C ASN D 266 -57.92 -6.13 -11.83
N PRO D 267 -58.06 -4.91 -11.32
CA PRO D 267 -58.61 -4.74 -9.96
C PRO D 267 -60.07 -5.15 -9.85
N GLU D 268 -60.82 -5.10 -10.96
CA GLU D 268 -62.20 -5.56 -11.01
C GLU D 268 -62.31 -6.96 -11.63
N SER D 269 -61.30 -7.80 -11.41
CA SER D 269 -61.32 -9.18 -11.92
C SER D 269 -62.50 -9.93 -11.35
N ASP D 270 -63.26 -10.59 -12.22
CA ASP D 270 -64.48 -11.27 -11.80
C ASP D 270 -64.15 -12.53 -11.01
N PRO D 271 -64.40 -12.58 -9.70
CA PRO D 271 -64.02 -13.77 -8.92
C PRO D 271 -64.72 -15.03 -9.39
N SER D 272 -65.90 -14.93 -10.00
CA SER D 272 -66.57 -16.11 -10.54
C SER D 272 -65.82 -16.71 -11.72
N LYS D 273 -64.86 -15.98 -12.30
CA LYS D 273 -64.08 -16.50 -13.42
C LYS D 273 -62.71 -17.03 -12.99
N TRP D 274 -62.34 -16.92 -11.72
CA TRP D 274 -61.08 -17.49 -11.27
C TRP D 274 -61.13 -19.00 -11.39
N LEU D 275 -60.02 -19.60 -11.78
CA LEU D 275 -59.99 -21.02 -12.11
C LEU D 275 -59.73 -21.87 -10.87
N SER D 276 -60.48 -22.97 -10.77
CA SER D 276 -60.13 -24.05 -9.86
C SER D 276 -58.78 -24.65 -10.24
N GLY D 277 -58.12 -25.26 -9.26
CA GLY D 277 -56.96 -26.08 -9.54
C GLY D 277 -57.17 -27.00 -10.74
N PRO D 278 -58.27 -27.77 -10.73
CA PRO D 278 -58.56 -28.61 -11.91
C PRO D 278 -58.73 -27.82 -13.21
N GLN D 279 -59.36 -26.64 -13.18
CA GLN D 279 -59.53 -25.91 -14.44
C GLN D 279 -58.18 -25.37 -14.95
N LEU D 280 -57.30 -24.98 -14.04
CA LEU D 280 -55.96 -24.55 -14.48
C LEU D 280 -55.18 -25.71 -15.09
N ALA D 281 -55.33 -26.91 -14.51
CA ALA D 281 -54.71 -28.11 -15.07
C ALA D 281 -55.26 -28.41 -16.46
N ASP D 282 -56.58 -28.28 -16.66
CA ASP D 282 -57.18 -28.41 -17.99
C ASP D 282 -56.52 -27.44 -18.98
N LEU D 283 -56.30 -26.20 -18.55
CA LEU D 283 -55.70 -25.20 -19.42
C LEU D 283 -54.29 -25.59 -19.81
N TYR D 284 -53.49 -25.99 -18.82
CA TYR D 284 -52.14 -26.48 -19.10
C TYR D 284 -52.18 -27.65 -20.08
N GLU D 285 -53.08 -28.61 -19.86
CA GLU D 285 -53.15 -29.76 -20.74
C GLU D 285 -53.46 -29.34 -22.18
N GLN D 286 -54.35 -28.36 -22.36
CA GLN D 286 -54.66 -27.90 -23.72
C GLN D 286 -53.47 -27.19 -24.35
N LEU D 287 -52.81 -26.30 -23.60
CA LEU D 287 -51.60 -25.66 -24.14
C LEU D 287 -50.54 -26.69 -24.50
N ILE D 288 -50.30 -27.68 -23.63
CA ILE D 288 -49.33 -28.74 -23.94
C ILE D 288 -49.71 -29.47 -25.22
N SER D 289 -51.01 -29.69 -25.43
CA SER D 289 -51.44 -30.39 -26.65
C SER D 289 -51.30 -29.52 -27.90
N GLU D 290 -51.44 -28.20 -27.76
CA GLU D 290 -51.42 -27.29 -28.90
C GLU D 290 -50.04 -26.68 -29.20
N TYR D 291 -49.08 -26.80 -28.30
CA TYR D 291 -47.79 -26.16 -28.48
C TYR D 291 -46.67 -27.09 -28.02
N PRO D 292 -45.45 -26.93 -28.56
CA PRO D 292 -44.32 -27.75 -28.11
C PRO D 292 -43.80 -27.35 -26.72
N ILE D 293 -44.66 -27.36 -25.71
CA ILE D 293 -44.27 -27.02 -24.36
C ILE D 293 -43.57 -28.23 -23.75
N VAL D 294 -42.34 -28.04 -23.26
CA VAL D 294 -41.54 -29.14 -22.74
C VAL D 294 -41.34 -29.05 -21.22
N SER D 295 -41.66 -27.92 -20.60
CA SER D 295 -41.37 -27.71 -19.20
C SER D 295 -42.27 -26.61 -18.67
N ILE D 296 -42.79 -26.80 -17.45
CA ILE D 296 -43.58 -25.77 -16.80
C ILE D 296 -43.09 -25.62 -15.38
N GLU D 297 -42.79 -24.39 -14.98
CA GLU D 297 -42.28 -24.08 -13.66
C GLU D 297 -43.38 -23.41 -12.84
N ASP D 298 -43.48 -23.83 -11.57
CA ASP D 298 -44.47 -23.35 -10.63
C ASP D 298 -45.89 -23.28 -11.22
N PRO D 299 -46.40 -24.39 -11.77
CA PRO D 299 -47.76 -24.36 -12.32
C PRO D 299 -48.85 -24.11 -11.29
N PHE D 300 -48.63 -24.51 -10.03
CA PHE D 300 -49.58 -24.31 -8.94
C PHE D 300 -48.84 -23.68 -7.78
N ALA D 301 -49.60 -23.19 -6.80
CA ALA D 301 -49.06 -22.31 -5.78
C ALA D 301 -48.10 -23.05 -4.86
N GLU D 302 -47.23 -22.27 -4.19
CA GLU D 302 -46.10 -22.80 -3.44
C GLU D 302 -46.50 -23.77 -2.33
N ASP D 303 -47.73 -23.67 -1.80
CA ASP D 303 -48.18 -24.61 -0.78
C ASP D 303 -49.50 -25.28 -1.15
N ASP D 304 -49.85 -25.28 -2.44
CA ASP D 304 -51.07 -25.95 -2.90
C ASP D 304 -50.72 -27.37 -3.37
N TRP D 305 -50.35 -28.20 -2.39
CA TRP D 305 -49.68 -29.45 -2.70
C TRP D 305 -50.57 -30.40 -3.52
N ASP D 306 -51.83 -30.54 -3.11
CA ASP D 306 -52.71 -31.48 -3.79
C ASP D 306 -52.81 -31.17 -5.28
N ALA D 307 -52.87 -29.88 -5.64
CA ALA D 307 -52.96 -29.50 -7.04
C ALA D 307 -51.74 -29.97 -7.82
N TRP D 308 -50.53 -29.77 -7.25
CA TRP D 308 -49.32 -30.29 -7.89
C TRP D 308 -49.42 -31.80 -8.08
N VAL D 309 -49.75 -32.53 -7.01
CA VAL D 309 -49.75 -33.99 -7.06
C VAL D 309 -50.75 -34.49 -8.10
N HIS D 310 -51.93 -33.87 -8.17
CA HIS D 310 -52.91 -34.25 -9.18
C HIS D 310 -52.39 -33.97 -10.58
N PHE D 311 -51.74 -32.81 -10.76
CA PHE D 311 -51.22 -32.42 -12.07
C PHE D 311 -50.08 -33.31 -12.53
N PHE D 312 -49.18 -33.69 -11.61
CA PHE D 312 -48.11 -34.61 -11.97
C PHE D 312 -48.68 -35.96 -12.41
N GLU D 313 -49.74 -36.43 -11.76
CA GLU D 313 -50.41 -37.64 -12.20
C GLU D 313 -50.91 -37.51 -13.63
N ARG D 314 -51.43 -36.32 -13.99
CA ARG D 314 -51.99 -36.12 -15.32
C ARG D 314 -50.91 -36.07 -16.39
N VAL D 315 -49.90 -35.22 -16.23
CA VAL D 315 -49.02 -34.90 -17.34
C VAL D 315 -47.55 -35.11 -17.00
N GLY D 316 -47.26 -35.65 -15.81
CA GLY D 316 -45.88 -35.78 -15.37
C GLY D 316 -45.03 -36.65 -16.28
N ASP D 317 -45.66 -37.54 -17.05
CA ASP D 317 -44.97 -38.41 -17.99
C ASP D 317 -44.70 -37.76 -19.34
N LYS D 318 -45.27 -36.58 -19.59
CA LYS D 318 -45.18 -35.92 -20.89
C LYS D 318 -44.40 -34.60 -20.87
N ILE D 319 -44.25 -33.96 -19.72
CA ILE D 319 -43.50 -32.71 -19.63
C ILE D 319 -42.68 -32.73 -18.35
N GLN D 320 -41.73 -31.81 -18.29
CA GLN D 320 -41.06 -31.50 -17.04
C GLN D 320 -41.92 -30.54 -16.23
N ILE D 321 -42.05 -30.82 -14.93
CA ILE D 321 -42.75 -29.97 -13.98
C ILE D 321 -41.72 -29.54 -12.95
N VAL D 322 -41.45 -28.24 -12.87
CA VAL D 322 -40.31 -27.69 -12.13
C VAL D 322 -40.82 -26.94 -10.90
N GLY D 323 -40.24 -27.25 -9.74
CA GLY D 323 -40.47 -26.47 -8.54
C GLY D 323 -39.48 -25.32 -8.43
N ASP D 324 -40.00 -24.16 -8.01
CA ASP D 324 -39.14 -23.02 -7.70
C ASP D 324 -39.59 -22.44 -6.35
N ASP D 325 -40.68 -21.66 -6.36
CA ASP D 325 -41.32 -21.26 -5.10
C ASP D 325 -41.72 -22.48 -4.28
N LEU D 326 -42.04 -23.59 -4.95
CA LEU D 326 -42.45 -24.79 -4.24
C LEU D 326 -41.32 -25.34 -3.39
N THR D 327 -40.09 -25.34 -3.91
CA THR D 327 -38.97 -26.08 -3.33
C THR D 327 -37.89 -25.20 -2.69
N VAL D 328 -37.63 -24.01 -3.24
CA VAL D 328 -36.74 -22.98 -2.69
C VAL D 328 -35.33 -23.52 -2.39
N THR D 329 -34.84 -24.46 -3.23
CA THR D 329 -33.55 -25.12 -3.00
C THR D 329 -33.43 -25.55 -1.54
N ASN D 330 -34.52 -26.02 -0.95
CA ASN D 330 -34.60 -26.28 0.48
C ASN D 330 -34.71 -27.77 0.73
N PRO D 331 -33.80 -28.37 1.51
CA PRO D 331 -33.80 -29.84 1.63
C PRO D 331 -35.11 -30.40 2.14
N THR D 332 -35.76 -29.73 3.08
CA THR D 332 -37.00 -30.27 3.64
C THR D 332 -38.16 -30.18 2.64
N ARG D 333 -38.27 -29.05 1.94
CA ARG D 333 -39.33 -28.91 0.94
C ARG D 333 -39.08 -29.84 -0.23
N ILE D 334 -37.80 -30.04 -0.58
CA ILE D 334 -37.46 -30.97 -1.66
C ILE D 334 -37.88 -32.39 -1.29
N LYS D 335 -37.56 -32.82 -0.06
CA LYS D 335 -37.98 -34.14 0.43
C LYS D 335 -39.50 -34.28 0.38
N THR D 336 -40.23 -33.27 0.85
CA THR D 336 -41.69 -33.34 0.84
C THR D 336 -42.22 -33.48 -0.58
N ALA D 337 -41.64 -32.73 -1.53
CA ALA D 337 -42.15 -32.76 -2.90
C ALA D 337 -41.88 -34.09 -3.57
N ILE D 338 -40.70 -34.67 -3.32
CA ILE D 338 -40.40 -36.01 -3.82
C ILE D 338 -41.38 -37.03 -3.24
N GLU D 339 -41.61 -36.99 -1.92
CA GLU D 339 -42.45 -38.00 -1.28
C GLU D 339 -43.90 -37.88 -1.73
N LYS D 340 -44.38 -36.65 -1.92
CA LYS D 340 -45.75 -36.42 -2.37
C LYS D 340 -45.95 -36.75 -3.84
N LYS D 341 -44.86 -36.87 -4.61
CA LYS D 341 -44.91 -36.97 -6.07
C LYS D 341 -45.52 -35.70 -6.68
N ALA D 342 -44.96 -34.56 -6.30
CA ALA D 342 -45.50 -33.27 -6.73
C ALA D 342 -44.92 -32.77 -8.05
N ALA D 343 -43.74 -33.22 -8.45
CA ALA D 343 -43.05 -32.67 -9.62
C ALA D 343 -41.95 -33.65 -10.03
N ASN D 344 -41.18 -33.29 -11.08
CA ASN D 344 -40.07 -34.16 -11.47
C ASN D 344 -38.79 -33.39 -11.78
N ALA D 345 -38.70 -32.13 -11.36
CA ALA D 345 -37.49 -31.34 -11.54
C ALA D 345 -37.55 -30.16 -10.57
N LEU D 346 -36.40 -29.55 -10.33
CA LEU D 346 -36.40 -28.34 -9.53
C LEU D 346 -35.29 -27.40 -9.99
N LEU D 347 -35.45 -26.13 -9.63
CA LEU D 347 -34.43 -25.11 -9.88
C LEU D 347 -33.38 -25.20 -8.79
N LEU D 348 -32.12 -25.05 -9.18
CA LEU D 348 -31.01 -25.00 -8.22
C LEU D 348 -30.52 -23.56 -8.20
N LYS D 349 -30.76 -22.86 -7.10
CA LYS D 349 -30.27 -21.50 -6.86
C LYS D 349 -29.27 -21.58 -5.71
N VAL D 350 -27.97 -21.54 -6.02
CA VAL D 350 -26.95 -21.78 -5.00
C VAL D 350 -27.08 -20.79 -3.85
N ASN D 351 -27.41 -19.53 -4.15
CA ASN D 351 -27.47 -18.55 -3.07
C ASN D 351 -28.74 -18.67 -2.23
N GLN D 352 -29.71 -19.50 -2.65
CA GLN D 352 -30.85 -19.79 -1.79
C GLN D 352 -30.46 -20.68 -0.63
N ILE D 353 -29.46 -21.55 -0.81
CA ILE D 353 -29.05 -22.46 0.26
C ILE D 353 -27.75 -22.01 0.92
N GLY D 354 -26.77 -21.52 0.15
CA GLY D 354 -25.69 -20.73 0.71
C GLY D 354 -24.29 -21.34 0.68
N THR D 355 -24.12 -22.61 0.32
CA THR D 355 -22.79 -23.19 0.09
C THR D 355 -22.83 -24.12 -1.10
N LEU D 356 -21.67 -24.33 -1.70
CA LEU D 356 -21.56 -25.27 -2.82
C LEU D 356 -21.87 -26.71 -2.40
N THR D 357 -21.43 -27.11 -1.19
CA THR D 357 -21.67 -28.48 -0.75
C THR D 357 -23.16 -28.74 -0.54
N GLU D 358 -23.86 -27.80 0.10
CA GLU D 358 -25.30 -27.97 0.28
C GLU D 358 -26.02 -27.95 -1.05
N SER D 359 -25.59 -27.08 -1.98
CA SER D 359 -26.18 -27.05 -3.32
C SER D 359 -26.00 -28.38 -4.02
N ILE D 360 -24.77 -28.92 -3.98
CA ILE D 360 -24.52 -30.20 -4.65
C ILE D 360 -25.36 -31.31 -4.01
N GLN D 361 -25.54 -31.25 -2.70
CA GLN D 361 -26.35 -32.28 -2.05
C GLN D 361 -27.81 -32.22 -2.48
N ALA D 362 -28.34 -31.00 -2.66
CA ALA D 362 -29.72 -30.86 -3.12
C ALA D 362 -29.88 -31.39 -4.55
N ALA D 363 -28.93 -31.08 -5.42
CA ALA D 363 -28.97 -31.62 -6.78
C ALA D 363 -28.92 -33.14 -6.75
N ASN D 364 -28.04 -33.71 -5.93
CA ASN D 364 -27.90 -35.16 -5.88
C ASN D 364 -29.12 -35.83 -5.26
N ASP D 365 -29.72 -35.21 -4.23
CA ASP D 365 -30.99 -35.72 -3.70
C ASP D 365 -32.05 -35.75 -4.78
N SER D 366 -32.07 -34.75 -5.65
CA SER D 366 -33.03 -34.73 -6.75
C SER D 366 -32.70 -35.82 -7.77
N TYR D 367 -31.41 -35.96 -8.12
CA TYR D 367 -30.99 -37.00 -9.05
C TYR D 367 -31.35 -38.38 -8.54
N ALA D 368 -31.13 -38.61 -7.23
CA ALA D 368 -31.43 -39.92 -6.66
C ALA D 368 -32.91 -40.27 -6.78
N ALA D 369 -33.77 -39.26 -6.76
CA ALA D 369 -35.20 -39.46 -6.94
C ALA D 369 -35.60 -39.56 -8.41
N GLY D 370 -34.66 -39.40 -9.34
CA GLY D 370 -35.01 -39.37 -10.73
C GLY D 370 -35.56 -38.05 -11.22
N TRP D 371 -35.34 -36.97 -10.47
CA TRP D 371 -35.76 -35.64 -10.85
C TRP D 371 -34.67 -34.96 -11.68
N GLY D 372 -35.12 -34.04 -12.54
CA GLY D 372 -34.20 -33.14 -13.20
C GLY D 372 -33.77 -32.00 -12.29
N VAL D 373 -32.65 -31.39 -12.65
CA VAL D 373 -32.12 -30.21 -11.97
C VAL D 373 -31.87 -29.14 -13.04
N MET D 374 -32.50 -27.97 -12.88
CA MET D 374 -32.25 -26.85 -13.78
C MET D 374 -31.45 -25.81 -13.01
N VAL D 375 -30.15 -25.69 -13.32
CA VAL D 375 -29.33 -24.67 -12.67
C VAL D 375 -29.82 -23.29 -13.11
N SER D 376 -29.99 -22.39 -12.15
CA SER D 376 -30.72 -21.16 -12.44
C SER D 376 -29.98 -19.91 -11.94
N HIS D 377 -30.05 -18.84 -12.74
CA HIS D 377 -29.64 -17.50 -12.35
C HIS D 377 -30.62 -16.89 -11.34
N ARG D 378 -30.27 -15.72 -10.82
CA ARG D 378 -31.21 -14.84 -10.12
C ARG D 378 -31.49 -13.60 -10.98
N SER D 379 -32.49 -12.81 -10.57
CA SER D 379 -32.80 -11.59 -11.32
C SER D 379 -31.68 -10.56 -11.22
N GLY D 380 -31.07 -10.43 -10.04
CA GLY D 380 -29.84 -9.66 -9.91
C GLY D 380 -28.60 -10.50 -10.13
N GLU D 381 -28.08 -10.54 -11.35
CA GLU D 381 -26.90 -11.33 -11.67
C GLU D 381 -25.65 -10.45 -11.80
N THR D 382 -24.50 -11.09 -12.07
CA THR D 382 -23.24 -10.39 -12.22
C THR D 382 -22.48 -10.98 -13.39
N GLU D 383 -21.28 -10.45 -13.61
CA GLU D 383 -20.33 -10.97 -14.59
C GLU D 383 -19.71 -12.31 -14.19
N ASP D 384 -20.05 -12.80 -13.00
CA ASP D 384 -19.54 -14.09 -12.54
C ASP D 384 -20.12 -15.22 -13.39
N THR D 385 -19.30 -16.22 -13.71
CA THR D 385 -19.79 -17.29 -14.58
C THR D 385 -19.89 -18.65 -13.87
N PHE D 386 -19.88 -18.68 -12.53
CA PHE D 386 -19.82 -19.96 -11.80
C PHE D 386 -20.92 -20.94 -12.23
N ILE D 387 -22.17 -20.48 -12.38
CA ILE D 387 -23.24 -21.45 -12.65
C ILE D 387 -23.09 -22.12 -14.00
N ALA D 388 -22.33 -21.53 -14.94
CA ALA D 388 -22.06 -22.25 -16.19
C ALA D 388 -21.27 -23.52 -15.92
N ASP D 389 -20.17 -23.41 -15.16
CA ASP D 389 -19.41 -24.61 -14.84
C ASP D 389 -20.20 -25.53 -13.92
N LEU D 390 -21.04 -24.97 -13.04
CA LEU D 390 -21.85 -25.80 -12.18
C LEU D 390 -22.81 -26.67 -12.99
N SER D 391 -23.49 -26.08 -13.99
CA SER D 391 -24.42 -26.89 -14.79
C SER D 391 -23.71 -27.99 -15.56
N VAL D 392 -22.51 -27.71 -16.07
CA VAL D 392 -21.75 -28.75 -16.77
C VAL D 392 -21.27 -29.81 -15.78
N GLY D 393 -20.60 -29.38 -14.70
CA GLY D 393 -20.06 -30.34 -13.76
C GLY D 393 -21.11 -31.23 -13.12
N LEU D 394 -22.29 -30.69 -12.86
CA LEU D 394 -23.36 -31.53 -12.29
C LEU D 394 -24.08 -32.38 -13.33
N ARG D 395 -23.74 -32.25 -14.62
CA ARG D 395 -24.37 -33.05 -15.67
C ARG D 395 -25.86 -32.78 -15.73
N SER D 396 -26.26 -31.55 -15.41
CA SER D 396 -27.67 -31.19 -15.30
C SER D 396 -28.42 -31.27 -16.63
N GLY D 397 -27.73 -30.97 -17.73
CA GLY D 397 -28.39 -30.91 -19.02
C GLY D 397 -29.33 -29.74 -19.21
N GLN D 398 -29.42 -28.83 -18.22
CA GLN D 398 -30.35 -27.71 -18.28
C GLN D 398 -29.81 -26.55 -17.49
N ILE D 399 -29.87 -25.35 -18.08
CA ILE D 399 -29.50 -24.12 -17.40
C ILE D 399 -30.51 -23.03 -17.78
N LYS D 400 -30.92 -22.26 -16.78
CA LYS D 400 -31.78 -21.10 -16.95
C LYS D 400 -30.93 -19.89 -16.59
N THR D 401 -30.45 -19.15 -17.59
CA THR D 401 -29.61 -18.02 -17.26
C THR D 401 -29.90 -16.79 -18.12
N GLY D 402 -31.12 -16.67 -18.65
CA GLY D 402 -31.61 -15.44 -19.23
C GLY D 402 -31.84 -15.55 -20.74
N ALA D 403 -32.39 -14.44 -21.29
CA ALA D 403 -32.40 -14.21 -22.72
C ALA D 403 -30.97 -14.13 -23.26
N PRO D 404 -30.79 -14.29 -24.58
CA PRO D 404 -29.46 -14.01 -25.16
C PRO D 404 -29.22 -12.51 -25.35
N ALA D 405 -29.33 -11.77 -24.24
CA ALA D 405 -29.09 -10.32 -24.19
C ALA D 405 -28.74 -9.97 -22.75
N ARG D 406 -27.90 -8.94 -22.61
CA ARG D 406 -27.30 -8.50 -21.34
C ARG D 406 -26.21 -9.44 -20.87
N SER D 407 -25.02 -8.90 -20.60
CA SER D 407 -23.87 -9.78 -20.43
C SER D 407 -23.88 -10.53 -19.10
N GLU D 408 -24.60 -10.08 -18.07
CA GLU D 408 -24.75 -10.97 -16.93
C GLU D 408 -25.47 -12.26 -17.32
N ARG D 409 -26.21 -12.27 -18.44
CA ARG D 409 -26.77 -13.52 -18.95
C ARG D 409 -25.81 -14.20 -19.92
N LEU D 410 -25.33 -13.47 -20.93
CA LEU D 410 -24.48 -14.10 -21.94
C LEU D 410 -23.14 -14.54 -21.39
N ALA D 411 -22.59 -13.85 -20.37
CA ALA D 411 -21.32 -14.30 -19.77
C ALA D 411 -21.37 -15.80 -19.47
N LYS D 412 -22.50 -16.28 -18.93
CA LYS D 412 -22.65 -17.70 -18.62
C LYS D 412 -22.65 -18.52 -19.91
N LEU D 413 -23.43 -18.10 -20.90
CA LEU D 413 -23.52 -18.90 -22.11
C LEU D 413 -22.21 -18.87 -22.89
N ASN D 414 -21.48 -17.74 -22.83
CA ASN D 414 -20.17 -17.66 -23.48
C ASN D 414 -19.19 -18.64 -22.84
N GLN D 415 -19.25 -18.77 -21.50
CA GLN D 415 -18.41 -19.72 -20.80
C GLN D 415 -18.70 -21.15 -21.24
N ILE D 416 -19.98 -21.48 -21.43
CA ILE D 416 -20.31 -22.82 -21.92
C ILE D 416 -19.75 -23.04 -23.32
N LEU D 417 -19.73 -21.98 -24.15
CA LEU D 417 -19.10 -22.08 -25.47
C LEU D 417 -17.61 -22.41 -25.35
N ARG D 418 -16.90 -21.76 -24.41
CA ARG D 418 -15.49 -22.07 -24.20
C ARG D 418 -15.33 -23.50 -23.69
N ILE D 419 -16.21 -23.95 -22.81
CA ILE D 419 -16.17 -25.33 -22.32
C ILE D 419 -16.39 -26.32 -23.47
N GLU D 420 -17.38 -26.03 -24.31
CA GLU D 420 -17.68 -26.90 -25.44
C GLU D 420 -16.47 -27.05 -26.35
N GLU D 421 -15.77 -25.94 -26.62
CA GLU D 421 -14.63 -26.01 -27.51
C GLU D 421 -13.50 -26.80 -26.88
N GLU D 422 -13.25 -26.56 -25.59
CA GLU D 422 -12.20 -27.26 -24.85
C GLU D 422 -12.44 -28.77 -24.84
N LEU D 423 -13.69 -29.20 -24.70
CA LEU D 423 -13.98 -30.63 -24.57
C LEU D 423 -14.06 -31.36 -25.91
N GLY D 424 -14.46 -30.68 -26.98
CA GLY D 424 -14.59 -31.37 -28.25
C GLY D 424 -15.51 -32.59 -28.14
N SER D 425 -15.05 -33.71 -28.71
CA SER D 425 -15.86 -34.93 -28.75
C SER D 425 -16.06 -35.58 -27.39
N GLU D 426 -15.50 -35.04 -26.31
CA GLU D 426 -15.76 -35.57 -24.99
C GLU D 426 -17.01 -34.99 -24.33
N ALA D 427 -17.75 -34.15 -25.06
CA ALA D 427 -18.99 -33.59 -24.56
C ALA D 427 -20.13 -33.95 -25.49
N ILE D 428 -21.32 -34.10 -24.91
CA ILE D 428 -22.55 -34.28 -25.67
C ILE D 428 -23.53 -33.21 -25.25
N TYR D 429 -24.35 -32.76 -26.19
CA TYR D 429 -25.40 -31.78 -25.92
C TYR D 429 -26.65 -32.53 -25.46
N ALA D 430 -27.24 -32.09 -24.33
CA ALA D 430 -28.36 -32.81 -23.76
C ALA D 430 -29.54 -32.90 -24.73
N GLY D 431 -29.80 -31.83 -25.48
CA GLY D 431 -30.85 -31.89 -26.49
C GLY D 431 -32.18 -32.27 -25.89
N LYS D 432 -32.87 -33.21 -26.53
CA LYS D 432 -34.19 -33.63 -26.06
C LYS D 432 -34.12 -34.44 -24.77
N ASP D 433 -32.93 -34.91 -24.36
CA ASP D 433 -32.76 -35.70 -23.14
C ASP D 433 -32.43 -34.84 -21.91
N PHE D 434 -32.89 -33.59 -21.85
CA PHE D 434 -32.45 -32.72 -20.76
C PHE D 434 -32.98 -33.17 -19.39
N GLN D 435 -34.17 -33.79 -19.34
CA GLN D 435 -34.79 -34.12 -18.05
C GLN D 435 -33.93 -35.10 -17.26
N LYS D 436 -33.40 -36.11 -17.93
CA LYS D 436 -32.65 -37.19 -17.30
C LYS D 436 -31.17 -37.12 -17.65
N ALA D 437 -30.68 -35.91 -17.95
CA ALA D 437 -29.35 -35.76 -18.54
C ALA D 437 -28.24 -36.29 -17.64
N SER D 438 -28.40 -36.22 -16.31
CA SER D 438 -27.33 -36.70 -15.44
C SER D 438 -27.07 -38.20 -15.61
N GLN D 439 -28.00 -38.93 -16.21
CA GLN D 439 -27.84 -40.36 -16.41
C GLN D 439 -27.57 -40.74 -17.87
N LEU D 440 -27.32 -39.76 -18.75
CA LEU D 440 -27.05 -40.04 -20.16
C LEU D 440 -25.81 -40.89 -20.36
#